data_6KXT
# 
_entry.id   6KXT 
# 
_audit_conform.dict_name       mmcif_pdbx.dic 
_audit_conform.dict_version    5.387 
_audit_conform.dict_location   http://mmcif.pdb.org/dictionaries/ascii/mmcif_pdbx.dic 
# 
loop_
_database_2.database_id 
_database_2.database_code 
_database_2.pdbx_database_accession 
_database_2.pdbx_DOI 
PDB   6KXT         pdb_00006kxt 10.2210/pdb6kxt/pdb 
WWPDB D_1300013816 ?            ?                   
# 
loop_
_pdbx_audit_revision_history.ordinal 
_pdbx_audit_revision_history.data_content_type 
_pdbx_audit_revision_history.major_revision 
_pdbx_audit_revision_history.minor_revision 
_pdbx_audit_revision_history.revision_date 
1 'Structure model' 1 0 2020-09-16 
2 'Structure model' 1 1 2024-03-27 
# 
_pdbx_audit_revision_details.ordinal             1 
_pdbx_audit_revision_details.revision_ordinal    1 
_pdbx_audit_revision_details.data_content_type   'Structure model' 
_pdbx_audit_revision_details.provider            repository 
_pdbx_audit_revision_details.type                'Initial release' 
_pdbx_audit_revision_details.description         ? 
_pdbx_audit_revision_details.details             ? 
# 
loop_
_pdbx_audit_revision_group.ordinal 
_pdbx_audit_revision_group.revision_ordinal 
_pdbx_audit_revision_group.data_content_type 
_pdbx_audit_revision_group.group 
1 2 'Structure model' 'Data collection'     
2 2 'Structure model' 'Database references' 
# 
loop_
_pdbx_audit_revision_category.ordinal 
_pdbx_audit_revision_category.revision_ordinal 
_pdbx_audit_revision_category.data_content_type 
_pdbx_audit_revision_category.category 
1 2 'Structure model' chem_comp_atom 
2 2 'Structure model' chem_comp_bond 
3 2 'Structure model' database_2     
# 
loop_
_pdbx_audit_revision_item.ordinal 
_pdbx_audit_revision_item.revision_ordinal 
_pdbx_audit_revision_item.data_content_type 
_pdbx_audit_revision_item.item 
1 2 'Structure model' '_database_2.pdbx_DOI'                
2 2 'Structure model' '_database_2.pdbx_database_accession' 
# 
_pdbx_database_status.status_code                     REL 
_pdbx_database_status.status_code_sf                  REL 
_pdbx_database_status.status_code_mr                  ? 
_pdbx_database_status.entry_id                        6KXT 
_pdbx_database_status.recvd_initial_deposition_date   2019-09-12 
_pdbx_database_status.SG_entry                        N 
_pdbx_database_status.deposit_site                    PDBJ 
_pdbx_database_status.process_site                    PDBJ 
_pdbx_database_status.status_code_cs                  ? 
_pdbx_database_status.methods_development_category    ? 
_pdbx_database_status.pdb_format_compatible           Y 
_pdbx_database_status.status_code_nmr_data            ? 
# 
loop_
_audit_author.name 
_audit_author.pdbx_ordinal 
_audit_author.identifier_ORCID 
'Wang, Q.C.'   1 ? 
'Jiang, M.Q.'  2 ? 
'Isupov, M.N.' 3 ? 
'Sun, L.F.'    4 ? 
'Wu, Y.K.'     5 ? 
# 
_citation.abstract                  ? 
_citation.abstract_id_CAS           ? 
_citation.book_id_ISBN              ? 
_citation.book_publisher            ? 
_citation.book_publisher_city       ? 
_citation.book_title                ? 
_citation.coordinate_linkage        ? 
_citation.country                   ? 
_citation.database_id_Medline       ? 
_citation.details                   ? 
_citation.id                        primary 
_citation.journal_abbrev            'To be published' 
_citation.journal_id_ASTM           ? 
_citation.journal_id_CSD            0353 
_citation.journal_id_ISSN           ? 
_citation.journal_full              ? 
_citation.journal_issue             ? 
_citation.journal_volume            ? 
_citation.language                  ? 
_citation.page_first                ? 
_citation.page_last                 ? 
_citation.title                     'Crystal Structure of an Arabidopsis Copine providing insights into this protein family' 
_citation.year                      ? 
_citation.database_id_CSD           ? 
_citation.pdbx_database_id_DOI      ? 
_citation.pdbx_database_id_PubMed   ? 
_citation.unpublished_flag          ? 
# 
loop_
_citation_author.citation_id 
_citation_author.name 
_citation_author.ordinal 
_citation_author.identifier_ORCID 
primary 'Wang, Q.C.'   1 ? 
primary 'Jiang, M.Q.'  2 ? 
primary 'Isupov, M.N.' 3 ? 
primary 'Sun, L.F.'    4 ? 
primary 'Wu, Y.K.'     5 ? 
# 
loop_
_entity.id 
_entity.type 
_entity.src_method 
_entity.pdbx_description 
_entity.formula_weight 
_entity.pdbx_number_of_molecules 
_entity.pdbx_ec 
_entity.pdbx_mutation 
_entity.pdbx_fragment 
_entity.details 
1 polymer     man 'Protein BONZAI 1'                     15680.918 1   ? ? ? ? 
2 non-polymer syn '2-(N-MORPHOLINO)-ETHANESULFONIC ACID' 195.237   1   ? ? ? ? 
3 non-polymer syn 'SULFATE ION'                          96.063    2   ? ? ? ? 
4 water       nat water                                  18.015    200 ? ? ? ? 
# 
_entity_name_com.entity_id   1 
_entity_name_com.name        'COPINE 1' 
# 
_entity_poly.entity_id                      1 
_entity_poly.type                           'polypeptide(L)' 
_entity_poly.nstd_linkage                   no 
_entity_poly.nstd_monomer                   no 
_entity_poly.pdbx_seq_one_letter_code       
;GTSSMADIGSKISTEIVFRCSNLESKDLFSKSDPFLVVSKIVEHGTPIPVSKTEVRKNDLNPIWKPVFLSVQQVGSKDSP
VIIECSDFNSNGKHSLIGKVQKSLSDLEKLHLAGQGINFSLPTGAGQNKVLKSQLFVDKFTETV
;
_entity_poly.pdbx_seq_one_letter_code_can   
;GTSSMADIGSKISTEIVFRCSNLESKDLFSKSDPFLVVSKIVEHGTPIPVSKTEVRKNDLNPIWKPVFLSVQQVGSKDSP
VIIECSDFNSNGKHSLIGKVQKSLSDLEKLHLAGQGINFSLPTGAGQNKVLKSQLFVDKFTETV
;
_entity_poly.pdbx_strand_id                 A 
_entity_poly.pdbx_target_identifier         ? 
# 
loop_
_pdbx_entity_nonpoly.entity_id 
_pdbx_entity_nonpoly.name 
_pdbx_entity_nonpoly.comp_id 
2 '2-(N-MORPHOLINO)-ETHANESULFONIC ACID' MES 
3 'SULFATE ION'                          SO4 
4 water                                  HOH 
# 
loop_
_entity_poly_seq.entity_id 
_entity_poly_seq.num 
_entity_poly_seq.mon_id 
_entity_poly_seq.hetero 
1 1   GLY n 
1 2   THR n 
1 3   SER n 
1 4   SER n 
1 5   MET n 
1 6   ALA n 
1 7   ASP n 
1 8   ILE n 
1 9   GLY n 
1 10  SER n 
1 11  LYS n 
1 12  ILE n 
1 13  SER n 
1 14  THR n 
1 15  GLU n 
1 16  ILE n 
1 17  VAL n 
1 18  PHE n 
1 19  ARG n 
1 20  CYS n 
1 21  SER n 
1 22  ASN n 
1 23  LEU n 
1 24  GLU n 
1 25  SER n 
1 26  LYS n 
1 27  ASP n 
1 28  LEU n 
1 29  PHE n 
1 30  SER n 
1 31  LYS n 
1 32  SER n 
1 33  ASP n 
1 34  PRO n 
1 35  PHE n 
1 36  LEU n 
1 37  VAL n 
1 38  VAL n 
1 39  SER n 
1 40  LYS n 
1 41  ILE n 
1 42  VAL n 
1 43  GLU n 
1 44  HIS n 
1 45  GLY n 
1 46  THR n 
1 47  PRO n 
1 48  ILE n 
1 49  PRO n 
1 50  VAL n 
1 51  SER n 
1 52  LYS n 
1 53  THR n 
1 54  GLU n 
1 55  VAL n 
1 56  ARG n 
1 57  LYS n 
1 58  ASN n 
1 59  ASP n 
1 60  LEU n 
1 61  ASN n 
1 62  PRO n 
1 63  ILE n 
1 64  TRP n 
1 65  LYS n 
1 66  PRO n 
1 67  VAL n 
1 68  PHE n 
1 69  LEU n 
1 70  SER n 
1 71  VAL n 
1 72  GLN n 
1 73  GLN n 
1 74  VAL n 
1 75  GLY n 
1 76  SER n 
1 77  LYS n 
1 78  ASP n 
1 79  SER n 
1 80  PRO n 
1 81  VAL n 
1 82  ILE n 
1 83  ILE n 
1 84  GLU n 
1 85  CYS n 
1 86  SER n 
1 87  ASP n 
1 88  PHE n 
1 89  ASN n 
1 90  SER n 
1 91  ASN n 
1 92  GLY n 
1 93  LYS n 
1 94  HIS n 
1 95  SER n 
1 96  LEU n 
1 97  ILE n 
1 98  GLY n 
1 99  LYS n 
1 100 VAL n 
1 101 GLN n 
1 102 LYS n 
1 103 SER n 
1 104 LEU n 
1 105 SER n 
1 106 ASP n 
1 107 LEU n 
1 108 GLU n 
1 109 LYS n 
1 110 LEU n 
1 111 HIS n 
1 112 LEU n 
1 113 ALA n 
1 114 GLY n 
1 115 GLN n 
1 116 GLY n 
1 117 ILE n 
1 118 ASN n 
1 119 PHE n 
1 120 SER n 
1 121 LEU n 
1 122 PRO n 
1 123 THR n 
1 124 GLY n 
1 125 ALA n 
1 126 GLY n 
1 127 GLN n 
1 128 ASN n 
1 129 LYS n 
1 130 VAL n 
1 131 LEU n 
1 132 LYS n 
1 133 SER n 
1 134 GLN n 
1 135 LEU n 
1 136 PHE n 
1 137 VAL n 
1 138 ASP n 
1 139 LYS n 
1 140 PHE n 
1 141 THR n 
1 142 GLU n 
1 143 THR n 
1 144 VAL n 
# 
_entity_src_gen.entity_id                          1 
_entity_src_gen.pdbx_src_id                        1 
_entity_src_gen.pdbx_alt_source_flag               sample 
_entity_src_gen.pdbx_seq_type                      'Biological sequence' 
_entity_src_gen.pdbx_beg_seq_num                   1 
_entity_src_gen.pdbx_end_seq_num                   144 
_entity_src_gen.gene_src_common_name               'Mouse-ear cress' 
_entity_src_gen.gene_src_genus                     ? 
_entity_src_gen.pdbx_gene_src_gene                 'BON1, CPN1, At5g61900, K22G18.2' 
_entity_src_gen.gene_src_species                   ? 
_entity_src_gen.gene_src_strain                    ? 
_entity_src_gen.gene_src_tissue                    ? 
_entity_src_gen.gene_src_tissue_fraction           ? 
_entity_src_gen.gene_src_details                   ? 
_entity_src_gen.pdbx_gene_src_fragment             ? 
_entity_src_gen.pdbx_gene_src_scientific_name      'Arabidopsis thaliana' 
_entity_src_gen.pdbx_gene_src_ncbi_taxonomy_id     3702 
_entity_src_gen.pdbx_gene_src_variant              ? 
_entity_src_gen.pdbx_gene_src_cell_line            ? 
_entity_src_gen.pdbx_gene_src_atcc                 ? 
_entity_src_gen.pdbx_gene_src_organ                ? 
_entity_src_gen.pdbx_gene_src_organelle            ? 
_entity_src_gen.pdbx_gene_src_cell                 ? 
_entity_src_gen.pdbx_gene_src_cellular_location    ? 
_entity_src_gen.host_org_common_name               ? 
_entity_src_gen.pdbx_host_org_scientific_name      'Escherichia coli BL21(DE3)' 
_entity_src_gen.pdbx_host_org_ncbi_taxonomy_id     469008 
_entity_src_gen.host_org_genus                     ? 
_entity_src_gen.pdbx_host_org_gene                 ? 
_entity_src_gen.pdbx_host_org_organ                ? 
_entity_src_gen.host_org_species                   ? 
_entity_src_gen.pdbx_host_org_tissue               ? 
_entity_src_gen.pdbx_host_org_tissue_fraction      ? 
_entity_src_gen.pdbx_host_org_strain               ? 
_entity_src_gen.pdbx_host_org_variant              ? 
_entity_src_gen.pdbx_host_org_cell_line            ? 
_entity_src_gen.pdbx_host_org_atcc                 ? 
_entity_src_gen.pdbx_host_org_culture_collection   ? 
_entity_src_gen.pdbx_host_org_cell                 ? 
_entity_src_gen.pdbx_host_org_organelle            ? 
_entity_src_gen.pdbx_host_org_cellular_location    ? 
_entity_src_gen.pdbx_host_org_vector_type          ? 
_entity_src_gen.pdbx_host_org_vector               ? 
_entity_src_gen.host_org_details                   ? 
_entity_src_gen.expression_system_id               ? 
_entity_src_gen.plasmid_name                       ? 
_entity_src_gen.plasmid_details                    ? 
_entity_src_gen.pdbx_description                   ? 
# 
loop_
_chem_comp.id 
_chem_comp.type 
_chem_comp.mon_nstd_flag 
_chem_comp.name 
_chem_comp.pdbx_synonyms 
_chem_comp.formula 
_chem_comp.formula_weight 
ALA 'L-peptide linking' y ALANINE                                ? 'C3 H7 N O2'     89.093  
ARG 'L-peptide linking' y ARGININE                               ? 'C6 H15 N4 O2 1' 175.209 
ASN 'L-peptide linking' y ASPARAGINE                             ? 'C4 H8 N2 O3'    132.118 
ASP 'L-peptide linking' y 'ASPARTIC ACID'                        ? 'C4 H7 N O4'     133.103 
CYS 'L-peptide linking' y CYSTEINE                               ? 'C3 H7 N O2 S'   121.158 
GLN 'L-peptide linking' y GLUTAMINE                              ? 'C5 H10 N2 O3'   146.144 
GLU 'L-peptide linking' y 'GLUTAMIC ACID'                        ? 'C5 H9 N O4'     147.129 
GLY 'peptide linking'   y GLYCINE                                ? 'C2 H5 N O2'     75.067  
HIS 'L-peptide linking' y HISTIDINE                              ? 'C6 H10 N3 O2 1' 156.162 
HOH non-polymer         . WATER                                  ? 'H2 O'           18.015  
ILE 'L-peptide linking' y ISOLEUCINE                             ? 'C6 H13 N O2'    131.173 
LEU 'L-peptide linking' y LEUCINE                                ? 'C6 H13 N O2'    131.173 
LYS 'L-peptide linking' y LYSINE                                 ? 'C6 H15 N2 O2 1' 147.195 
MES non-polymer         . '2-(N-MORPHOLINO)-ETHANESULFONIC ACID' ? 'C6 H13 N O4 S'  195.237 
MET 'L-peptide linking' y METHIONINE                             ? 'C5 H11 N O2 S'  149.211 
PHE 'L-peptide linking' y PHENYLALANINE                          ? 'C9 H11 N O2'    165.189 
PRO 'L-peptide linking' y PROLINE                                ? 'C5 H9 N O2'     115.130 
SER 'L-peptide linking' y SERINE                                 ? 'C3 H7 N O3'     105.093 
SO4 non-polymer         . 'SULFATE ION'                          ? 'O4 S -2'        96.063  
THR 'L-peptide linking' y THREONINE                              ? 'C4 H9 N O3'     119.119 
TRP 'L-peptide linking' y TRYPTOPHAN                             ? 'C11 H12 N2 O2'  204.225 
VAL 'L-peptide linking' y VALINE                                 ? 'C5 H11 N O2'    117.146 
# 
loop_
_pdbx_poly_seq_scheme.asym_id 
_pdbx_poly_seq_scheme.entity_id 
_pdbx_poly_seq_scheme.seq_id 
_pdbx_poly_seq_scheme.mon_id 
_pdbx_poly_seq_scheme.ndb_seq_num 
_pdbx_poly_seq_scheme.pdb_seq_num 
_pdbx_poly_seq_scheme.auth_seq_num 
_pdbx_poly_seq_scheme.pdb_mon_id 
_pdbx_poly_seq_scheme.auth_mon_id 
_pdbx_poly_seq_scheme.pdb_strand_id 
_pdbx_poly_seq_scheme.pdb_ins_code 
_pdbx_poly_seq_scheme.hetero 
A 1 1   GLY 1   154 154 GLY GLY A . n 
A 1 2   THR 2   155 155 THR THR A . n 
A 1 3   SER 3   156 156 SER SER A . n 
A 1 4   SER 4   157 157 SER SER A . n 
A 1 5   MET 5   158 158 MET MET A . n 
A 1 6   ALA 6   159 159 ALA ALA A . n 
A 1 7   ASP 7   160 160 ASP ASP A . n 
A 1 8   ILE 8   161 161 ILE ILE A . n 
A 1 9   GLY 9   162 162 GLY GLY A . n 
A 1 10  SER 10  163 163 SER SER A . n 
A 1 11  LYS 11  164 164 LYS LYS A . n 
A 1 12  ILE 12  165 165 ILE ILE A . n 
A 1 13  SER 13  166 166 SER SER A . n 
A 1 14  THR 14  167 167 THR THR A . n 
A 1 15  GLU 15  168 168 GLU GLU A . n 
A 1 16  ILE 16  169 169 ILE ILE A . n 
A 1 17  VAL 17  170 170 VAL VAL A . n 
A 1 18  PHE 18  171 171 PHE PHE A . n 
A 1 19  ARG 19  172 172 ARG ARG A . n 
A 1 20  CYS 20  173 173 CYS CYS A . n 
A 1 21  SER 21  174 174 SER SER A . n 
A 1 22  ASN 22  175 175 ASN ASN A . n 
A 1 23  LEU 23  176 176 LEU LEU A . n 
A 1 24  GLU 24  177 177 GLU GLU A . n 
A 1 25  SER 25  178 178 SER SER A . n 
A 1 26  LYS 26  179 179 LYS LYS A . n 
A 1 27  ASP 27  180 180 ASP ASP A . n 
A 1 28  LEU 28  181 181 LEU LEU A . n 
A 1 29  PHE 29  182 182 PHE PHE A . n 
A 1 30  SER 30  183 183 SER SER A . n 
A 1 31  LYS 31  184 184 LYS LYS A . n 
A 1 32  SER 32  185 185 SER SER A . n 
A 1 33  ASP 33  186 186 ASP ASP A . n 
A 1 34  PRO 34  187 187 PRO PRO A . n 
A 1 35  PHE 35  188 188 PHE PHE A . n 
A 1 36  LEU 36  189 189 LEU LEU A . n 
A 1 37  VAL 37  190 190 VAL VAL A . n 
A 1 38  VAL 38  191 191 VAL VAL A . n 
A 1 39  SER 39  192 192 SER SER A . n 
A 1 40  LYS 40  193 193 LYS LYS A . n 
A 1 41  ILE 41  194 194 ILE ILE A . n 
A 1 42  VAL 42  195 195 VAL VAL A . n 
A 1 43  GLU 43  196 196 GLU GLU A . n 
A 1 44  HIS 44  197 197 HIS HIS A . n 
A 1 45  GLY 45  198 198 GLY GLY A . n 
A 1 46  THR 46  199 199 THR THR A . n 
A 1 47  PRO 47  200 200 PRO PRO A . n 
A 1 48  ILE 48  201 201 ILE ILE A . n 
A 1 49  PRO 49  202 202 PRO PRO A . n 
A 1 50  VAL 50  203 203 VAL VAL A . n 
A 1 51  SER 51  204 204 SER SER A . n 
A 1 52  LYS 52  205 205 LYS LYS A . n 
A 1 53  THR 53  206 206 THR THR A . n 
A 1 54  GLU 54  207 207 GLU GLU A . n 
A 1 55  VAL 55  208 208 VAL VAL A . n 
A 1 56  ARG 56  209 209 ARG ARG A . n 
A 1 57  LYS 57  210 210 LYS LYS A . n 
A 1 58  ASN 58  211 211 ASN ASN A . n 
A 1 59  ASP 59  212 212 ASP ASP A . n 
A 1 60  LEU 60  213 213 LEU LEU A . n 
A 1 61  ASN 61  214 214 ASN ASN A . n 
A 1 62  PRO 62  215 215 PRO PRO A . n 
A 1 63  ILE 63  216 216 ILE ILE A . n 
A 1 64  TRP 64  217 217 TRP TRP A . n 
A 1 65  LYS 65  218 218 LYS LYS A . n 
A 1 66  PRO 66  219 219 PRO PRO A . n 
A 1 67  VAL 67  220 220 VAL VAL A . n 
A 1 68  PHE 68  221 221 PHE PHE A . n 
A 1 69  LEU 69  222 222 LEU LEU A . n 
A 1 70  SER 70  223 223 SER SER A . n 
A 1 71  VAL 71  224 224 VAL VAL A . n 
A 1 72  GLN 72  225 225 GLN GLN A . n 
A 1 73  GLN 73  226 226 GLN GLN A . n 
A 1 74  VAL 74  227 227 VAL VAL A . n 
A 1 75  GLY 75  228 228 GLY GLY A . n 
A 1 76  SER 76  229 229 SER SER A . n 
A 1 77  LYS 77  230 230 LYS LYS A . n 
A 1 78  ASP 78  231 231 ASP ASP A . n 
A 1 79  SER 79  232 232 SER SER A . n 
A 1 80  PRO 80  233 233 PRO PRO A . n 
A 1 81  VAL 81  234 234 VAL VAL A . n 
A 1 82  ILE 82  235 235 ILE ILE A . n 
A 1 83  ILE 83  236 236 ILE ILE A . n 
A 1 84  GLU 84  237 237 GLU GLU A . n 
A 1 85  CYS 85  238 238 CYS CYS A . n 
A 1 86  SER 86  239 239 SER SER A . n 
A 1 87  ASP 87  240 240 ASP ASP A . n 
A 1 88  PHE 88  241 241 PHE PHE A . n 
A 1 89  ASN 89  242 242 ASN ASN A . n 
A 1 90  SER 90  243 243 SER SER A . n 
A 1 91  ASN 91  244 244 ASN ASN A . n 
A 1 92  GLY 92  245 245 GLY GLY A . n 
A 1 93  LYS 93  246 246 LYS LYS A . n 
A 1 94  HIS 94  247 247 HIS HIS A . n 
A 1 95  SER 95  248 248 SER SER A . n 
A 1 96  LEU 96  249 249 LEU LEU A . n 
A 1 97  ILE 97  250 250 ILE ILE A . n 
A 1 98  GLY 98  251 251 GLY GLY A . n 
A 1 99  LYS 99  252 252 LYS LYS A . n 
A 1 100 VAL 100 253 253 VAL VAL A . n 
A 1 101 GLN 101 254 254 GLN GLN A . n 
A 1 102 LYS 102 255 255 LYS LYS A . n 
A 1 103 SER 103 256 256 SER SER A . n 
A 1 104 LEU 104 257 257 LEU LEU A . n 
A 1 105 SER 105 258 258 SER SER A . n 
A 1 106 ASP 106 259 259 ASP ASP A . n 
A 1 107 LEU 107 260 260 LEU LEU A . n 
A 1 108 GLU 108 261 261 GLU GLU A . n 
A 1 109 LYS 109 262 262 LYS LYS A . n 
A 1 110 LEU 110 263 263 LEU LEU A . n 
A 1 111 HIS 111 264 264 HIS HIS A . n 
A 1 112 LEU 112 265 265 LEU LEU A . n 
A 1 113 ALA 113 266 266 ALA ALA A . n 
A 1 114 GLY 114 267 267 GLY GLY A . n 
A 1 115 GLN 115 268 268 GLN GLN A . n 
A 1 116 GLY 116 269 269 GLY GLY A . n 
A 1 117 ILE 117 270 270 ILE ILE A . n 
A 1 118 ASN 118 271 271 ASN ASN A . n 
A 1 119 PHE 119 272 272 PHE PHE A . n 
A 1 120 SER 120 273 273 SER SER A . n 
A 1 121 LEU 121 274 274 LEU LEU A . n 
A 1 122 PRO 122 275 275 PRO PRO A . n 
A 1 123 THR 123 276 276 THR THR A . n 
A 1 124 GLY 124 277 277 GLY GLY A . n 
A 1 125 ALA 125 278 278 ALA ALA A . n 
A 1 126 GLY 126 279 279 GLY GLY A . n 
A 1 127 GLN 127 280 280 GLN GLN A . n 
A 1 128 ASN 128 281 281 ASN ASN A . n 
A 1 129 LYS 129 282 282 LYS LYS A . n 
A 1 130 VAL 130 283 283 VAL VAL A . n 
A 1 131 LEU 131 284 284 LEU LEU A . n 
A 1 132 LYS 132 285 285 LYS LYS A . n 
A 1 133 SER 133 286 286 SER SER A . n 
A 1 134 GLN 134 287 287 GLN GLN A . n 
A 1 135 LEU 135 288 288 LEU LEU A . n 
A 1 136 PHE 136 289 289 PHE PHE A . n 
A 1 137 VAL 137 290 290 VAL VAL A . n 
A 1 138 ASP 138 291 291 ASP ASP A . n 
A 1 139 LYS 139 292 292 LYS LYS A . n 
A 1 140 PHE 140 293 293 PHE PHE A . n 
A 1 141 THR 141 294 294 THR THR A . n 
A 1 142 GLU 142 295 295 GLU GLU A . n 
A 1 143 THR 143 296 296 THR THR A . n 
A 1 144 VAL 144 297 297 VAL VAL A . n 
# 
loop_
_pdbx_nonpoly_scheme.asym_id 
_pdbx_nonpoly_scheme.entity_id 
_pdbx_nonpoly_scheme.mon_id 
_pdbx_nonpoly_scheme.ndb_seq_num 
_pdbx_nonpoly_scheme.pdb_seq_num 
_pdbx_nonpoly_scheme.auth_seq_num 
_pdbx_nonpoly_scheme.pdb_mon_id 
_pdbx_nonpoly_scheme.auth_mon_id 
_pdbx_nonpoly_scheme.pdb_strand_id 
_pdbx_nonpoly_scheme.pdb_ins_code 
B 2 MES 1   301 301 MES MES A . 
C 3 SO4 1   302 3   SO4 SO4 A . 
D 3 SO4 1   303 5   SO4 SO4 A . 
E 4 HOH 1   401 66  HOH HOH A . 
E 4 HOH 2   402 137 HOH HOH A . 
E 4 HOH 3   403 89  HOH HOH A . 
E 4 HOH 4   404 102 HOH HOH A . 
E 4 HOH 5   405 136 HOH HOH A . 
E 4 HOH 6   406 183 HOH HOH A . 
E 4 HOH 7   407 49  HOH HOH A . 
E 4 HOH 8   408 97  HOH HOH A . 
E 4 HOH 9   409 162 HOH HOH A . 
E 4 HOH 10  410 125 HOH HOH A . 
E 4 HOH 11  411 41  HOH HOH A . 
E 4 HOH 12  412 131 HOH HOH A . 
E 4 HOH 13  413 85  HOH HOH A . 
E 4 HOH 14  414 217 HOH HOH A . 
E 4 HOH 15  415 103 HOH HOH A . 
E 4 HOH 16  416 140 HOH HOH A . 
E 4 HOH 17  417 105 HOH HOH A . 
E 4 HOH 18  418 123 HOH HOH A . 
E 4 HOH 19  419 146 HOH HOH A . 
E 4 HOH 20  420 95  HOH HOH A . 
E 4 HOH 21  421 23  HOH HOH A . 
E 4 HOH 22  422 35  HOH HOH A . 
E 4 HOH 23  423 56  HOH HOH A . 
E 4 HOH 24  424 84  HOH HOH A . 
E 4 HOH 25  425 54  HOH HOH A . 
E 4 HOH 26  426 148 HOH HOH A . 
E 4 HOH 27  427 71  HOH HOH A . 
E 4 HOH 28  428 181 HOH HOH A . 
E 4 HOH 29  429 160 HOH HOH A . 
E 4 HOH 30  430 9   HOH HOH A . 
E 4 HOH 31  431 52  HOH HOH A . 
E 4 HOH 32  432 219 HOH HOH A . 
E 4 HOH 33  433 13  HOH HOH A . 
E 4 HOH 34  434 44  HOH HOH A . 
E 4 HOH 35  435 174 HOH HOH A . 
E 4 HOH 36  436 142 HOH HOH A . 
E 4 HOH 37  437 101 HOH HOH A . 
E 4 HOH 38  438 25  HOH HOH A . 
E 4 HOH 39  439 138 HOH HOH A . 
E 4 HOH 40  440 20  HOH HOH A . 
E 4 HOH 41  441 87  HOH HOH A . 
E 4 HOH 42  442 24  HOH HOH A . 
E 4 HOH 43  443 115 HOH HOH A . 
E 4 HOH 44  444 192 HOH HOH A . 
E 4 HOH 45  445 171 HOH HOH A . 
E 4 HOH 46  446 78  HOH HOH A . 
E 4 HOH 47  447 79  HOH HOH A . 
E 4 HOH 48  448 63  HOH HOH A . 
E 4 HOH 49  449 191 HOH HOH A . 
E 4 HOH 50  450 91  HOH HOH A . 
E 4 HOH 51  451 64  HOH HOH A . 
E 4 HOH 52  452 5   HOH HOH A . 
E 4 HOH 53  453 154 HOH HOH A . 
E 4 HOH 54  454 38  HOH HOH A . 
E 4 HOH 55  455 17  HOH HOH A . 
E 4 HOH 56  456 21  HOH HOH A . 
E 4 HOH 57  457 1   HOH HOH A . 
E 4 HOH 58  458 11  HOH HOH A . 
E 4 HOH 59  459 170 HOH HOH A . 
E 4 HOH 60  460 106 HOH HOH A . 
E 4 HOH 61  461 57  HOH HOH A . 
E 4 HOH 62  462 114 HOH HOH A . 
E 4 HOH 63  463 196 HOH HOH A . 
E 4 HOH 64  464 111 HOH HOH A . 
E 4 HOH 65  465 96  HOH HOH A . 
E 4 HOH 66  466 169 HOH HOH A . 
E 4 HOH 67  467 6   HOH HOH A . 
E 4 HOH 68  468 73  HOH HOH A . 
E 4 HOH 69  469 3   HOH HOH A . 
E 4 HOH 70  470 77  HOH HOH A . 
E 4 HOH 71  471 37  HOH HOH A . 
E 4 HOH 72  472 7   HOH HOH A . 
E 4 HOH 73  473 177 HOH HOH A . 
E 4 HOH 74  474 69  HOH HOH A . 
E 4 HOH 75  475 82  HOH HOH A . 
E 4 HOH 76  476 47  HOH HOH A . 
E 4 HOH 77  477 14  HOH HOH A . 
E 4 HOH 78  478 122 HOH HOH A . 
E 4 HOH 79  479 2   HOH HOH A . 
E 4 HOH 80  480 26  HOH HOH A . 
E 4 HOH 81  481 31  HOH HOH A . 
E 4 HOH 82  482 36  HOH HOH A . 
E 4 HOH 83  483 107 HOH HOH A . 
E 4 HOH 84  484 16  HOH HOH A . 
E 4 HOH 85  485 8   HOH HOH A . 
E 4 HOH 86  486 70  HOH HOH A . 
E 4 HOH 87  487 50  HOH HOH A . 
E 4 HOH 88  488 188 HOH HOH A . 
E 4 HOH 89  489 112 HOH HOH A . 
E 4 HOH 90  490 32  HOH HOH A . 
E 4 HOH 91  491 128 HOH HOH A . 
E 4 HOH 92  492 176 HOH HOH A . 
E 4 HOH 93  493 72  HOH HOH A . 
E 4 HOH 94  494 81  HOH HOH A . 
E 4 HOH 95  495 18  HOH HOH A . 
E 4 HOH 96  496 80  HOH HOH A . 
E 4 HOH 97  497 198 HOH HOH A . 
E 4 HOH 98  498 43  HOH HOH A . 
E 4 HOH 99  499 211 HOH HOH A . 
E 4 HOH 100 500 10  HOH HOH A . 
E 4 HOH 101 501 19  HOH HOH A . 
E 4 HOH 102 502 62  HOH HOH A . 
E 4 HOH 103 503 86  HOH HOH A . 
E 4 HOH 104 504 33  HOH HOH A . 
E 4 HOH 105 505 145 HOH HOH A . 
E 4 HOH 106 506 75  HOH HOH A . 
E 4 HOH 107 507 4   HOH HOH A . 
E 4 HOH 108 508 90  HOH HOH A . 
E 4 HOH 109 509 74  HOH HOH A . 
E 4 HOH 110 510 201 HOH HOH A . 
E 4 HOH 111 511 68  HOH HOH A . 
E 4 HOH 112 512 92  HOH HOH A . 
E 4 HOH 113 513 27  HOH HOH A . 
E 4 HOH 114 514 132 HOH HOH A . 
E 4 HOH 115 515 55  HOH HOH A . 
E 4 HOH 116 516 172 HOH HOH A . 
E 4 HOH 117 517 185 HOH HOH A . 
E 4 HOH 118 518 94  HOH HOH A . 
E 4 HOH 119 519 109 HOH HOH A . 
E 4 HOH 120 520 118 HOH HOH A . 
E 4 HOH 121 521 59  HOH HOH A . 
E 4 HOH 122 522 215 HOH HOH A . 
E 4 HOH 123 523 45  HOH HOH A . 
E 4 HOH 124 524 141 HOH HOH A . 
E 4 HOH 125 525 15  HOH HOH A . 
E 4 HOH 126 526 143 HOH HOH A . 
E 4 HOH 127 527 151 HOH HOH A . 
E 4 HOH 128 528 40  HOH HOH A . 
E 4 HOH 129 529 28  HOH HOH A . 
E 4 HOH 130 530 116 HOH HOH A . 
E 4 HOH 131 531 65  HOH HOH A . 
E 4 HOH 132 532 108 HOH HOH A . 
E 4 HOH 133 533 210 HOH HOH A . 
E 4 HOH 134 534 121 HOH HOH A . 
E 4 HOH 135 535 119 HOH HOH A . 
E 4 HOH 136 536 30  HOH HOH A . 
E 4 HOH 137 537 34  HOH HOH A . 
E 4 HOH 138 538 60  HOH HOH A . 
E 4 HOH 139 539 39  HOH HOH A . 
E 4 HOH 140 540 29  HOH HOH A . 
E 4 HOH 141 541 187 HOH HOH A . 
E 4 HOH 142 542 129 HOH HOH A . 
E 4 HOH 143 543 88  HOH HOH A . 
E 4 HOH 144 544 53  HOH HOH A . 
E 4 HOH 145 545 48  HOH HOH A . 
E 4 HOH 146 546 51  HOH HOH A . 
E 4 HOH 147 547 42  HOH HOH A . 
E 4 HOH 148 548 130 HOH HOH A . 
E 4 HOH 149 549 204 HOH HOH A . 
E 4 HOH 150 550 161 HOH HOH A . 
E 4 HOH 151 551 99  HOH HOH A . 
E 4 HOH 152 552 214 HOH HOH A . 
E 4 HOH 153 553 206 HOH HOH A . 
E 4 HOH 154 554 167 HOH HOH A . 
E 4 HOH 155 555 218 HOH HOH A . 
E 4 HOH 156 556 157 HOH HOH A . 
E 4 HOH 157 557 186 HOH HOH A . 
E 4 HOH 158 558 209 HOH HOH A . 
E 4 HOH 159 559 189 HOH HOH A . 
E 4 HOH 160 560 178 HOH HOH A . 
E 4 HOH 161 561 166 HOH HOH A . 
E 4 HOH 162 562 61  HOH HOH A . 
E 4 HOH 163 563 168 HOH HOH A . 
E 4 HOH 164 564 139 HOH HOH A . 
E 4 HOH 165 565 149 HOH HOH A . 
E 4 HOH 166 566 208 HOH HOH A . 
E 4 HOH 167 567 98  HOH HOH A . 
E 4 HOH 168 568 197 HOH HOH A . 
E 4 HOH 169 569 117 HOH HOH A . 
E 4 HOH 170 570 199 HOH HOH A . 
E 4 HOH 171 571 159 HOH HOH A . 
E 4 HOH 172 572 165 HOH HOH A . 
E 4 HOH 173 573 93  HOH HOH A . 
E 4 HOH 174 574 67  HOH HOH A . 
E 4 HOH 175 575 124 HOH HOH A . 
E 4 HOH 176 576 104 HOH HOH A . 
E 4 HOH 177 577 83  HOH HOH A . 
E 4 HOH 178 578 212 HOH HOH A . 
E 4 HOH 179 579 133 HOH HOH A . 
E 4 HOH 180 580 12  HOH HOH A . 
E 4 HOH 181 581 220 HOH HOH A . 
E 4 HOH 182 582 179 HOH HOH A . 
E 4 HOH 183 583 155 HOH HOH A . 
E 4 HOH 184 584 113 HOH HOH A . 
E 4 HOH 185 585 22  HOH HOH A . 
E 4 HOH 186 586 207 HOH HOH A . 
E 4 HOH 187 587 110 HOH HOH A . 
E 4 HOH 188 588 152 HOH HOH A . 
E 4 HOH 189 589 190 HOH HOH A . 
E 4 HOH 190 590 205 HOH HOH A . 
E 4 HOH 191 591 194 HOH HOH A . 
E 4 HOH 192 592 164 HOH HOH A . 
E 4 HOH 193 593 216 HOH HOH A . 
E 4 HOH 194 594 127 HOH HOH A . 
E 4 HOH 195 595 213 HOH HOH A . 
E 4 HOH 196 596 156 HOH HOH A . 
E 4 HOH 197 597 180 HOH HOH A . 
E 4 HOH 198 598 76  HOH HOH A . 
E 4 HOH 199 599 175 HOH HOH A . 
E 4 HOH 200 600 135 HOH HOH A . 
# 
loop_
_software.citation_id 
_software.classification 
_software.compiler_name 
_software.compiler_version 
_software.contact_author 
_software.contact_author_email 
_software.date 
_software.description 
_software.dependencies 
_software.hardware 
_software.language 
_software.location 
_software.mods 
_software.name 
_software.os 
_software.os_version 
_software.type 
_software.version 
_software.pdbx_ordinal 
? 'data scaling'    ? ? ? ? ? ? ? ? ? ? ? Aimless     ? ? ? 0.7.4    1 
? refinement        ? ? ? ? ? ? ? ? ? ? ? REFMAC      ? ? ? 5.8.0238 2 
? 'data extraction' ? ? ? ? ? ? ? ? ? ? ? PDB_EXTRACT ? ? ? 3.25     3 
? phasing           ? ? ? ? ? ? ? ? ? ? ? PHENIX      ? ? ? .        4 
# 
_cell.angle_alpha                  90.000 
_cell.angle_alpha_esd              ? 
_cell.angle_beta                   90.000 
_cell.angle_beta_esd               ? 
_cell.angle_gamma                  90.000 
_cell.angle_gamma_esd              ? 
_cell.entry_id                     6KXT 
_cell.details                      ? 
_cell.formula_units_Z              ? 
_cell.length_a                     47.844 
_cell.length_a_esd                 ? 
_cell.length_b                     69.594 
_cell.length_b_esd                 ? 
_cell.length_c                     77.396 
_cell.length_c_esd                 ? 
_cell.volume                       ? 
_cell.volume_esd                   ? 
_cell.Z_PDB                        8 
_cell.reciprocal_angle_alpha       ? 
_cell.reciprocal_angle_beta        ? 
_cell.reciprocal_angle_gamma       ? 
_cell.reciprocal_angle_alpha_esd   ? 
_cell.reciprocal_angle_beta_esd    ? 
_cell.reciprocal_angle_gamma_esd   ? 
_cell.reciprocal_length_a          ? 
_cell.reciprocal_length_b          ? 
_cell.reciprocal_length_c          ? 
_cell.reciprocal_length_a_esd      ? 
_cell.reciprocal_length_b_esd      ? 
_cell.reciprocal_length_c_esd      ? 
_cell.pdbx_unique_axis             ? 
# 
_symmetry.entry_id                         6KXT 
_symmetry.cell_setting                     ? 
_symmetry.Int_Tables_number                23 
_symmetry.space_group_name_Hall            ? 
_symmetry.space_group_name_H-M             'I 2 2 2' 
_symmetry.pdbx_full_space_group_name_H-M   ? 
# 
_exptl.absorpt_coefficient_mu     ? 
_exptl.absorpt_correction_T_max   ? 
_exptl.absorpt_correction_T_min   ? 
_exptl.absorpt_correction_type    ? 
_exptl.absorpt_process_details    ? 
_exptl.entry_id                   6KXT 
_exptl.crystals_number            1 
_exptl.details                    ? 
_exptl.method                     'X-RAY DIFFRACTION' 
_exptl.method_details             ? 
# 
_exptl_crystal.colour                      ? 
_exptl_crystal.density_diffrn              ? 
_exptl_crystal.density_Matthews            2.05 
_exptl_crystal.density_method              ? 
_exptl_crystal.density_percent_sol         40.12 
_exptl_crystal.description                 ? 
_exptl_crystal.F_000                       ? 
_exptl_crystal.id                          1 
_exptl_crystal.preparation                 ? 
_exptl_crystal.size_max                    ? 
_exptl_crystal.size_mid                    ? 
_exptl_crystal.size_min                    ? 
_exptl_crystal.size_rad                    ? 
_exptl_crystal.colour_lustre               ? 
_exptl_crystal.colour_modifier             ? 
_exptl_crystal.colour_primary              ? 
_exptl_crystal.density_meas                ? 
_exptl_crystal.density_meas_esd            ? 
_exptl_crystal.density_meas_gt             ? 
_exptl_crystal.density_meas_lt             ? 
_exptl_crystal.density_meas_temp           ? 
_exptl_crystal.density_meas_temp_esd       ? 
_exptl_crystal.density_meas_temp_gt        ? 
_exptl_crystal.density_meas_temp_lt        ? 
_exptl_crystal.pdbx_crystal_image_url      ? 
_exptl_crystal.pdbx_crystal_image_format   ? 
_exptl_crystal.pdbx_mosaicity              ? 
_exptl_crystal.pdbx_mosaicity_esd          ? 
# 
_exptl_crystal_grow.apparatus       ? 
_exptl_crystal_grow.atmosphere      ? 
_exptl_crystal_grow.crystal_id      1 
_exptl_crystal_grow.details         ? 
_exptl_crystal_grow.method          'VAPOR DIFFUSION, SITTING DROP' 
_exptl_crystal_grow.method_ref      ? 
_exptl_crystal_grow.pH              ? 
_exptl_crystal_grow.pressure        ? 
_exptl_crystal_grow.pressure_esd    ? 
_exptl_crystal_grow.seeding         ? 
_exptl_crystal_grow.seeding_ref     ? 
_exptl_crystal_grow.temp            289 
_exptl_crystal_grow.temp_details    ? 
_exptl_crystal_grow.temp_esd        ? 
_exptl_crystal_grow.time            ? 
_exptl_crystal_grow.pdbx_details    'Two moles of ammonium sulfate' 
_exptl_crystal_grow.pdbx_pH_range   ? 
# 
_diffrn.ambient_environment              ? 
_diffrn.ambient_temp                     100 
_diffrn.ambient_temp_details             ? 
_diffrn.ambient_temp_esd                 ? 
_diffrn.crystal_id                       1 
_diffrn.crystal_support                  ? 
_diffrn.crystal_treatment                ? 
_diffrn.details                          ? 
_diffrn.id                               1 
_diffrn.ambient_pressure                 ? 
_diffrn.ambient_pressure_esd             ? 
_diffrn.ambient_pressure_gt              ? 
_diffrn.ambient_pressure_lt              ? 
_diffrn.ambient_temp_gt                  ? 
_diffrn.ambient_temp_lt                  ? 
_diffrn.pdbx_serial_crystal_experiment   N 
# 
_diffrn_detector.details                      ? 
_diffrn_detector.detector                     PIXEL 
_diffrn_detector.diffrn_id                    1 
_diffrn_detector.type                         'DECTRIS PILATUS 6M' 
_diffrn_detector.area_resol_mean              ? 
_diffrn_detector.dtime                        ? 
_diffrn_detector.pdbx_frames_total            ? 
_diffrn_detector.pdbx_collection_time_total   ? 
_diffrn_detector.pdbx_collection_date         2018-09-10 
_diffrn_detector.pdbx_frequency               ? 
# 
_diffrn_radiation.collimation                      ? 
_diffrn_radiation.diffrn_id                        1 
_diffrn_radiation.filter_edge                      ? 
_diffrn_radiation.inhomogeneity                    ? 
_diffrn_radiation.monochromator                    ? 
_diffrn_radiation.polarisn_norm                    ? 
_diffrn_radiation.polarisn_ratio                   ? 
_diffrn_radiation.probe                            ? 
_diffrn_radiation.type                             ? 
_diffrn_radiation.xray_symbol                      ? 
_diffrn_radiation.wavelength_id                    1 
_diffrn_radiation.pdbx_monochromatic_or_laue_m_l   M 
_diffrn_radiation.pdbx_wavelength_list             ? 
_diffrn_radiation.pdbx_wavelength                  ? 
_diffrn_radiation.pdbx_diffrn_protocol             'SINGLE WAVELENGTH' 
_diffrn_radiation.pdbx_analyzer                    ? 
_diffrn_radiation.pdbx_scattering_type             x-ray 
# 
_diffrn_radiation_wavelength.id           1 
_diffrn_radiation_wavelength.wavelength   0.9789 
_diffrn_radiation_wavelength.wt           1.0 
# 
_diffrn_source.current                     ? 
_diffrn_source.details                     ? 
_diffrn_source.diffrn_id                   1 
_diffrn_source.power                       ? 
_diffrn_source.size                        ? 
_diffrn_source.source                      SYNCHROTRON 
_diffrn_source.target                      ? 
_diffrn_source.type                        'SSRF BEAMLINE BL19U1' 
_diffrn_source.voltage                     ? 
_diffrn_source.take-off_angle              ? 
_diffrn_source.pdbx_wavelength_list        0.9789 
_diffrn_source.pdbx_wavelength             ? 
_diffrn_source.pdbx_synchrotron_beamline   BL19U1 
_diffrn_source.pdbx_synchrotron_site       SSRF 
# 
_reflns.B_iso_Wilson_estimate            ? 
_reflns.entry_id                         6KXT 
_reflns.data_reduction_details           ? 
_reflns.data_reduction_method            ? 
_reflns.d_resolution_high                1.250 
_reflns.d_resolution_low                 40.7300 
_reflns.details                          ? 
_reflns.limit_h_max                      ? 
_reflns.limit_h_min                      ? 
_reflns.limit_k_max                      ? 
_reflns.limit_k_min                      ? 
_reflns.limit_l_max                      ? 
_reflns.limit_l_min                      ? 
_reflns.number_all                       ? 
_reflns.number_obs                       32577 
_reflns.observed_criterion               ? 
_reflns.observed_criterion_F_max         ? 
_reflns.observed_criterion_F_min         ? 
_reflns.observed_criterion_I_max         ? 
_reflns.observed_criterion_I_min         ? 
_reflns.observed_criterion_sigma_F       ? 
_reflns.observed_criterion_sigma_I       ? 
_reflns.percent_possible_obs             90.100 
_reflns.R_free_details                   ? 
_reflns.Rmerge_F_all                     ? 
_reflns.Rmerge_F_obs                     ? 
_reflns.Friedel_coverage                 ? 
_reflns.number_gt                        ? 
_reflns.threshold_expression             ? 
_reflns.pdbx_redundancy                  12.200 
_reflns.pdbx_Rmerge_I_obs                0.073 
_reflns.pdbx_Rmerge_I_all                ? 
_reflns.pdbx_Rsym_value                  ? 
_reflns.pdbx_netI_over_av_sigmaI         ? 
_reflns.pdbx_netI_over_sigmaI            16.400 
_reflns.pdbx_res_netI_over_av_sigmaI_2   ? 
_reflns.pdbx_res_netI_over_sigmaI_2      ? 
_reflns.pdbx_chi_squared                 ? 
_reflns.pdbx_scaling_rejects             ? 
_reflns.pdbx_d_res_high_opt              ? 
_reflns.pdbx_d_res_low_opt               ? 
_reflns.pdbx_d_res_opt_method            ? 
_reflns.phase_calculation_details        ? 
_reflns.pdbx_Rrim_I_all                  0.076 
_reflns.pdbx_Rpim_I_all                  0.021 
_reflns.pdbx_d_opt                       ? 
_reflns.pdbx_number_measured_all         ? 
_reflns.pdbx_diffrn_id                   1 
_reflns.pdbx_ordinal                     1 
_reflns.pdbx_CC_half                     1.000 
_reflns.pdbx_R_split                     ? 
# 
loop_
_reflns_shell.d_res_high 
_reflns_shell.d_res_low 
_reflns_shell.meanI_over_sigI_all 
_reflns_shell.meanI_over_sigI_obs 
_reflns_shell.number_measured_all 
_reflns_shell.number_measured_obs 
_reflns_shell.number_possible 
_reflns_shell.number_unique_all 
_reflns_shell.number_unique_obs 
_reflns_shell.percent_possible_all 
_reflns_shell.percent_possible_obs 
_reflns_shell.Rmerge_F_all 
_reflns_shell.Rmerge_F_obs 
_reflns_shell.Rmerge_I_all 
_reflns_shell.Rmerge_I_obs 
_reflns_shell.meanI_over_sigI_gt 
_reflns_shell.meanI_over_uI_all 
_reflns_shell.meanI_over_uI_gt 
_reflns_shell.number_measured_gt 
_reflns_shell.number_unique_gt 
_reflns_shell.percent_possible_gt 
_reflns_shell.Rmerge_F_gt 
_reflns_shell.Rmerge_I_gt 
_reflns_shell.pdbx_redundancy 
_reflns_shell.pdbx_Rsym_value 
_reflns_shell.pdbx_chi_squared 
_reflns_shell.pdbx_netI_over_sigmaI_all 
_reflns_shell.pdbx_netI_over_sigmaI_obs 
_reflns_shell.pdbx_Rrim_I_all 
_reflns_shell.pdbx_Rpim_I_all 
_reflns_shell.pdbx_rejects 
_reflns_shell.pdbx_ordinal 
_reflns_shell.pdbx_diffrn_id 
_reflns_shell.pdbx_CC_half 
_reflns_shell.pdbx_R_split 
1.250 1.270  ? ? ? ? ? ? 868 48.800 ? ? ? ? 1.8   ? ? ? ? ? ? ? ? 7.700  ? ? ? ? 1.0   1.0   ? 1 1 0.403 ? 
6.850 40.700 ? ? ? ? ? ? 264 99.300 ? ? ? ? 0.020 ? ? ? ? ? ? ? ? 11.700 ? ? ? ? 0.021 0.006 ? 2 1 1.000 ? 
# 
_refine.aniso_B[1][1]                            1.3200 
_refine.aniso_B[1][2]                            0.0000 
_refine.aniso_B[1][3]                            0.0000 
_refine.aniso_B[2][2]                            -1.6000 
_refine.aniso_B[2][3]                            0.0000 
_refine.aniso_B[3][3]                            0.2800 
_refine.B_iso_max                                75.670 
_refine.B_iso_mean                               20.0710 
_refine.B_iso_min                                11.570 
_refine.correlation_coeff_Fo_to_Fc               0.9770 
_refine.correlation_coeff_Fo_to_Fc_free          0.9740 
_refine.details                                  
'HYDROGENS HAVE BEEN ADDED IN THE RIDING POSITIONS U VALUES      : REFINED INDIVIDUALLY' 
_refine.diff_density_max                         ? 
_refine.diff_density_max_esd                     ? 
_refine.diff_density_min                         ? 
_refine.diff_density_min_esd                     ? 
_refine.diff_density_rms                         ? 
_refine.diff_density_rms_esd                     ? 
_refine.entry_id                                 6KXT 
_refine.pdbx_refine_id                           'X-RAY DIFFRACTION' 
_refine.ls_abs_structure_details                 ? 
_refine.ls_abs_structure_Flack                   ? 
_refine.ls_abs_structure_Flack_esd               ? 
_refine.ls_abs_structure_Rogers                  ? 
_refine.ls_abs_structure_Rogers_esd              ? 
_refine.ls_d_res_high                            1.2500 
_refine.ls_d_res_low                             40.7300 
_refine.ls_extinction_coef                       ? 
_refine.ls_extinction_coef_esd                   ? 
_refine.ls_extinction_expression                 ? 
_refine.ls_extinction_method                     ? 
_refine.ls_goodness_of_fit_all                   ? 
_refine.ls_goodness_of_fit_all_esd               ? 
_refine.ls_goodness_of_fit_obs                   ? 
_refine.ls_goodness_of_fit_obs_esd               ? 
_refine.ls_hydrogen_treatment                    ? 
_refine.ls_matrix_type                           ? 
_refine.ls_number_constraints                    ? 
_refine.ls_number_parameters                     ? 
_refine.ls_number_reflns_all                     ? 
_refine.ls_number_reflns_obs                     30701 
_refine.ls_number_reflns_R_free                  1876 
_refine.ls_number_reflns_R_work                  ? 
_refine.ls_number_restraints                     ? 
_refine.ls_percent_reflns_obs                    90.1700 
_refine.ls_percent_reflns_R_free                 5.8000 
_refine.ls_R_factor_all                          ? 
_refine.ls_R_factor_obs                          0.1699 
_refine.ls_R_factor_R_free                       0.1947 
_refine.ls_R_factor_R_free_error                 ? 
_refine.ls_R_factor_R_free_error_details         ? 
_refine.ls_R_factor_R_work                       0.1682 
_refine.ls_R_Fsqd_factor_obs                     ? 
_refine.ls_R_I_factor_obs                        ? 
_refine.ls_redundancy_reflns_all                 ? 
_refine.ls_redundancy_reflns_obs                 ? 
_refine.ls_restrained_S_all                      ? 
_refine.ls_restrained_S_obs                      ? 
_refine.ls_shift_over_esd_max                    ? 
_refine.ls_shift_over_esd_mean                   ? 
_refine.ls_structure_factor_coef                 ? 
_refine.ls_weighting_details                     ? 
_refine.ls_weighting_scheme                      ? 
_refine.ls_wR_factor_all                         ? 
_refine.ls_wR_factor_obs                         ? 
_refine.ls_wR_factor_R_free                      ? 
_refine.ls_wR_factor_R_work                      ? 
_refine.occupancy_max                            ? 
_refine.occupancy_min                            ? 
_refine.solvent_model_details                    ? 
_refine.solvent_model_param_bsol                 ? 
_refine.solvent_model_param_ksol                 ? 
_refine.ls_R_factor_gt                           ? 
_refine.ls_goodness_of_fit_gt                    ? 
_refine.ls_goodness_of_fit_ref                   ? 
_refine.ls_shift_over_su_max                     ? 
_refine.ls_shift_over_su_max_lt                  ? 
_refine.ls_shift_over_su_mean                    ? 
_refine.ls_shift_over_su_mean_lt                 ? 
_refine.pdbx_ls_sigma_I                          ? 
_refine.pdbx_ls_sigma_F                          0.000 
_refine.pdbx_ls_sigma_Fsqd                       ? 
_refine.pdbx_data_cutoff_high_absF               ? 
_refine.pdbx_data_cutoff_high_rms_absF           ? 
_refine.pdbx_data_cutoff_low_absF                ? 
_refine.pdbx_isotropic_thermal_model             ? 
_refine.pdbx_ls_cross_valid_method               THROUGHOUT 
_refine.pdbx_method_to_determine_struct          'MOLECULAR REPLACEMENT' 
_refine.pdbx_starting_model                      ? 
_refine.pdbx_stereochemistry_target_values       ? 
_refine.pdbx_R_Free_selection_details            RANDOM 
_refine.pdbx_stereochem_target_val_spec_case     ? 
_refine.pdbx_overall_ESU_R                       0.0530 
_refine.pdbx_overall_ESU_R_Free                  0.0550 
_refine.pdbx_solvent_vdw_probe_radii             1.2000 
_refine.pdbx_solvent_ion_probe_radii             0.8000 
_refine.pdbx_solvent_shrinkage_radii             0.8000 
_refine.pdbx_real_space_R                        ? 
_refine.pdbx_density_correlation                 ? 
_refine.pdbx_pd_number_of_powder_patterns        ? 
_refine.pdbx_pd_number_of_points                 ? 
_refine.pdbx_pd_meas_number_of_points            ? 
_refine.pdbx_pd_proc_ls_prof_R_factor            ? 
_refine.pdbx_pd_proc_ls_prof_wR_factor           ? 
_refine.pdbx_pd_Marquardt_correlation_coeff      ? 
_refine.pdbx_pd_Fsqrd_R_factor                   ? 
_refine.pdbx_pd_ls_matrix_band_width             ? 
_refine.pdbx_overall_phase_error                 ? 
_refine.pdbx_overall_SU_R_free_Cruickshank_DPI   ? 
_refine.pdbx_overall_SU_R_free_Blow_DPI          ? 
_refine.pdbx_overall_SU_R_Blow_DPI               ? 
_refine.pdbx_TLS_residual_ADP_flag               ? 
_refine.pdbx_diffrn_id                           1 
_refine.overall_SU_B                             1.2840 
_refine.overall_SU_ML                            0.0500 
_refine.overall_SU_R_Cruickshank_DPI             ? 
_refine.overall_SU_R_free                        ? 
_refine.overall_FOM_free_R_set                   ? 
_refine.overall_FOM_work_R_set                   ? 
_refine.pdbx_average_fsc_overall                 ? 
_refine.pdbx_average_fsc_work                    ? 
_refine.pdbx_average_fsc_free                    ? 
# 
_refine_hist.pdbx_refine_id                   'X-RAY DIFFRACTION' 
_refine_hist.cycle_id                         final 
_refine_hist.details                          ? 
_refine_hist.d_res_high                       1.2500 
_refine_hist.d_res_low                        40.7300 
_refine_hist.number_atoms_solvent             200 
_refine_hist.number_atoms_total               1323 
_refine_hist.number_reflns_all                ? 
_refine_hist.number_reflns_obs                ? 
_refine_hist.number_reflns_R_free             ? 
_refine_hist.number_reflns_R_work             ? 
_refine_hist.R_factor_all                     ? 
_refine_hist.R_factor_obs                     ? 
_refine_hist.R_factor_R_free                  ? 
_refine_hist.R_factor_R_work                  ? 
_refine_hist.pdbx_number_residues_total       144 
_refine_hist.pdbx_B_iso_mean_ligand           37.87 
_refine_hist.pdbx_B_iso_mean_solvent          33.34 
_refine_hist.pdbx_number_atoms_protein        1101 
_refine_hist.pdbx_number_atoms_nucleic_acid   0 
_refine_hist.pdbx_number_atoms_ligand         22 
_refine_hist.pdbx_number_atoms_lipid          ? 
_refine_hist.pdbx_number_atoms_carb           ? 
_refine_hist.pdbx_pseudo_atom_details         ? 
# 
loop_
_refine_ls_restr.pdbx_refine_id 
_refine_ls_restr.criterion 
_refine_ls_restr.dev_ideal 
_refine_ls_restr.dev_ideal_target 
_refine_ls_restr.number 
_refine_ls_restr.rejects 
_refine_ls_restr.type 
_refine_ls_restr.weight 
_refine_ls_restr.pdbx_restraint_function 
'X-RAY DIFFRACTION' ? 0.013  0.013  1256 ? r_bond_refined_d       ? ? 
'X-RAY DIFFRACTION' ? 0.001  0.017  1221 ? r_bond_other_d         ? ? 
'X-RAY DIFFRACTION' ? 1.855  1.630  1725 ? r_angle_refined_deg    ? ? 
'X-RAY DIFFRACTION' ? 1.383  1.583  2899 ? r_angle_other_deg      ? ? 
'X-RAY DIFFRACTION' ? 6.944  5.000  180  ? r_dihedral_angle_1_deg ? ? 
'X-RAY DIFFRACTION' ? 36.723 25.833 48   ? r_dihedral_angle_2_deg ? ? 
'X-RAY DIFFRACTION' ? 11.684 15.000 249  ? r_dihedral_angle_3_deg ? ? 
'X-RAY DIFFRACTION' ? 6.238  15.000 2    ? r_dihedral_angle_4_deg ? ? 
'X-RAY DIFFRACTION' ? 0.089  0.200  174  ? r_chiral_restr         ? ? 
'X-RAY DIFFRACTION' ? 0.010  0.020  1377 ? r_gen_planes_refined   ? ? 
'X-RAY DIFFRACTION' ? 0.002  0.020  217  ? r_gen_planes_other     ? ? 
# 
_refine_ls_shell.pdbx_refine_id                   'X-RAY DIFFRACTION' 
_refine_ls_shell.d_res_high                       1.2500 
_refine_ls_shell.d_res_low                        1.2820 
_refine_ls_shell.number_reflns_all                ? 
_refine_ls_shell.number_reflns_obs                ? 
_refine_ls_shell.number_reflns_R_free             385 
_refine_ls_shell.number_reflns_R_work             930 
_refine_ls_shell.percent_reflns_obs               50.1000 
_refine_ls_shell.percent_reflns_R_free            ? 
_refine_ls_shell.R_factor_all                     ? 
_refine_ls_shell.R_factor_obs                     ? 
_refine_ls_shell.R_factor_R_free                  0.3720 
_refine_ls_shell.R_factor_R_free_error            0.0000 
_refine_ls_shell.R_factor_R_work                  0.3240 
_refine_ls_shell.redundancy_reflns_all            ? 
_refine_ls_shell.redundancy_reflns_obs            ? 
_refine_ls_shell.wR_factor_all                    ? 
_refine_ls_shell.wR_factor_obs                    ? 
_refine_ls_shell.wR_factor_R_free                 ? 
_refine_ls_shell.wR_factor_R_work                 ? 
_refine_ls_shell.pdbx_total_number_of_bins_used   ? 
_refine_ls_shell.pdbx_phase_error                 ? 
_refine_ls_shell.pdbx_fsc_work                    ? 
_refine_ls_shell.pdbx_fsc_free                    ? 
# 
_struct.entry_id                     6KXT 
_struct.title                        BON1-C2B 
_struct.pdbx_model_details           ? 
_struct.pdbx_formula_weight          ? 
_struct.pdbx_formula_weight_method   ? 
_struct.pdbx_model_type_details      ? 
_struct.pdbx_CASP_flag               N 
# 
_struct_keywords.entry_id        6KXT 
_struct_keywords.text            'Copines, BON1, C2 domain, Phospholipid, Membrane., LIPID BINDING PROTEIN' 
_struct_keywords.pdbx_keywords   'LIPID BINDING PROTEIN' 
# 
loop_
_struct_asym.id 
_struct_asym.pdbx_blank_PDB_chainid_flag 
_struct_asym.pdbx_modified 
_struct_asym.entity_id 
_struct_asym.details 
A N N 1 ? 
B N N 2 ? 
C N N 3 ? 
D N N 3 ? 
E N N 4 ? 
# 
_struct_ref.id                         1 
_struct_ref.db_name                    UNP 
_struct_ref.db_code                    BON1_ARATH 
_struct_ref.pdbx_db_accession          Q941L3 
_struct_ref.pdbx_db_isoform            ? 
_struct_ref.entity_id                  1 
_struct_ref.pdbx_seq_one_letter_code   
;SKISTEIVFRCSNLESKDLFSKSDPFLVVSKIVEHGTPIPVSKTEVRKNDLNPIWKPVFLSVQQVGSKDSPVIIECSDFN
SNGKHSLIGKVQKSLSDLEKLHLAGQGINFSLPTGAGQNKVLKSQLFVDKFTETV
;
_struct_ref.pdbx_align_begin           192 
# 
_struct_ref_seq.align_id                      1 
_struct_ref_seq.ref_id                        1 
_struct_ref_seq.pdbx_PDB_id_code              6KXT 
_struct_ref_seq.pdbx_strand_id                A 
_struct_ref_seq.seq_align_beg                 10 
_struct_ref_seq.pdbx_seq_align_beg_ins_code   ? 
_struct_ref_seq.seq_align_end                 144 
_struct_ref_seq.pdbx_seq_align_end_ins_code   ? 
_struct_ref_seq.pdbx_db_accession             Q941L3 
_struct_ref_seq.db_align_beg                  192 
_struct_ref_seq.pdbx_db_align_beg_ins_code    ? 
_struct_ref_seq.db_align_end                  326 
_struct_ref_seq.pdbx_db_align_end_ins_code    ? 
_struct_ref_seq.pdbx_auth_seq_align_beg       163 
_struct_ref_seq.pdbx_auth_seq_align_end       297 
# 
loop_
_struct_ref_seq_dif.align_id 
_struct_ref_seq_dif.pdbx_pdb_id_code 
_struct_ref_seq_dif.mon_id 
_struct_ref_seq_dif.pdbx_pdb_strand_id 
_struct_ref_seq_dif.seq_num 
_struct_ref_seq_dif.pdbx_pdb_ins_code 
_struct_ref_seq_dif.pdbx_seq_db_name 
_struct_ref_seq_dif.pdbx_seq_db_accession_code 
_struct_ref_seq_dif.db_mon_id 
_struct_ref_seq_dif.pdbx_seq_db_seq_num 
_struct_ref_seq_dif.details 
_struct_ref_seq_dif.pdbx_auth_seq_num 
_struct_ref_seq_dif.pdbx_ordinal 
1 6KXT GLY A 1 ? UNP Q941L3 ? ? 'expression tag' 154 1 
1 6KXT THR A 2 ? UNP Q941L3 ? ? 'expression tag' 155 2 
1 6KXT SER A 3 ? UNP Q941L3 ? ? 'expression tag' 156 3 
1 6KXT SER A 4 ? UNP Q941L3 ? ? 'expression tag' 157 4 
1 6KXT MET A 5 ? UNP Q941L3 ? ? 'expression tag' 158 5 
1 6KXT ALA A 6 ? UNP Q941L3 ? ? 'expression tag' 159 6 
1 6KXT ASP A 7 ? UNP Q941L3 ? ? 'expression tag' 160 7 
1 6KXT ILE A 8 ? UNP Q941L3 ? ? 'expression tag' 161 8 
1 6KXT GLY A 9 ? UNP Q941L3 ? ? 'expression tag' 162 9 
# 
_pdbx_struct_assembly.id                   1 
_pdbx_struct_assembly.details              author_and_software_defined_assembly 
_pdbx_struct_assembly.method_details       PISA 
_pdbx_struct_assembly.oligomeric_details   monomeric 
_pdbx_struct_assembly.oligomeric_count     1 
# 
loop_
_pdbx_struct_assembly_prop.biol_id 
_pdbx_struct_assembly_prop.type 
_pdbx_struct_assembly_prop.value 
_pdbx_struct_assembly_prop.details 
1 'ABSA (A^2)' 130  ? 
1 MORE         -8   ? 
1 'SSA (A^2)'  8680 ? 
# 
_pdbx_struct_assembly_gen.assembly_id       1 
_pdbx_struct_assembly_gen.oper_expression   1 
_pdbx_struct_assembly_gen.asym_id_list      A,B,C,D,E 
# 
_pdbx_struct_assembly_auth_evidence.id                     1 
_pdbx_struct_assembly_auth_evidence.assembly_id            1 
_pdbx_struct_assembly_auth_evidence.experimental_support   none 
_pdbx_struct_assembly_auth_evidence.details                ? 
# 
_pdbx_struct_oper_list.id                   1 
_pdbx_struct_oper_list.type                 'identity operation' 
_pdbx_struct_oper_list.name                 1_555 
_pdbx_struct_oper_list.symmetry_operation   x,y,z 
_pdbx_struct_oper_list.matrix[1][1]         1.0000000000 
_pdbx_struct_oper_list.matrix[1][2]         0.0000000000 
_pdbx_struct_oper_list.matrix[1][3]         0.0000000000 
_pdbx_struct_oper_list.vector[1]            0.0000000000 
_pdbx_struct_oper_list.matrix[2][1]         0.0000000000 
_pdbx_struct_oper_list.matrix[2][2]         1.0000000000 
_pdbx_struct_oper_list.matrix[2][3]         0.0000000000 
_pdbx_struct_oper_list.vector[2]            0.0000000000 
_pdbx_struct_oper_list.matrix[3][1]         0.0000000000 
_pdbx_struct_oper_list.matrix[3][2]         0.0000000000 
_pdbx_struct_oper_list.matrix[3][3]         1.0000000000 
_pdbx_struct_oper_list.vector[3]            0.0000000000 
# 
loop_
_struct_conf.conf_type_id 
_struct_conf.id 
_struct_conf.pdbx_PDB_helix_id 
_struct_conf.beg_label_comp_id 
_struct_conf.beg_label_asym_id 
_struct_conf.beg_label_seq_id 
_struct_conf.pdbx_beg_PDB_ins_code 
_struct_conf.end_label_comp_id 
_struct_conf.end_label_asym_id 
_struct_conf.end_label_seq_id 
_struct_conf.pdbx_end_PDB_ins_code 
_struct_conf.beg_auth_comp_id 
_struct_conf.beg_auth_asym_id 
_struct_conf.beg_auth_seq_id 
_struct_conf.end_auth_comp_id 
_struct_conf.end_auth_asym_id 
_struct_conf.end_auth_seq_id 
_struct_conf.pdbx_PDB_helix_class 
_struct_conf.details 
_struct_conf.pdbx_PDB_helix_length 
HELX_P HELX_P1 AA1 SER A 4   ? LYS A 11  ? SER A 157 LYS A 164 1 ? 8  
HELX_P HELX_P2 AA2 VAL A 71  ? GLY A 75  ? VAL A 224 GLY A 228 1 ? 5  
HELX_P HELX_P3 AA3 SER A 103 ? GLY A 114 ? SER A 256 GLY A 267 1 ? 12 
# 
_struct_conf_type.id          HELX_P 
_struct_conf_type.criteria    ? 
_struct_conf_type.reference   ? 
# 
loop_
_struct_sheet.id 
_struct_sheet.type 
_struct_sheet.number_strands 
_struct_sheet.details 
AA1 ? 4 ? 
AA2 ? 4 ? 
# 
loop_
_struct_sheet_order.sheet_id 
_struct_sheet_order.range_id_1 
_struct_sheet_order.range_id_2 
_struct_sheet_order.offset 
_struct_sheet_order.sense 
AA1 1 2 ? anti-parallel 
AA1 2 3 ? anti-parallel 
AA1 3 4 ? anti-parallel 
AA2 1 2 ? anti-parallel 
AA2 2 3 ? anti-parallel 
AA2 3 4 ? anti-parallel 
# 
loop_
_struct_sheet_range.sheet_id 
_struct_sheet_range.id 
_struct_sheet_range.beg_label_comp_id 
_struct_sheet_range.beg_label_asym_id 
_struct_sheet_range.beg_label_seq_id 
_struct_sheet_range.pdbx_beg_PDB_ins_code 
_struct_sheet_range.end_label_comp_id 
_struct_sheet_range.end_label_asym_id 
_struct_sheet_range.end_label_seq_id 
_struct_sheet_range.pdbx_end_PDB_ins_code 
_struct_sheet_range.beg_auth_comp_id 
_struct_sheet_range.beg_auth_asym_id 
_struct_sheet_range.beg_auth_seq_id 
_struct_sheet_range.end_auth_comp_id 
_struct_sheet_range.end_auth_asym_id 
_struct_sheet_range.end_auth_seq_id 
AA1 1 VAL A 67  ? SER A 70  ? VAL A 220 SER A 223 
AA1 2 SER A 13  ? SER A 21  ? SER A 166 SER A 174 
AA1 3 LYS A 129 ? THR A 143 ? LYS A 282 THR A 296 
AA1 4 ILE A 117 ? LEU A 121 ? ILE A 270 LEU A 274 
AA2 1 ILE A 48  ? LYS A 52  ? ILE A 201 LYS A 205 
AA2 2 PRO A 34  ? LYS A 40  ? PRO A 187 LYS A 193 
AA2 3 VAL A 81  ? ASP A 87  ? VAL A 234 ASP A 240 
AA2 4 SER A 95  ? LYS A 102 ? SER A 248 LYS A 255 
# 
loop_
_pdbx_struct_sheet_hbond.sheet_id 
_pdbx_struct_sheet_hbond.range_id_1 
_pdbx_struct_sheet_hbond.range_id_2 
_pdbx_struct_sheet_hbond.range_1_label_atom_id 
_pdbx_struct_sheet_hbond.range_1_label_comp_id 
_pdbx_struct_sheet_hbond.range_1_label_asym_id 
_pdbx_struct_sheet_hbond.range_1_label_seq_id 
_pdbx_struct_sheet_hbond.range_1_PDB_ins_code 
_pdbx_struct_sheet_hbond.range_1_auth_atom_id 
_pdbx_struct_sheet_hbond.range_1_auth_comp_id 
_pdbx_struct_sheet_hbond.range_1_auth_asym_id 
_pdbx_struct_sheet_hbond.range_1_auth_seq_id 
_pdbx_struct_sheet_hbond.range_2_label_atom_id 
_pdbx_struct_sheet_hbond.range_2_label_comp_id 
_pdbx_struct_sheet_hbond.range_2_label_asym_id 
_pdbx_struct_sheet_hbond.range_2_label_seq_id 
_pdbx_struct_sheet_hbond.range_2_PDB_ins_code 
_pdbx_struct_sheet_hbond.range_2_auth_atom_id 
_pdbx_struct_sheet_hbond.range_2_auth_comp_id 
_pdbx_struct_sheet_hbond.range_2_auth_asym_id 
_pdbx_struct_sheet_hbond.range_2_auth_seq_id 
AA1 1 2 O LEU A 69  ? O LEU A 222 N THR A 14  ? N THR A 167 
AA1 2 3 N GLU A 15  ? N GLU A 168 O THR A 141 ? O THR A 294 
AA1 3 4 O LEU A 131 ? O LEU A 284 N PHE A 119 ? N PHE A 272 
AA2 1 2 O VAL A 50  ? O VAL A 203 N VAL A 38  ? N VAL A 191 
AA2 2 3 N SER A 39  ? N SER A 192 O ILE A 82  ? O ILE A 235 
AA2 3 4 N ASP A 87  ? N ASP A 240 O SER A 95  ? O SER A 248 
# 
loop_
_struct_site.id 
_struct_site.pdbx_evidence_code 
_struct_site.pdbx_auth_asym_id 
_struct_site.pdbx_auth_comp_id 
_struct_site.pdbx_auth_seq_id 
_struct_site.pdbx_auth_ins_code 
_struct_site.pdbx_num_residues 
_struct_site.details 
AC1 Software A MES 301 ? 8  'binding site for residue MES A 301' 
AC2 Software A SO4 302 ? 10 'binding site for residue SO4 A 302' 
AC3 Software A SO4 303 ? 9  'binding site for residue SO4 A 303' 
# 
loop_
_struct_site_gen.id 
_struct_site_gen.site_id 
_struct_site_gen.pdbx_num_res 
_struct_site_gen.label_comp_id 
_struct_site_gen.label_asym_id 
_struct_site_gen.label_seq_id 
_struct_site_gen.pdbx_auth_ins_code 
_struct_site_gen.auth_comp_id 
_struct_site_gen.auth_asym_id 
_struct_site_gen.auth_seq_id 
_struct_site_gen.label_atom_id 
_struct_site_gen.label_alt_id 
_struct_site_gen.symmetry 
_struct_site_gen.details 
1  AC1 8  LEU A 28  ? LEU A 181 . ? 1_555 ? 
2  AC1 8  PHE A 29  ? PHE A 182 . ? 1_555 ? 
3  AC1 8  SER A 30  ? SER A 183 . ? 1_555 ? 
4  AC1 8  SER A 90  ? SER A 243 . ? 2_455 ? 
5  AC1 8  ASN A 91  ? ASN A 244 . ? 2_455 ? 
6  AC1 8  HOH E .   ? HOH A 449 . ? 1_555 ? 
7  AC1 8  HOH E .   ? HOH A 518 . ? 1_555 ? 
8  AC1 8  HOH E .   ? HOH A 550 . ? 1_555 ? 
9  AC2 10 LYS A 93  ? LYS A 246 . ? 7_444 ? 
10 AC2 10 LYS A 109 ? LYS A 262 . ? 2_545 ? 
11 AC2 10 HOH E .   ? HOH A 418 . ? 1_555 ? 
12 AC2 10 HOH E .   ? HOH A 470 . ? 1_555 ? 
13 AC2 10 HOH E .   ? HOH A 470 . ? 2_545 ? 
14 AC2 10 HOH E .   ? HOH A 483 . ? 1_555 ? 
15 AC2 10 HOH E .   ? HOH A 490 . ? 1_555 ? 
16 AC2 10 HOH E .   ? HOH A 494 . ? 2_545 ? 
17 AC2 10 HOH E .   ? HOH A 516 . ? 1_555 ? 
18 AC2 10 HOH E .   ? HOH A 525 . ? 1_555 ? 
19 AC3 9  GLY A 1   ? GLY A 154 . ? 4_545 ? 
20 AC3 9  LEU A 28  ? LEU A 181 . ? 4_555 ? 
21 AC3 9  HIS A 44  ? HIS A 197 . ? 6_445 ? 
22 AC3 9  ARG A 56  ? ARG A 209 . ? 1_555 ? 
23 AC3 9  GLN A 115 ? GLN A 268 . ? 3_555 ? 
24 AC3 9  HOH E .   ? HOH A 437 . ? 6_445 ? 
25 AC3 9  HOH E .   ? HOH A 474 . ? 1_555 ? 
26 AC3 9  HOH E .   ? HOH A 527 . ? 1_555 ? 
27 AC3 9  HOH E .   ? HOH A 532 . ? 1_555 ? 
# 
_pdbx_validate_close_contact.id               1 
_pdbx_validate_close_contact.PDB_model_num    1 
_pdbx_validate_close_contact.auth_atom_id_1   O 
_pdbx_validate_close_contact.auth_asym_id_1   A 
_pdbx_validate_close_contact.auth_comp_id_1   HOH 
_pdbx_validate_close_contact.auth_seq_id_1    413 
_pdbx_validate_close_contact.PDB_ins_code_1   ? 
_pdbx_validate_close_contact.label_alt_id_1   ? 
_pdbx_validate_close_contact.auth_atom_id_2   O 
_pdbx_validate_close_contact.auth_asym_id_2   A 
_pdbx_validate_close_contact.auth_comp_id_2   HOH 
_pdbx_validate_close_contact.auth_seq_id_2    565 
_pdbx_validate_close_contact.PDB_ins_code_2   ? 
_pdbx_validate_close_contact.label_alt_id_2   ? 
_pdbx_validate_close_contact.dist             2.19 
# 
loop_
_pdbx_validate_symm_contact.id 
_pdbx_validate_symm_contact.PDB_model_num 
_pdbx_validate_symm_contact.auth_atom_id_1 
_pdbx_validate_symm_contact.auth_asym_id_1 
_pdbx_validate_symm_contact.auth_comp_id_1 
_pdbx_validate_symm_contact.auth_seq_id_1 
_pdbx_validate_symm_contact.PDB_ins_code_1 
_pdbx_validate_symm_contact.label_alt_id_1 
_pdbx_validate_symm_contact.site_symmetry_1 
_pdbx_validate_symm_contact.auth_atom_id_2 
_pdbx_validate_symm_contact.auth_asym_id_2 
_pdbx_validate_symm_contact.auth_comp_id_2 
_pdbx_validate_symm_contact.auth_seq_id_2 
_pdbx_validate_symm_contact.PDB_ins_code_2 
_pdbx_validate_symm_contact.label_alt_id_2 
_pdbx_validate_symm_contact.site_symmetry_2 
_pdbx_validate_symm_contact.dist 
1 1 O A HOH 505 ? ? 1_555 O A HOH 505 ? ? 4_555 1.54 
2 1 O A HOH 539 ? ? 1_555 O A HOH 539 ? ? 3_555 2.17 
3 1 O A HOH 572 ? ? 1_555 O A HOH 598 ? ? 8_444 2.19 
# 
_pdbx_validate_rmsd_angle.id                         1 
_pdbx_validate_rmsd_angle.PDB_model_num              1 
_pdbx_validate_rmsd_angle.auth_atom_id_1             NE 
_pdbx_validate_rmsd_angle.auth_asym_id_1             A 
_pdbx_validate_rmsd_angle.auth_comp_id_1             ARG 
_pdbx_validate_rmsd_angle.auth_seq_id_1              209 
_pdbx_validate_rmsd_angle.PDB_ins_code_1             ? 
_pdbx_validate_rmsd_angle.label_alt_id_1             ? 
_pdbx_validate_rmsd_angle.auth_atom_id_2             CZ 
_pdbx_validate_rmsd_angle.auth_asym_id_2             A 
_pdbx_validate_rmsd_angle.auth_comp_id_2             ARG 
_pdbx_validate_rmsd_angle.auth_seq_id_2              209 
_pdbx_validate_rmsd_angle.PDB_ins_code_2             ? 
_pdbx_validate_rmsd_angle.label_alt_id_2             ? 
_pdbx_validate_rmsd_angle.auth_atom_id_3             NH2 
_pdbx_validate_rmsd_angle.auth_asym_id_3             A 
_pdbx_validate_rmsd_angle.auth_comp_id_3             ARG 
_pdbx_validate_rmsd_angle.auth_seq_id_3              209 
_pdbx_validate_rmsd_angle.PDB_ins_code_3             ? 
_pdbx_validate_rmsd_angle.label_alt_id_3             ? 
_pdbx_validate_rmsd_angle.angle_value                117.20 
_pdbx_validate_rmsd_angle.angle_target_value         120.30 
_pdbx_validate_rmsd_angle.angle_deviation            -3.10 
_pdbx_validate_rmsd_angle.angle_standard_deviation   0.50 
_pdbx_validate_rmsd_angle.linker_flag                N 
# 
_pdbx_validate_torsion.id              1 
_pdbx_validate_torsion.PDB_model_num   1 
_pdbx_validate_torsion.auth_comp_id    LEU 
_pdbx_validate_torsion.auth_asym_id    A 
_pdbx_validate_torsion.auth_seq_id     181 
_pdbx_validate_torsion.PDB_ins_code    ? 
_pdbx_validate_torsion.label_alt_id    ? 
_pdbx_validate_torsion.phi             81.87 
_pdbx_validate_torsion.psi             5.06 
# 
loop_
_pdbx_struct_special_symmetry.id 
_pdbx_struct_special_symmetry.PDB_model_num 
_pdbx_struct_special_symmetry.auth_asym_id 
_pdbx_struct_special_symmetry.auth_comp_id 
_pdbx_struct_special_symmetry.auth_seq_id 
_pdbx_struct_special_symmetry.PDB_ins_code 
_pdbx_struct_special_symmetry.label_asym_id 
_pdbx_struct_special_symmetry.label_comp_id 
_pdbx_struct_special_symmetry.label_seq_id 
1 1 A HOH 470 ? E HOH . 
2 1 A HOH 536 ? E HOH . 
3 1 A HOH 543 ? E HOH . 
4 1 A HOH 581 ? E HOH . 
# 
_pdbx_entry_details.entry_id                 6KXT 
_pdbx_entry_details.has_ligand_of_interest   N 
_pdbx_entry_details.compound_details         ? 
_pdbx_entry_details.source_details           ? 
_pdbx_entry_details.nonpolymer_details       ? 
_pdbx_entry_details.sequence_details         ? 
# 
loop_
_chem_comp_atom.comp_id 
_chem_comp_atom.atom_id 
_chem_comp_atom.type_symbol 
_chem_comp_atom.pdbx_aromatic_flag 
_chem_comp_atom.pdbx_stereo_config 
_chem_comp_atom.pdbx_ordinal 
ALA N    N N N 1   
ALA CA   C N S 2   
ALA C    C N N 3   
ALA O    O N N 4   
ALA CB   C N N 5   
ALA OXT  O N N 6   
ALA H    H N N 7   
ALA H2   H N N 8   
ALA HA   H N N 9   
ALA HB1  H N N 10  
ALA HB2  H N N 11  
ALA HB3  H N N 12  
ALA HXT  H N N 13  
ARG N    N N N 14  
ARG CA   C N S 15  
ARG C    C N N 16  
ARG O    O N N 17  
ARG CB   C N N 18  
ARG CG   C N N 19  
ARG CD   C N N 20  
ARG NE   N N N 21  
ARG CZ   C N N 22  
ARG NH1  N N N 23  
ARG NH2  N N N 24  
ARG OXT  O N N 25  
ARG H    H N N 26  
ARG H2   H N N 27  
ARG HA   H N N 28  
ARG HB2  H N N 29  
ARG HB3  H N N 30  
ARG HG2  H N N 31  
ARG HG3  H N N 32  
ARG HD2  H N N 33  
ARG HD3  H N N 34  
ARG HE   H N N 35  
ARG HH11 H N N 36  
ARG HH12 H N N 37  
ARG HH21 H N N 38  
ARG HH22 H N N 39  
ARG HXT  H N N 40  
ASN N    N N N 41  
ASN CA   C N S 42  
ASN C    C N N 43  
ASN O    O N N 44  
ASN CB   C N N 45  
ASN CG   C N N 46  
ASN OD1  O N N 47  
ASN ND2  N N N 48  
ASN OXT  O N N 49  
ASN H    H N N 50  
ASN H2   H N N 51  
ASN HA   H N N 52  
ASN HB2  H N N 53  
ASN HB3  H N N 54  
ASN HD21 H N N 55  
ASN HD22 H N N 56  
ASN HXT  H N N 57  
ASP N    N N N 58  
ASP CA   C N S 59  
ASP C    C N N 60  
ASP O    O N N 61  
ASP CB   C N N 62  
ASP CG   C N N 63  
ASP OD1  O N N 64  
ASP OD2  O N N 65  
ASP OXT  O N N 66  
ASP H    H N N 67  
ASP H2   H N N 68  
ASP HA   H N N 69  
ASP HB2  H N N 70  
ASP HB3  H N N 71  
ASP HD2  H N N 72  
ASP HXT  H N N 73  
CYS N    N N N 74  
CYS CA   C N R 75  
CYS C    C N N 76  
CYS O    O N N 77  
CYS CB   C N N 78  
CYS SG   S N N 79  
CYS OXT  O N N 80  
CYS H    H N N 81  
CYS H2   H N N 82  
CYS HA   H N N 83  
CYS HB2  H N N 84  
CYS HB3  H N N 85  
CYS HG   H N N 86  
CYS HXT  H N N 87  
GLN N    N N N 88  
GLN CA   C N S 89  
GLN C    C N N 90  
GLN O    O N N 91  
GLN CB   C N N 92  
GLN CG   C N N 93  
GLN CD   C N N 94  
GLN OE1  O N N 95  
GLN NE2  N N N 96  
GLN OXT  O N N 97  
GLN H    H N N 98  
GLN H2   H N N 99  
GLN HA   H N N 100 
GLN HB2  H N N 101 
GLN HB3  H N N 102 
GLN HG2  H N N 103 
GLN HG3  H N N 104 
GLN HE21 H N N 105 
GLN HE22 H N N 106 
GLN HXT  H N N 107 
GLU N    N N N 108 
GLU CA   C N S 109 
GLU C    C N N 110 
GLU O    O N N 111 
GLU CB   C N N 112 
GLU CG   C N N 113 
GLU CD   C N N 114 
GLU OE1  O N N 115 
GLU OE2  O N N 116 
GLU OXT  O N N 117 
GLU H    H N N 118 
GLU H2   H N N 119 
GLU HA   H N N 120 
GLU HB2  H N N 121 
GLU HB3  H N N 122 
GLU HG2  H N N 123 
GLU HG3  H N N 124 
GLU HE2  H N N 125 
GLU HXT  H N N 126 
GLY N    N N N 127 
GLY CA   C N N 128 
GLY C    C N N 129 
GLY O    O N N 130 
GLY OXT  O N N 131 
GLY H    H N N 132 
GLY H2   H N N 133 
GLY HA2  H N N 134 
GLY HA3  H N N 135 
GLY HXT  H N N 136 
HIS N    N N N 137 
HIS CA   C N S 138 
HIS C    C N N 139 
HIS O    O N N 140 
HIS CB   C N N 141 
HIS CG   C Y N 142 
HIS ND1  N Y N 143 
HIS CD2  C Y N 144 
HIS CE1  C Y N 145 
HIS NE2  N Y N 146 
HIS OXT  O N N 147 
HIS H    H N N 148 
HIS H2   H N N 149 
HIS HA   H N N 150 
HIS HB2  H N N 151 
HIS HB3  H N N 152 
HIS HD1  H N N 153 
HIS HD2  H N N 154 
HIS HE1  H N N 155 
HIS HE2  H N N 156 
HIS HXT  H N N 157 
HOH O    O N N 158 
HOH H1   H N N 159 
HOH H2   H N N 160 
ILE N    N N N 161 
ILE CA   C N S 162 
ILE C    C N N 163 
ILE O    O N N 164 
ILE CB   C N S 165 
ILE CG1  C N N 166 
ILE CG2  C N N 167 
ILE CD1  C N N 168 
ILE OXT  O N N 169 
ILE H    H N N 170 
ILE H2   H N N 171 
ILE HA   H N N 172 
ILE HB   H N N 173 
ILE HG12 H N N 174 
ILE HG13 H N N 175 
ILE HG21 H N N 176 
ILE HG22 H N N 177 
ILE HG23 H N N 178 
ILE HD11 H N N 179 
ILE HD12 H N N 180 
ILE HD13 H N N 181 
ILE HXT  H N N 182 
LEU N    N N N 183 
LEU CA   C N S 184 
LEU C    C N N 185 
LEU O    O N N 186 
LEU CB   C N N 187 
LEU CG   C N N 188 
LEU CD1  C N N 189 
LEU CD2  C N N 190 
LEU OXT  O N N 191 
LEU H    H N N 192 
LEU H2   H N N 193 
LEU HA   H N N 194 
LEU HB2  H N N 195 
LEU HB3  H N N 196 
LEU HG   H N N 197 
LEU HD11 H N N 198 
LEU HD12 H N N 199 
LEU HD13 H N N 200 
LEU HD21 H N N 201 
LEU HD22 H N N 202 
LEU HD23 H N N 203 
LEU HXT  H N N 204 
LYS N    N N N 205 
LYS CA   C N S 206 
LYS C    C N N 207 
LYS O    O N N 208 
LYS CB   C N N 209 
LYS CG   C N N 210 
LYS CD   C N N 211 
LYS CE   C N N 212 
LYS NZ   N N N 213 
LYS OXT  O N N 214 
LYS H    H N N 215 
LYS H2   H N N 216 
LYS HA   H N N 217 
LYS HB2  H N N 218 
LYS HB3  H N N 219 
LYS HG2  H N N 220 
LYS HG3  H N N 221 
LYS HD2  H N N 222 
LYS HD3  H N N 223 
LYS HE2  H N N 224 
LYS HE3  H N N 225 
LYS HZ1  H N N 226 
LYS HZ2  H N N 227 
LYS HZ3  H N N 228 
LYS HXT  H N N 229 
MES O1   O N N 230 
MES C2   C N N 231 
MES C3   C N N 232 
MES N4   N N N 233 
MES C5   C N N 234 
MES C6   C N N 235 
MES C7   C N N 236 
MES C8   C N N 237 
MES S    S N N 238 
MES O1S  O N N 239 
MES O2S  O N N 240 
MES O3S  O N N 241 
MES H21  H N N 242 
MES H22  H N N 243 
MES H31  H N N 244 
MES H32  H N N 245 
MES HN4  H N N 246 
MES H51  H N N 247 
MES H52  H N N 248 
MES H61  H N N 249 
MES H62  H N N 250 
MES H71  H N N 251 
MES H72  H N N 252 
MES H81  H N N 253 
MES H82  H N N 254 
MET N    N N N 255 
MET CA   C N S 256 
MET C    C N N 257 
MET O    O N N 258 
MET CB   C N N 259 
MET CG   C N N 260 
MET SD   S N N 261 
MET CE   C N N 262 
MET OXT  O N N 263 
MET H    H N N 264 
MET H2   H N N 265 
MET HA   H N N 266 
MET HB2  H N N 267 
MET HB3  H N N 268 
MET HG2  H N N 269 
MET HG3  H N N 270 
MET HE1  H N N 271 
MET HE2  H N N 272 
MET HE3  H N N 273 
MET HXT  H N N 274 
PHE N    N N N 275 
PHE CA   C N S 276 
PHE C    C N N 277 
PHE O    O N N 278 
PHE CB   C N N 279 
PHE CG   C Y N 280 
PHE CD1  C Y N 281 
PHE CD2  C Y N 282 
PHE CE1  C Y N 283 
PHE CE2  C Y N 284 
PHE CZ   C Y N 285 
PHE OXT  O N N 286 
PHE H    H N N 287 
PHE H2   H N N 288 
PHE HA   H N N 289 
PHE HB2  H N N 290 
PHE HB3  H N N 291 
PHE HD1  H N N 292 
PHE HD2  H N N 293 
PHE HE1  H N N 294 
PHE HE2  H N N 295 
PHE HZ   H N N 296 
PHE HXT  H N N 297 
PRO N    N N N 298 
PRO CA   C N S 299 
PRO C    C N N 300 
PRO O    O N N 301 
PRO CB   C N N 302 
PRO CG   C N N 303 
PRO CD   C N N 304 
PRO OXT  O N N 305 
PRO H    H N N 306 
PRO HA   H N N 307 
PRO HB2  H N N 308 
PRO HB3  H N N 309 
PRO HG2  H N N 310 
PRO HG3  H N N 311 
PRO HD2  H N N 312 
PRO HD3  H N N 313 
PRO HXT  H N N 314 
SER N    N N N 315 
SER CA   C N S 316 
SER C    C N N 317 
SER O    O N N 318 
SER CB   C N N 319 
SER OG   O N N 320 
SER OXT  O N N 321 
SER H    H N N 322 
SER H2   H N N 323 
SER HA   H N N 324 
SER HB2  H N N 325 
SER HB3  H N N 326 
SER HG   H N N 327 
SER HXT  H N N 328 
SO4 S    S N N 329 
SO4 O1   O N N 330 
SO4 O2   O N N 331 
SO4 O3   O N N 332 
SO4 O4   O N N 333 
THR N    N N N 334 
THR CA   C N S 335 
THR C    C N N 336 
THR O    O N N 337 
THR CB   C N R 338 
THR OG1  O N N 339 
THR CG2  C N N 340 
THR OXT  O N N 341 
THR H    H N N 342 
THR H2   H N N 343 
THR HA   H N N 344 
THR HB   H N N 345 
THR HG1  H N N 346 
THR HG21 H N N 347 
THR HG22 H N N 348 
THR HG23 H N N 349 
THR HXT  H N N 350 
TRP N    N N N 351 
TRP CA   C N S 352 
TRP C    C N N 353 
TRP O    O N N 354 
TRP CB   C N N 355 
TRP CG   C Y N 356 
TRP CD1  C Y N 357 
TRP CD2  C Y N 358 
TRP NE1  N Y N 359 
TRP CE2  C Y N 360 
TRP CE3  C Y N 361 
TRP CZ2  C Y N 362 
TRP CZ3  C Y N 363 
TRP CH2  C Y N 364 
TRP OXT  O N N 365 
TRP H    H N N 366 
TRP H2   H N N 367 
TRP HA   H N N 368 
TRP HB2  H N N 369 
TRP HB3  H N N 370 
TRP HD1  H N N 371 
TRP HE1  H N N 372 
TRP HE3  H N N 373 
TRP HZ2  H N N 374 
TRP HZ3  H N N 375 
TRP HH2  H N N 376 
TRP HXT  H N N 377 
VAL N    N N N 378 
VAL CA   C N S 379 
VAL C    C N N 380 
VAL O    O N N 381 
VAL CB   C N N 382 
VAL CG1  C N N 383 
VAL CG2  C N N 384 
VAL OXT  O N N 385 
VAL H    H N N 386 
VAL H2   H N N 387 
VAL HA   H N N 388 
VAL HB   H N N 389 
VAL HG11 H N N 390 
VAL HG12 H N N 391 
VAL HG13 H N N 392 
VAL HG21 H N N 393 
VAL HG22 H N N 394 
VAL HG23 H N N 395 
VAL HXT  H N N 396 
# 
loop_
_chem_comp_bond.comp_id 
_chem_comp_bond.atom_id_1 
_chem_comp_bond.atom_id_2 
_chem_comp_bond.value_order 
_chem_comp_bond.pdbx_aromatic_flag 
_chem_comp_bond.pdbx_stereo_config 
_chem_comp_bond.pdbx_ordinal 
ALA N   CA   sing N N 1   
ALA N   H    sing N N 2   
ALA N   H2   sing N N 3   
ALA CA  C    sing N N 4   
ALA CA  CB   sing N N 5   
ALA CA  HA   sing N N 6   
ALA C   O    doub N N 7   
ALA C   OXT  sing N N 8   
ALA CB  HB1  sing N N 9   
ALA CB  HB2  sing N N 10  
ALA CB  HB3  sing N N 11  
ALA OXT HXT  sing N N 12  
ARG N   CA   sing N N 13  
ARG N   H    sing N N 14  
ARG N   H2   sing N N 15  
ARG CA  C    sing N N 16  
ARG CA  CB   sing N N 17  
ARG CA  HA   sing N N 18  
ARG C   O    doub N N 19  
ARG C   OXT  sing N N 20  
ARG CB  CG   sing N N 21  
ARG CB  HB2  sing N N 22  
ARG CB  HB3  sing N N 23  
ARG CG  CD   sing N N 24  
ARG CG  HG2  sing N N 25  
ARG CG  HG3  sing N N 26  
ARG CD  NE   sing N N 27  
ARG CD  HD2  sing N N 28  
ARG CD  HD3  sing N N 29  
ARG NE  CZ   sing N N 30  
ARG NE  HE   sing N N 31  
ARG CZ  NH1  sing N N 32  
ARG CZ  NH2  doub N N 33  
ARG NH1 HH11 sing N N 34  
ARG NH1 HH12 sing N N 35  
ARG NH2 HH21 sing N N 36  
ARG NH2 HH22 sing N N 37  
ARG OXT HXT  sing N N 38  
ASN N   CA   sing N N 39  
ASN N   H    sing N N 40  
ASN N   H2   sing N N 41  
ASN CA  C    sing N N 42  
ASN CA  CB   sing N N 43  
ASN CA  HA   sing N N 44  
ASN C   O    doub N N 45  
ASN C   OXT  sing N N 46  
ASN CB  CG   sing N N 47  
ASN CB  HB2  sing N N 48  
ASN CB  HB3  sing N N 49  
ASN CG  OD1  doub N N 50  
ASN CG  ND2  sing N N 51  
ASN ND2 HD21 sing N N 52  
ASN ND2 HD22 sing N N 53  
ASN OXT HXT  sing N N 54  
ASP N   CA   sing N N 55  
ASP N   H    sing N N 56  
ASP N   H2   sing N N 57  
ASP CA  C    sing N N 58  
ASP CA  CB   sing N N 59  
ASP CA  HA   sing N N 60  
ASP C   O    doub N N 61  
ASP C   OXT  sing N N 62  
ASP CB  CG   sing N N 63  
ASP CB  HB2  sing N N 64  
ASP CB  HB3  sing N N 65  
ASP CG  OD1  doub N N 66  
ASP CG  OD2  sing N N 67  
ASP OD2 HD2  sing N N 68  
ASP OXT HXT  sing N N 69  
CYS N   CA   sing N N 70  
CYS N   H    sing N N 71  
CYS N   H2   sing N N 72  
CYS CA  C    sing N N 73  
CYS CA  CB   sing N N 74  
CYS CA  HA   sing N N 75  
CYS C   O    doub N N 76  
CYS C   OXT  sing N N 77  
CYS CB  SG   sing N N 78  
CYS CB  HB2  sing N N 79  
CYS CB  HB3  sing N N 80  
CYS SG  HG   sing N N 81  
CYS OXT HXT  sing N N 82  
GLN N   CA   sing N N 83  
GLN N   H    sing N N 84  
GLN N   H2   sing N N 85  
GLN CA  C    sing N N 86  
GLN CA  CB   sing N N 87  
GLN CA  HA   sing N N 88  
GLN C   O    doub N N 89  
GLN C   OXT  sing N N 90  
GLN CB  CG   sing N N 91  
GLN CB  HB2  sing N N 92  
GLN CB  HB3  sing N N 93  
GLN CG  CD   sing N N 94  
GLN CG  HG2  sing N N 95  
GLN CG  HG3  sing N N 96  
GLN CD  OE1  doub N N 97  
GLN CD  NE2  sing N N 98  
GLN NE2 HE21 sing N N 99  
GLN NE2 HE22 sing N N 100 
GLN OXT HXT  sing N N 101 
GLU N   CA   sing N N 102 
GLU N   H    sing N N 103 
GLU N   H2   sing N N 104 
GLU CA  C    sing N N 105 
GLU CA  CB   sing N N 106 
GLU CA  HA   sing N N 107 
GLU C   O    doub N N 108 
GLU C   OXT  sing N N 109 
GLU CB  CG   sing N N 110 
GLU CB  HB2  sing N N 111 
GLU CB  HB3  sing N N 112 
GLU CG  CD   sing N N 113 
GLU CG  HG2  sing N N 114 
GLU CG  HG3  sing N N 115 
GLU CD  OE1  doub N N 116 
GLU CD  OE2  sing N N 117 
GLU OE2 HE2  sing N N 118 
GLU OXT HXT  sing N N 119 
GLY N   CA   sing N N 120 
GLY N   H    sing N N 121 
GLY N   H2   sing N N 122 
GLY CA  C    sing N N 123 
GLY CA  HA2  sing N N 124 
GLY CA  HA3  sing N N 125 
GLY C   O    doub N N 126 
GLY C   OXT  sing N N 127 
GLY OXT HXT  sing N N 128 
HIS N   CA   sing N N 129 
HIS N   H    sing N N 130 
HIS N   H2   sing N N 131 
HIS CA  C    sing N N 132 
HIS CA  CB   sing N N 133 
HIS CA  HA   sing N N 134 
HIS C   O    doub N N 135 
HIS C   OXT  sing N N 136 
HIS CB  CG   sing N N 137 
HIS CB  HB2  sing N N 138 
HIS CB  HB3  sing N N 139 
HIS CG  ND1  sing Y N 140 
HIS CG  CD2  doub Y N 141 
HIS ND1 CE1  doub Y N 142 
HIS ND1 HD1  sing N N 143 
HIS CD2 NE2  sing Y N 144 
HIS CD2 HD2  sing N N 145 
HIS CE1 NE2  sing Y N 146 
HIS CE1 HE1  sing N N 147 
HIS NE2 HE2  sing N N 148 
HIS OXT HXT  sing N N 149 
HOH O   H1   sing N N 150 
HOH O   H2   sing N N 151 
ILE N   CA   sing N N 152 
ILE N   H    sing N N 153 
ILE N   H2   sing N N 154 
ILE CA  C    sing N N 155 
ILE CA  CB   sing N N 156 
ILE CA  HA   sing N N 157 
ILE C   O    doub N N 158 
ILE C   OXT  sing N N 159 
ILE CB  CG1  sing N N 160 
ILE CB  CG2  sing N N 161 
ILE CB  HB   sing N N 162 
ILE CG1 CD1  sing N N 163 
ILE CG1 HG12 sing N N 164 
ILE CG1 HG13 sing N N 165 
ILE CG2 HG21 sing N N 166 
ILE CG2 HG22 sing N N 167 
ILE CG2 HG23 sing N N 168 
ILE CD1 HD11 sing N N 169 
ILE CD1 HD12 sing N N 170 
ILE CD1 HD13 sing N N 171 
ILE OXT HXT  sing N N 172 
LEU N   CA   sing N N 173 
LEU N   H    sing N N 174 
LEU N   H2   sing N N 175 
LEU CA  C    sing N N 176 
LEU CA  CB   sing N N 177 
LEU CA  HA   sing N N 178 
LEU C   O    doub N N 179 
LEU C   OXT  sing N N 180 
LEU CB  CG   sing N N 181 
LEU CB  HB2  sing N N 182 
LEU CB  HB3  sing N N 183 
LEU CG  CD1  sing N N 184 
LEU CG  CD2  sing N N 185 
LEU CG  HG   sing N N 186 
LEU CD1 HD11 sing N N 187 
LEU CD1 HD12 sing N N 188 
LEU CD1 HD13 sing N N 189 
LEU CD2 HD21 sing N N 190 
LEU CD2 HD22 sing N N 191 
LEU CD2 HD23 sing N N 192 
LEU OXT HXT  sing N N 193 
LYS N   CA   sing N N 194 
LYS N   H    sing N N 195 
LYS N   H2   sing N N 196 
LYS CA  C    sing N N 197 
LYS CA  CB   sing N N 198 
LYS CA  HA   sing N N 199 
LYS C   O    doub N N 200 
LYS C   OXT  sing N N 201 
LYS CB  CG   sing N N 202 
LYS CB  HB2  sing N N 203 
LYS CB  HB3  sing N N 204 
LYS CG  CD   sing N N 205 
LYS CG  HG2  sing N N 206 
LYS CG  HG3  sing N N 207 
LYS CD  CE   sing N N 208 
LYS CD  HD2  sing N N 209 
LYS CD  HD3  sing N N 210 
LYS CE  NZ   sing N N 211 
LYS CE  HE2  sing N N 212 
LYS CE  HE3  sing N N 213 
LYS NZ  HZ1  sing N N 214 
LYS NZ  HZ2  sing N N 215 
LYS NZ  HZ3  sing N N 216 
LYS OXT HXT  sing N N 217 
MES O1  C2   sing N N 218 
MES O1  C6   sing N N 219 
MES C2  C3   sing N N 220 
MES C2  H21  sing N N 221 
MES C2  H22  sing N N 222 
MES C3  N4   sing N N 223 
MES C3  H31  sing N N 224 
MES C3  H32  sing N N 225 
MES N4  C5   sing N N 226 
MES N4  C7   sing N N 227 
MES N4  HN4  sing N N 228 
MES C5  C6   sing N N 229 
MES C5  H51  sing N N 230 
MES C5  H52  sing N N 231 
MES C6  H61  sing N N 232 
MES C6  H62  sing N N 233 
MES C7  C8   sing N N 234 
MES C7  H71  sing N N 235 
MES C7  H72  sing N N 236 
MES C8  S    sing N N 237 
MES C8  H81  sing N N 238 
MES C8  H82  sing N N 239 
MES S   O1S  doub N N 240 
MES S   O2S  doub N N 241 
MES S   O3S  sing N N 242 
MET N   CA   sing N N 243 
MET N   H    sing N N 244 
MET N   H2   sing N N 245 
MET CA  C    sing N N 246 
MET CA  CB   sing N N 247 
MET CA  HA   sing N N 248 
MET C   O    doub N N 249 
MET C   OXT  sing N N 250 
MET CB  CG   sing N N 251 
MET CB  HB2  sing N N 252 
MET CB  HB3  sing N N 253 
MET CG  SD   sing N N 254 
MET CG  HG2  sing N N 255 
MET CG  HG3  sing N N 256 
MET SD  CE   sing N N 257 
MET CE  HE1  sing N N 258 
MET CE  HE2  sing N N 259 
MET CE  HE3  sing N N 260 
MET OXT HXT  sing N N 261 
PHE N   CA   sing N N 262 
PHE N   H    sing N N 263 
PHE N   H2   sing N N 264 
PHE CA  C    sing N N 265 
PHE CA  CB   sing N N 266 
PHE CA  HA   sing N N 267 
PHE C   O    doub N N 268 
PHE C   OXT  sing N N 269 
PHE CB  CG   sing N N 270 
PHE CB  HB2  sing N N 271 
PHE CB  HB3  sing N N 272 
PHE CG  CD1  doub Y N 273 
PHE CG  CD2  sing Y N 274 
PHE CD1 CE1  sing Y N 275 
PHE CD1 HD1  sing N N 276 
PHE CD2 CE2  doub Y N 277 
PHE CD2 HD2  sing N N 278 
PHE CE1 CZ   doub Y N 279 
PHE CE1 HE1  sing N N 280 
PHE CE2 CZ   sing Y N 281 
PHE CE2 HE2  sing N N 282 
PHE CZ  HZ   sing N N 283 
PHE OXT HXT  sing N N 284 
PRO N   CA   sing N N 285 
PRO N   CD   sing N N 286 
PRO N   H    sing N N 287 
PRO CA  C    sing N N 288 
PRO CA  CB   sing N N 289 
PRO CA  HA   sing N N 290 
PRO C   O    doub N N 291 
PRO C   OXT  sing N N 292 
PRO CB  CG   sing N N 293 
PRO CB  HB2  sing N N 294 
PRO CB  HB3  sing N N 295 
PRO CG  CD   sing N N 296 
PRO CG  HG2  sing N N 297 
PRO CG  HG3  sing N N 298 
PRO CD  HD2  sing N N 299 
PRO CD  HD3  sing N N 300 
PRO OXT HXT  sing N N 301 
SER N   CA   sing N N 302 
SER N   H    sing N N 303 
SER N   H2   sing N N 304 
SER CA  C    sing N N 305 
SER CA  CB   sing N N 306 
SER CA  HA   sing N N 307 
SER C   O    doub N N 308 
SER C   OXT  sing N N 309 
SER CB  OG   sing N N 310 
SER CB  HB2  sing N N 311 
SER CB  HB3  sing N N 312 
SER OG  HG   sing N N 313 
SER OXT HXT  sing N N 314 
SO4 S   O1   doub N N 315 
SO4 S   O2   doub N N 316 
SO4 S   O3   sing N N 317 
SO4 S   O4   sing N N 318 
THR N   CA   sing N N 319 
THR N   H    sing N N 320 
THR N   H2   sing N N 321 
THR CA  C    sing N N 322 
THR CA  CB   sing N N 323 
THR CA  HA   sing N N 324 
THR C   O    doub N N 325 
THR C   OXT  sing N N 326 
THR CB  OG1  sing N N 327 
THR CB  CG2  sing N N 328 
THR CB  HB   sing N N 329 
THR OG1 HG1  sing N N 330 
THR CG2 HG21 sing N N 331 
THR CG2 HG22 sing N N 332 
THR CG2 HG23 sing N N 333 
THR OXT HXT  sing N N 334 
TRP N   CA   sing N N 335 
TRP N   H    sing N N 336 
TRP N   H2   sing N N 337 
TRP CA  C    sing N N 338 
TRP CA  CB   sing N N 339 
TRP CA  HA   sing N N 340 
TRP C   O    doub N N 341 
TRP C   OXT  sing N N 342 
TRP CB  CG   sing N N 343 
TRP CB  HB2  sing N N 344 
TRP CB  HB3  sing N N 345 
TRP CG  CD1  doub Y N 346 
TRP CG  CD2  sing Y N 347 
TRP CD1 NE1  sing Y N 348 
TRP CD1 HD1  sing N N 349 
TRP CD2 CE2  doub Y N 350 
TRP CD2 CE3  sing Y N 351 
TRP NE1 CE2  sing Y N 352 
TRP NE1 HE1  sing N N 353 
TRP CE2 CZ2  sing Y N 354 
TRP CE3 CZ3  doub Y N 355 
TRP CE3 HE3  sing N N 356 
TRP CZ2 CH2  doub Y N 357 
TRP CZ2 HZ2  sing N N 358 
TRP CZ3 CH2  sing Y N 359 
TRP CZ3 HZ3  sing N N 360 
TRP CH2 HH2  sing N N 361 
TRP OXT HXT  sing N N 362 
VAL N   CA   sing N N 363 
VAL N   H    sing N N 364 
VAL N   H2   sing N N 365 
VAL CA  C    sing N N 366 
VAL CA  CB   sing N N 367 
VAL CA  HA   sing N N 368 
VAL C   O    doub N N 369 
VAL C   OXT  sing N N 370 
VAL CB  CG1  sing N N 371 
VAL CB  CG2  sing N N 372 
VAL CB  HB   sing N N 373 
VAL CG1 HG11 sing N N 374 
VAL CG1 HG12 sing N N 375 
VAL CG1 HG13 sing N N 376 
VAL CG2 HG21 sing N N 377 
VAL CG2 HG22 sing N N 378 
VAL CG2 HG23 sing N N 379 
VAL OXT HXT  sing N N 380 
# 
_atom_sites.entry_id                    6KXT 
_atom_sites.Cartn_transf_matrix[1][1]   ? 
_atom_sites.Cartn_transf_matrix[1][2]   ? 
_atom_sites.Cartn_transf_matrix[1][3]   ? 
_atom_sites.Cartn_transf_matrix[2][1]   ? 
_atom_sites.Cartn_transf_matrix[2][2]   ? 
_atom_sites.Cartn_transf_matrix[2][3]   ? 
_atom_sites.Cartn_transf_matrix[3][1]   ? 
_atom_sites.Cartn_transf_matrix[3][2]   ? 
_atom_sites.Cartn_transf_matrix[3][3]   ? 
_atom_sites.Cartn_transf_vector[1]      ? 
_atom_sites.Cartn_transf_vector[2]      ? 
_atom_sites.Cartn_transf_vector[3]      ? 
_atom_sites.fract_transf_matrix[1][1]   0.00916498 
_atom_sites.fract_transf_matrix[1][2]   0.01597378 
_atom_sites.fract_transf_matrix[1][3]   0.00988398 
_atom_sites.fract_transf_matrix[2][1]   -0.01275153 
_atom_sites.fract_transf_matrix[2][2]   0.00409541 
_atom_sites.fract_transf_matrix[2][3]   0.00520522 
_atom_sites.fract_transf_matrix[3][1]   0.00183572 
_atom_sites.fract_transf_matrix[3][2]   -0.00747492 
_atom_sites.fract_transf_matrix[3][3]   0.01037824 
_atom_sites.fract_transf_vector[1]      -0.201801 
_atom_sites.fract_transf_vector[2]      -0.272412 
_atom_sites.fract_transf_vector[3]      -0.148649 
_atom_sites.solution_primary            ? 
_atom_sites.solution_secondary          ? 
_atom_sites.solution_hydrogens          ? 
_atom_sites.special_details             ? 
# 
loop_
_atom_type.symbol 
C 
N 
O 
S 
# 
loop_
_atom_site.group_PDB 
_atom_site.id 
_atom_site.type_symbol 
_atom_site.label_atom_id 
_atom_site.label_alt_id 
_atom_site.label_comp_id 
_atom_site.label_asym_id 
_atom_site.label_entity_id 
_atom_site.label_seq_id 
_atom_site.pdbx_PDB_ins_code 
_atom_site.Cartn_x 
_atom_site.Cartn_y 
_atom_site.Cartn_z 
_atom_site.occupancy 
_atom_site.B_iso_or_equiv 
_atom_site.pdbx_formal_charge 
_atom_site.auth_seq_id 
_atom_site.auth_comp_id 
_atom_site.auth_asym_id 
_atom_site.auth_atom_id 
_atom_site.pdbx_PDB_model_num 
ATOM   1    N N   . GLY A 1 1   ? 31.444  -10.874 -11.752 1.00 26.06 ? 154 GLY A N   1 
ATOM   2    C CA  . GLY A 1 1   ? 30.103  -11.327 -12.196 1.00 19.80 ? 154 GLY A CA  1 
ATOM   3    C C   . GLY A 1 1   ? 29.694  -10.675 -13.508 1.00 22.73 ? 154 GLY A C   1 
ATOM   4    O O   . GLY A 1 1   ? 30.549  -10.199 -14.201 1.00 23.86 ? 154 GLY A O   1 
ATOM   5    N N   . THR A 1 2   ? 28.412  -10.717 -13.840 1.00 21.89 ? 155 THR A N   1 
ATOM   6    C CA  . THR A 1 2   ? 27.923  -10.336 -15.162 1.00 21.98 ? 155 THR A CA  1 
ATOM   7    C C   . THR A 1 2   ? 27.031  -9.101  -15.022 1.00 22.54 ? 155 THR A C   1 
ATOM   8    O O   . THR A 1 2   ? 26.540  -8.612  -16.050 1.00 21.29 ? 155 THR A O   1 
ATOM   9    C CB  . THR A 1 2   ? 27.263  -11.548 -15.830 1.00 31.41 ? 155 THR A CB  1 
ATOM   10   O OG1 . THR A 1 2   ? 26.210  -12.046 -15.005 1.00 33.30 ? 155 THR A OG1 1 
ATOM   11   C CG2 . THR A 1 2   ? 28.215  -12.699 -16.089 1.00 29.03 ? 155 THR A CG2 1 
ATOM   12   N N   . SER A 1 3   ? 26.930  -8.483  -13.864 1.00 21.32 ? 156 SER A N   1 
ATOM   13   C CA  . SER A 1 3   ? 25.902  -7.431  -13.619 1.00 19.27 ? 156 SER A CA  1 
ATOM   14   C C   . SER A 1 3   ? 26.494  -6.031  -13.545 1.00 18.18 ? 156 SER A C   1 
ATOM   15   O O   . SER A 1 3   ? 27.315  -5.712  -12.623 1.00 20.46 ? 156 SER A O   1 
ATOM   16   C CB  . SER A 1 3   ? 25.144  -7.724  -12.342 1.00 19.10 ? 156 SER A CB  1 
ATOM   17   O OG  . SER A 1 3   ? 24.503  -8.957  -12.480 1.00 23.33 ? 156 SER A OG  1 
ATOM   18   N N   . SER A 1 4   ? 26.110  -5.125  -14.448 1.00 18.25 ? 157 SER A N   1 
ATOM   19   C CA  . SER A 1 4   ? 26.384  -3.688  -14.293 1.00 16.21 ? 157 SER A CA  1 
ATOM   20   C C   . SER A 1 4   ? 25.613  -3.066  -13.095 1.00 16.39 ? 157 SER A C   1 
ATOM   21   O O   . SER A 1 4   ? 24.699  -3.758  -12.537 1.00 16.72 ? 157 SER A O   1 
ATOM   22   C CB  . SER A 1 4   ? 25.975  -2.991  -15.572 1.00 16.80 ? 157 SER A CB  1 
ATOM   23   O OG  . SER A 1 4   ? 24.541  -3.074  -15.718 1.00 16.53 ? 157 SER A OG  1 
ATOM   24   N N   . MET A 1 5   ? 25.882  -1.792  -12.794 1.00 18.98 ? 158 MET A N   1 
ATOM   25   C CA  . MET A 1 5   ? 25.099  -1.057  -11.764 1.00 17.31 ? 158 MET A CA  1 
ATOM   26   C C   . MET A 1 5   ? 23.599  -1.130  -12.153 1.00 18.16 ? 158 MET A C   1 
ATOM   27   O O   . MET A 1 5   ? 22.748  -1.423  -11.279 1.00 17.19 ? 158 MET A O   1 
ATOM   28   C CB  . MET A 1 5   ? 25.534  0.405   -11.648 1.00 19.71 ? 158 MET A CB  1 
ATOM   29   C CG  . MET A 1 5   ? 26.965  0.632   -11.167 1.00 21.84 ? 158 MET A CG  1 
ATOM   30   S SD  . MET A 1 5   ? 27.245  -0.077  -9.532  1.00 21.73 ? 158 MET A SD  1 
ATOM   31   C CE  . MET A 1 5   ? 27.945  -1.667  -9.936  1.00 23.87 ? 158 MET A CE  1 
ATOM   32   N N   . ALA A 1 6   ? 23.271  -0.875  -13.418 1.00 17.82 ? 159 ALA A N   1 
ATOM   33   C CA  . ALA A 1 6   ? 21.842  -0.839  -13.820 1.00 17.84 ? 159 ALA A CA  1 
ATOM   34   C C   . ALA A 1 6   ? 21.246  -2.238  -13.718 1.00 16.99 ? 159 ALA A C   1 
ATOM   35   O O   . ALA A 1 6   ? 20.064  -2.399  -13.342 1.00 16.99 ? 159 ALA A O   1 
ATOM   36   C CB  . ALA A 1 6   ? 21.692  -0.258  -15.190 1.00 18.32 ? 159 ALA A CB  1 
ATOM   37   N N   . ASP A 1 7   ? 22.022  -3.278  -14.014 1.00 16.09 ? 160 ASP A N   1 
ATOM   38   C CA  . ASP A 1 7   ? 21.511  -4.665  -13.966 1.00 14.88 ? 160 ASP A CA  1 
ATOM   39   C C   . ASP A 1 7   ? 21.178  -4.974  -12.495 1.00 18.12 ? 160 ASP A C   1 
ATOM   40   O O   . ASP A 1 7   ? 20.115  -5.538  -12.198 1.00 17.47 ? 160 ASP A O   1 
ATOM   41   C CB  . ASP A 1 7   ? 22.544  -5.680  -14.402 1.00 16.12 ? 160 ASP A CB  1 
ATOM   42   C CG  . ASP A 1 7   ? 22.878  -5.623  -15.863 1.00 18.56 ? 160 ASP A CG  1 
ATOM   43   O OD1 . ASP A 1 7   ? 22.138  -4.941  -16.650 1.00 17.81 ? 160 ASP A OD1 1 
ATOM   44   O OD2 . ASP A 1 7   ? 23.922  -6.213  -16.206 1.00 17.78 ? 160 ASP A OD2 1 
ATOM   45   N N   . ILE A 1 8   ? 22.040  -4.556  -11.573 1.00 16.52 ? 161 ILE A N   1 
ATOM   46   C CA  . ILE A 1 8   ? 21.819  -4.843  -10.127 1.00 18.06 ? 161 ILE A CA  1 
ATOM   47   C C   . ILE A 1 8   ? 20.534  -4.100  -9.724  1.00 15.79 ? 161 ILE A C   1 
ATOM   48   O O   . ILE A 1 8   ? 19.668  -4.719  -9.042  1.00 16.75 ? 161 ILE A O   1 
ATOM   49   C CB  . ILE A 1 8   ? 23.022  -4.414  -9.272  1.00 17.17 ? 161 ILE A CB  1 
ATOM   50   C CG1 . ILE A 1 8   ? 24.256  -5.264  -9.586  1.00 18.36 ? 161 ILE A CG1 1 
ATOM   51   C CG2 . ILE A 1 8   ? 22.638  -4.494  -7.797  1.00 15.15 ? 161 ILE A CG2 1 
ATOM   52   C CD1 . ILE A 1 8   ? 25.523  -4.670  -9.069  1.00 19.55 ? 161 ILE A CD1 1 
ATOM   53   N N   . GLY A 1 9   ? 20.370  -2.848  -10.132 1.00 13.91 ? 162 GLY A N   1 
ATOM   54   C CA  . GLY A 1 9   ? 19.137  -2.117  -9.828  1.00 14.72 ? 162 GLY A CA  1 
ATOM   55   C C   . GLY A 1 9   ? 17.923  -2.900  -10.307 1.00 17.17 ? 162 GLY A C   1 
ATOM   56   O O   . GLY A 1 9   ? 16.912  -2.990  -9.558  1.00 16.36 ? 162 GLY A O   1 
ATOM   57   N N   . SER A 1 10  ? 17.966  -3.416  -11.520 1.00 14.99 ? 163 SER A N   1 
ATOM   58   C CA  A SER A 1 10  ? 16.841  -4.171  -12.139 0.70 16.86 ? 163 SER A CA  1 
ATOM   59   C CA  B SER A 1 10  ? 16.824  -4.156  -12.125 0.30 17.59 ? 163 SER A CA  1 
ATOM   60   C C   . SER A 1 10  ? 16.507  -5.457  -11.380 1.00 15.76 ? 163 SER A C   1 
ATOM   61   O O   . SER A 1 10  ? 15.344  -5.937  -11.485 1.00 16.79 ? 163 SER A O   1 
ATOM   62   C CB  A SER A 1 10  ? 17.199  -4.471  -13.584 0.70 16.89 ? 163 SER A CB  1 
ATOM   63   C CB  B SER A 1 10  ? 17.089  -4.438  -13.575 0.30 19.98 ? 163 SER A CB  1 
ATOM   64   O OG  A SER A 1 10  ? 16.060  -4.857  -14.340 0.70 17.23 ? 163 SER A OG  1 
ATOM   65   O OG  B SER A 1 10  ? 17.249  -3.227  -14.284 0.30 24.57 ? 163 SER A OG  1 
ATOM   66   N N   . LYS A 1 11  ? 17.471  -6.034  -10.664 1.00 15.60 ? 164 LYS A N   1 
ATOM   67   C CA  . LYS A 1 11  ? 17.322  -7.335  -9.959  1.00 17.29 ? 164 LYS A CA  1 
ATOM   68   C C   . LYS A 1 11  ? 16.840  -7.128  -8.515  1.00 17.21 ? 164 LYS A C   1 
ATOM   69   O O   . LYS A 1 11  ? 16.684  -8.107  -7.837  1.00 19.47 ? 164 LYS A O   1 
ATOM   70   C CB  . LYS A 1 11  ? 18.664  -8.077  -9.954  1.00 20.23 ? 164 LYS A CB  1 
ATOM   71   C CG  . LYS A 1 11  ? 19.178  -8.495  -11.324 1.00 25.06 ? 164 LYS A CG  1 
ATOM   72   C CD  . LYS A 1 11  ? 20.648  -8.948  -11.231 1.00 28.50 ? 164 LYS A CD  1 
ATOM   73   C CE  . LYS A 1 11  ? 20.836  -10.358 -10.746 1.00 37.81 ? 164 LYS A CE  1 
ATOM   74   N NZ  . LYS A 1 11  ? 22.282  -10.634 -10.528 1.00 43.77 ? 164 LYS A NZ  1 
ATOM   75   N N   . ILE A 1 12  ? 16.736  -5.899  -8.022  1.00 16.77 ? 165 ILE A N   1 
ATOM   76   C CA  A ILE A 1 12  ? 16.415  -5.720  -6.582  0.70 15.78 ? 165 ILE A CA  1 
ATOM   77   C CA  B ILE A 1 12  ? 16.364  -5.596  -6.599  0.30 17.06 ? 165 ILE A CA  1 
ATOM   78   C C   . ILE A 1 12  ? 14.968  -6.162  -6.287  1.00 18.39 ? 165 ILE A C   1 
ATOM   79   O O   . ILE A 1 12  ? 14.014  -5.737  -6.965  1.00 17.25 ? 165 ILE A O   1 
ATOM   80   C CB  A ILE A 1 12  ? 16.687  -4.290  -6.102  0.70 16.19 ? 165 ILE A CB  1 
ATOM   81   C CB  B ILE A 1 12  ? 16.399  -4.072  -6.339  0.30 16.35 ? 165 ILE A CB  1 
ATOM   82   C CG1 A ILE A 1 12  ? 18.186  -4.008  -6.055  0.70 17.51 ? 165 ILE A CG1 1 
ATOM   83   C CG1 B ILE A 1 12  ? 17.813  -3.494  -6.455  0.30 17.12 ? 165 ILE A CG1 1 
ATOM   84   C CG2 A ILE A 1 12  ? 16.029  -4.090  -4.741  0.70 16.26 ? 165 ILE A CG2 1 
ATOM   85   C CG2 B ILE A 1 12  ? 15.773  -3.702  -5.001  0.30 15.87 ? 165 ILE A CG2 1 
ATOM   86   C CD1 A ILE A 1 12  ? 18.533  -2.568  -5.782  0.70 15.81 ? 165 ILE A CD1 1 
ATOM   87   C CD1 B ILE A 1 12  ? 18.765  -3.879  -5.339  0.30 18.01 ? 165 ILE A CD1 1 
ATOM   88   N N   . SER A 1 13  ? 14.852  -7.025  -5.273  1.00 15.85 ? 166 SER A N   1 
ATOM   89   C CA  . SER A 1 13  ? 13.562  -7.447  -4.684  1.00 16.51 ? 166 SER A CA  1 
ATOM   90   C C   . SER A 1 13  ? 13.422  -6.699  -3.363  1.00 16.26 ? 166 SER A C   1 
ATOM   91   O O   . SER A 1 13  ? 14.344  -6.724  -2.540  1.00 16.57 ? 166 SER A O   1 
ATOM   92   C CB  . SER A 1 13  ? 13.497  -8.915  -4.470  1.00 19.60 ? 166 SER A CB  1 
ATOM   93   O OG  . SER A 1 13  ? 12.291  -9.323  -3.875  1.00 22.53 ? 166 SER A OG  1 
ATOM   94   N N   . THR A 1 14  ? 12.288  -6.001  -3.184  1.00 15.82 ? 167 THR A N   1 
ATOM   95   C CA  . THR A 1 14  ? 12.042  -5.203  -1.974  1.00 16.45 ? 167 THR A CA  1 
ATOM   96   C C   . THR A 1 14  ? 11.023  -5.935  -1.087  1.00 15.66 ? 167 THR A C   1 
ATOM   97   O O   . THR A 1 14  ? 9.897   -6.215  -1.565  1.00 17.97 ? 167 THR A O   1 
ATOM   98   C CB  . THR A 1 14  ? 11.586  -3.794  -2.345  1.00 16.86 ? 167 THR A CB  1 
ATOM   99   O OG1 . THR A 1 14  ? 12.569  -3.213  -3.203  1.00 16.17 ? 167 THR A OG1 1 
ATOM   100  C CG2 . THR A 1 14  ? 11.429  -2.917  -1.129  1.00 19.76 ? 167 THR A CG2 1 
ATOM   101  N N   . GLU A 1 15  ? 11.386  -6.188  0.153   1.00 14.33 ? 168 GLU A N   1 
ATOM   102  C CA  . GLU A 1 15  ? 10.476  -6.781  1.151   1.00 15.48 ? 168 GLU A CA  1 
ATOM   103  C C   . GLU A 1 15  ? 9.960   -5.635  2.025   1.00 14.41 ? 168 GLU A C   1 
ATOM   104  O O   . GLU A 1 15  ? 10.772  -4.885  2.615   1.00 14.84 ? 168 GLU A O   1 
ATOM   105  C CB  . GLU A 1 15  ? 11.261  -7.805  1.966   1.00 17.58 ? 168 GLU A CB  1 
ATOM   106  C CG  . GLU A 1 15  ? 10.390  -8.404  3.053   1.00 22.23 ? 168 GLU A CG  1 
ATOM   107  C CD  . GLU A 1 15  ? 11.074  -9.466  3.897   1.00 33.77 ? 168 GLU A CD  1 
ATOM   108  O OE1 . GLU A 1 15  ? 12.218  -9.825  3.568   1.00 33.98 ? 168 GLU A OE1 1 
ATOM   109  O OE2 . GLU A 1 15  ? 10.454  -9.936  4.847   1.00 26.27 ? 168 GLU A OE2 1 
ATOM   110  N N   . ILE A 1 16  ? 8.647   -5.525  2.176   1.00 14.18 ? 169 ILE A N   1 
ATOM   111  C CA  . ILE A 1 16  ? 8.005   -4.408  2.905   1.00 14.87 ? 169 ILE A CA  1 
ATOM   112  C C   . ILE A 1 16  ? 6.978   -4.941  3.873   1.00 14.72 ? 169 ILE A C   1 
ATOM   113  O O   . ILE A 1 16  ? 6.127   -5.771  3.494   1.00 15.00 ? 169 ILE A O   1 
ATOM   114  C CB  . ILE A 1 16  ? 7.340   -3.391  1.947   1.00 14.80 ? 169 ILE A CB  1 
ATOM   115  C CG1 . ILE A 1 16  ? 8.324   -2.941  0.862   1.00 15.43 ? 169 ILE A CG1 1 
ATOM   116  C CG2 . ILE A 1 16  ? 6.776   -2.228  2.785   1.00 15.89 ? 169 ILE A CG2 1 
ATOM   117  C CD1 . ILE A 1 16  ? 7.818   -1.824  -0.042  1.00 19.28 ? 169 ILE A CD1 1 
ATOM   118  N N   . VAL A 1 17  ? 7.052   -4.506  5.118   1.00 13.40 ? 170 VAL A N   1 
ATOM   119  C CA  . VAL A 1 17  ? 5.986   -4.743  6.130   1.00 14.28 ? 170 VAL A CA  1 
ATOM   120  C C   . VAL A 1 17  ? 5.261   -3.404  6.270   1.00 12.42 ? 170 VAL A C   1 
ATOM   121  O O   . VAL A 1 17  ? 5.870   -2.394  6.703   1.00 13.14 ? 170 VAL A O   1 
ATOM   122  C CB  . VAL A 1 17  ? 6.518   -5.259  7.475   1.00 14.42 ? 170 VAL A CB  1 
ATOM   123  C CG1 . VAL A 1 17  ? 5.406   -5.234  8.525   1.00 14.70 ? 170 VAL A CG1 1 
ATOM   124  C CG2 . VAL A 1 17  ? 7.123   -6.649  7.337   1.00 15.89 ? 170 VAL A CG2 1 
ATOM   125  N N   . PHE A 1 18  ? 3.990   -3.376  5.928   1.00 12.96 ? 171 PHE A N   1 
ATOM   126  C CA  . PHE A 1 18  ? 3.066   -2.247  6.077   1.00 12.64 ? 171 PHE A CA  1 
ATOM   127  C C   . PHE A 1 18  ? 2.252   -2.367  7.350   1.00 13.96 ? 171 PHE A C   1 
ATOM   128  O O   . PHE A 1 18  ? 1.874   -3.460  7.769   1.00 13.45 ? 171 PHE A O   1 
ATOM   129  C CB  . PHE A 1 18  ? 2.094   -2.194  4.898   1.00 13.31 ? 171 PHE A CB  1 
ATOM   130  C CG  . PHE A 1 18  ? 2.714   -1.843  3.570   1.00 12.99 ? 171 PHE A CG  1 
ATOM   131  C CD1 . PHE A 1 18  ? 3.129   -0.538  3.335   1.00 13.02 ? 171 PHE A CD1 1 
ATOM   132  C CD2 . PHE A 1 18  ? 2.803   -2.759  2.546   1.00 13.74 ? 171 PHE A CD2 1 
ATOM   133  C CE1 . PHE A 1 18  ? 3.603   -0.163  2.080   1.00 15.66 ? 171 PHE A CE1 1 
ATOM   134  C CE2 . PHE A 1 18  ? 3.272   -2.378  1.291   1.00 14.81 ? 171 PHE A CE2 1 
ATOM   135  C CZ  . PHE A 1 18  ? 3.688   -1.089  1.076   1.00 14.63 ? 171 PHE A CZ  1 
ATOM   136  N N   . ARG A 1 19  ? 2.006   -1.207  7.947   1.00 13.09 ? 172 ARG A N   1 
ATOM   137  C CA  . ARG A 1 19  ? 1.177   -1.090  9.160   1.00 13.62 ? 172 ARG A CA  1 
ATOM   138  C C   . ARG A 1 19  ? 0.235   0.088   8.953   1.00 14.16 ? 172 ARG A C   1 
ATOM   139  O O   . ARG A 1 19  ? 0.661   1.114   8.353   1.00 13.87 ? 172 ARG A O   1 
ATOM   140  C CB  . ARG A 1 19  ? 2.080   -0.857  10.366  1.00 17.33 ? 172 ARG A CB  1 
ATOM   141  C CG  . ARG A 1 19  ? 1.335   -0.432  11.616  1.00 17.23 ? 172 ARG A CG  1 
ATOM   142  C CD  . ARG A 1 19  ? 2.341   -0.403  12.774  1.00 17.81 ? 172 ARG A CD  1 
ATOM   143  N NE  . ARG A 1 19  ? 3.343   0.670   12.717  1.00 17.17 ? 172 ARG A NE  1 
ATOM   144  C CZ  . ARG A 1 19  ? 3.136   1.893   13.166  1.00 14.44 ? 172 ARG A CZ  1 
ATOM   145  N NH1 . ARG A 1 19  ? 1.950   2.260   13.634  1.00 17.69 ? 172 ARG A NH1 1 
ATOM   146  N NH2 . ARG A 1 19  ? 4.122   2.775   13.151  1.00 24.51 ? 172 ARG A NH2 1 
ATOM   147  N N   . CYS A 1 20  ? -0.987  0.031   9.459   1.00 13.45 ? 173 CYS A N   1 
ATOM   148  C CA  . CYS A 1 20  ? -1.876  1.188   9.514   1.00 13.94 ? 173 CYS A CA  1 
ATOM   149  C C   . CYS A 1 20  ? -2.209  1.539   10.958  1.00 13.65 ? 173 CYS A C   1 
ATOM   150  O O   . CYS A 1 20  ? -2.228  0.614   11.825  1.00 16.02 ? 173 CYS A O   1 
ATOM   151  C CB  . CYS A 1 20  ? -3.168  1.010   8.744   1.00 14.69 ? 173 CYS A CB  1 
ATOM   152  S SG  . CYS A 1 20  ? -2.888  0.728   6.979   1.00 15.71 ? 173 CYS A SG  1 
ATOM   153  N N   . SER A 1 21  ? -2.450  2.833   11.166  1.00 13.83 ? 174 SER A N   1 
ATOM   154  C CA  A SER A 1 21  ? -2.880  3.398   12.461  0.50 17.78 ? 174 SER A CA  1 
ATOM   155  C CA  B SER A 1 21  ? -2.921  3.332   12.479  0.50 15.95 ? 174 SER A CA  1 
ATOM   156  C C   . SER A 1 21  ? -4.275  4.005   12.311  1.00 15.18 ? 174 SER A C   1 
ATOM   157  O O   . SER A 1 21  ? -4.461  4.810   11.396  1.00 16.31 ? 174 SER A O   1 
ATOM   158  C CB  A SER A 1 21  ? -1.874  4.415   12.909  0.50 20.26 ? 174 SER A CB  1 
ATOM   159  C CB  B SER A 1 21  ? -1.936  4.248   13.151  0.50 15.85 ? 174 SER A CB  1 
ATOM   160  O OG  A SER A 1 21  ? -2.044  4.739   14.268  0.50 23.24 ? 174 SER A OG  1 
ATOM   161  O OG  B SER A 1 21  ? -1.811  5.457   12.416  0.50 19.24 ? 174 SER A OG  1 
ATOM   162  N N   . ASN A 1 22  ? -5.207  3.654   13.199  1.00 15.75 ? 175 ASN A N   1 
ATOM   163  C CA  A ASN A 1 22  ? -6.440  4.438   13.457  0.60 15.12 ? 175 ASN A CA  1 
ATOM   164  C CA  B ASN A 1 22  ? -6.441  4.437   13.443  0.40 15.21 ? 175 ASN A CA  1 
ATOM   165  C C   . ASN A 1 22  ? -7.335  4.410   12.207  1.00 15.09 ? 175 ASN A C   1 
ATOM   166  O O   . ASN A 1 22  ? -7.865  5.453   11.830  1.00 16.03 ? 175 ASN A O   1 
ATOM   167  C CB  A ASN A 1 22  ? -6.078  5.840   13.990  0.60 15.09 ? 175 ASN A CB  1 
ATOM   168  C CB  B ASN A 1 22  ? -6.117  5.874   13.855  0.40 15.90 ? 175 ASN A CB  1 
ATOM   169  C CG  A ASN A 1 22  ? -7.238  6.632   14.580  0.60 23.20 ? 175 ASN A CG  1 
ATOM   170  C CG  B ASN A 1 22  ? -5.320  5.920   15.135  0.40 18.37 ? 175 ASN A CG  1 
ATOM   171  O OD1 A ASN A 1 22  ? -8.240  6.066   15.020  0.60 22.62 ? 175 ASN A OD1 1 
ATOM   172  O OD1 B ASN A 1 22  ? -5.522  5.076   16.005  0.40 23.29 ? 175 ASN A OD1 1 
ATOM   173  N ND2 A ASN A 1 22  ? -7.120  7.960   14.581  0.60 29.15 ? 175 ASN A ND2 1 
ATOM   174  N ND2 B ASN A 1 22  ? -4.416  6.882   15.223  0.40 23.80 ? 175 ASN A ND2 1 
ATOM   175  N N   . LEU A 1 23  ? -7.548  3.240   11.589  1.00 14.80 ? 176 LEU A N   1 
ATOM   176  C CA  . LEU A 1 23  ? -8.538  3.162   10.505  1.00 14.18 ? 176 LEU A CA  1 
ATOM   177  C C   . LEU A 1 23  ? -9.910  3.578   11.051  1.00 15.23 ? 176 LEU A C   1 
ATOM   178  O O   . LEU A 1 23  ? -10.246 3.237   12.205  1.00 17.13 ? 176 LEU A O   1 
ATOM   179  C CB  . LEU A 1 23  ? -8.598  1.741   9.948   1.00 14.15 ? 176 LEU A CB  1 
ATOM   180  C CG  . LEU A 1 23  ? -7.299  1.217   9.356   1.00 13.96 ? 176 LEU A CG  1 
ATOM   181  C CD1 . LEU A 1 23  ? -7.568  -0.125  8.729   1.00 14.87 ? 176 LEU A CD1 1 
ATOM   182  C CD2 . LEU A 1 23  ? -6.746  2.206   8.311   1.00 14.87 ? 176 LEU A CD2 1 
ATOM   183  N N   . GLU A 1 24  ? -10.667 4.292   10.255  1.00 15.52 ? 177 GLU A N   1 
ATOM   184  C CA  . GLU A 1 24  ? -11.952 4.844   10.752  1.00 18.26 ? 177 GLU A CA  1 
ATOM   185  C C   . GLU A 1 24  ? -12.893 3.723   11.169  1.00 18.37 ? 177 GLU A C   1 
ATOM   186  O O   . GLU A 1 24  ? -12.992 2.655   10.522  1.00 17.36 ? 177 GLU A O   1 
ATOM   187  C CB  . GLU A 1 24  ? -12.624 5.678   9.667   1.00 19.08 ? 177 GLU A CB  1 
ATOM   188  C CG  . GLU A 1 24  ? -13.912 6.327   10.156  1.00 28.14 ? 177 GLU A CG  1 
ATOM   189  C CD  . GLU A 1 24  ? -14.556 7.322   9.206   1.00 31.15 ? 177 GLU A CD  1 
ATOM   190  O OE1 . GLU A 1 24  ? -15.028 6.903   8.118   1.00 30.78 ? 177 GLU A OE1 1 
ATOM   191  O OE2 . GLU A 1 24  ? -14.583 8.511   9.578   1.00 37.40 ? 177 GLU A OE2 1 
ATOM   192  N N   . SER A 1 25  ? -13.685 4.041   12.192  1.00 18.26 ? 178 SER A N   1 
ATOM   193  C CA  . SER A 1 25  ? -14.766 3.164   12.685  1.00 18.45 ? 178 SER A CA  1 
ATOM   194  C C   . SER A 1 25  ? -15.898 4.074   13.153  1.00 18.78 ? 178 SER A C   1 
ATOM   195  O O   . SER A 1 25  ? -15.617 5.100   13.809  1.00 24.38 ? 178 SER A O   1 
ATOM   196  C CB  . SER A 1 25  ? -14.283 2.264   13.778  1.00 20.33 ? 178 SER A CB  1 
ATOM   197  O OG  . SER A 1 25  ? -15.288 1.347   14.152  1.00 28.30 ? 178 SER A OG  1 
ATOM   198  N N   . LYS A 1 26  ? -17.089 3.750   12.733  1.00 16.78 ? 179 LYS A N   1 
ATOM   199  C CA  A LYS A 1 26  ? -18.274 4.542   13.128  0.60 16.28 ? 179 LYS A CA  1 
ATOM   200  C CA  B LYS A 1 26  ? -18.337 4.518   12.982  0.40 16.80 ? 179 LYS A CA  1 
ATOM   201  C C   . LYS A 1 26  ? -19.343 3.613   13.686  1.00 15.05 ? 179 LYS A C   1 
ATOM   202  O O   . LYS A 1 26  ? -19.537 2.478   13.234  1.00 15.59 ? 179 LYS A O   1 
ATOM   203  C CB  A LYS A 1 26  ? -18.832 5.310   11.933  0.60 17.64 ? 179 LYS A CB  1 
ATOM   204  C CB  B LYS A 1 26  ? -18.961 4.946   11.649  0.40 17.82 ? 179 LYS A CB  1 
ATOM   205  C CG  A LYS A 1 26  ? -17.951 6.389   11.309  0.60 20.25 ? 179 LYS A CG  1 
ATOM   206  C CG  B LYS A 1 26  ? -17.996 5.539   10.635  0.40 18.76 ? 179 LYS A CG  1 
ATOM   207  C CD  A LYS A 1 26  ? -18.663 6.994   10.096  0.60 24.11 ? 179 LYS A CD  1 
ATOM   208  C CD  B LYS A 1 26  ? -18.689 6.101   9.413   0.40 22.70 ? 179 LYS A CD  1 
ATOM   209  C CE  A LYS A 1 26  ? -19.061 5.995   9.025   0.60 29.92 ? 179 LYS A CE  1 
ATOM   210  C CE  B LYS A 1 26  ? -18.791 7.606   9.415   0.40 31.51 ? 179 LYS A CE  1 
ATOM   211  N NZ  A LYS A 1 26  ? -19.472 6.658   7.759   0.60 31.19 ? 179 LYS A NZ  1 
ATOM   212  N NZ  B LYS A 1 26  ? -19.403 8.102   8.164   0.40 29.79 ? 179 LYS A NZ  1 
ATOM   213  N N   . ASP A 1 27  ? -20.065 4.127   14.672  1.00 15.23 ? 180 ASP A N   1 
ATOM   214  C CA  . ASP A 1 27  ? -21.209 3.376   15.199  1.00 15.71 ? 180 ASP A CA  1 
ATOM   215  C C   . ASP A 1 27  ? -22.208 3.135   14.076  1.00 15.84 ? 180 ASP A C   1 
ATOM   216  O O   . ASP A 1 27  ? -22.404 4.012   13.208  1.00 16.91 ? 180 ASP A O   1 
ATOM   217  C CB  . ASP A 1 27  ? -21.877 4.135   16.339  1.00 15.81 ? 180 ASP A CB  1 
ATOM   218  C CG  . ASP A 1 27  ? -21.098 4.132   17.636  1.00 16.71 ? 180 ASP A CG  1 
ATOM   219  O OD1 . ASP A 1 27  ? -20.279 3.209   17.867  1.00 16.85 ? 180 ASP A OD1 1 
ATOM   220  O OD2 . ASP A 1 27  ? -21.323 5.064   18.447  1.00 17.93 ? 180 ASP A OD2 1 
ATOM   221  N N   . LEU A 1 28  ? -22.793 1.937   14.137  1.00 16.28 ? 181 LEU A N   1 
ATOM   222  C CA  . LEU A 1 28  ? -23.791 1.355   13.210  1.00 18.81 ? 181 LEU A CA  1 
ATOM   223  C C   . LEU A 1 28  ? -23.120 0.764   11.990  1.00 18.90 ? 181 LEU A C   1 
ATOM   224  O O   . LEU A 1 28  ? -23.852 0.216   11.151  1.00 21.96 ? 181 LEU A O   1 
ATOM   225  C CB  . LEU A 1 28  ? -24.869 2.349   12.795  1.00 19.18 ? 181 LEU A CB  1 
ATOM   226  C CG  . LEU A 1 28  ? -25.641 2.965   13.956  1.00 23.96 ? 181 LEU A CG  1 
ATOM   227  C CD1 . LEU A 1 28  ? -26.749 3.847   13.444  1.00 26.29 ? 181 LEU A CD1 1 
ATOM   228  C CD2 . LEU A 1 28  ? -26.164 1.889   14.884  1.00 27.55 ? 181 LEU A CD2 1 
ATOM   229  N N   . PHE A 1 29  ? -21.781 0.745   11.955  1.00 16.60 ? 182 PHE A N   1 
ATOM   230  C CA  . PHE A 1 29  ? -21.048 0.159   10.820  1.00 16.86 ? 182 PHE A CA  1 
ATOM   231  C C   . PHE A 1 29  ? -20.145 -0.931  11.371  1.00 15.62 ? 182 PHE A C   1 
ATOM   232  O O   . PHE A 1 29  ? -19.481 -0.737  12.410  1.00 17.39 ? 182 PHE A O   1 
ATOM   233  C CB  . PHE A 1 29  ? -20.255 1.197   10.046  1.00 19.97 ? 182 PHE A CB  1 
ATOM   234  C CG  . PHE A 1 29  ? -21.085 2.195   9.268   1.00 25.83 ? 182 PHE A CG  1 
ATOM   235  C CD1 . PHE A 1 29  ? -21.749 3.236   9.903   1.00 26.86 ? 182 PHE A CD1 1 
ATOM   236  C CD2 . PHE A 1 29  ? -21.129 2.131   7.879   1.00 35.86 ? 182 PHE A CD2 1 
ATOM   237  C CE1 . PHE A 1 29  ? -22.489 4.164   9.178   1.00 28.74 ? 182 PHE A CE1 1 
ATOM   238  C CE2 . PHE A 1 29  ? -21.870 3.067   7.155   1.00 37.53 ? 182 PHE A CE2 1 
ATOM   239  C CZ  . PHE A 1 29  ? -22.539 4.082   7.805   1.00 36.22 ? 182 PHE A CZ  1 
ATOM   240  N N   . SER A 1 30  ? -20.135 -2.068  10.701  1.00 18.30 ? 183 SER A N   1 
ATOM   241  C CA  A SER A 1 30  ? -19.200 -3.155  11.026  0.70 16.93 ? 183 SER A CA  1 
ATOM   242  C CA  B SER A 1 30  ? -19.190 -3.183  10.928  0.30 19.06 ? 183 SER A CA  1 
ATOM   243  C C   . SER A 1 30  ? -17.753 -2.649  10.944  1.00 19.05 ? 183 SER A C   1 
ATOM   244  O O   . SER A 1 30  ? -17.435 -1.724  10.162  1.00 19.29 ? 183 SER A O   1 
ATOM   245  C CB  A SER A 1 30  ? -19.422 -4.358  10.148  0.70 20.63 ? 183 SER A CB  1 
ATOM   246  C CB  B SER A 1 30  ? -19.385 -4.243  9.859   0.30 22.73 ? 183 SER A CB  1 
ATOM   247  O OG  A SER A 1 30  ? -19.105 -4.027  8.803   0.70 23.59 ? 183 SER A OG  1 
ATOM   248  O OG  B SER A 1 30  ? -18.796 -5.476  10.229  0.30 21.39 ? 183 SER A OG  1 
ATOM   249  N N   . LYS A 1 31  ? -16.902 -3.197  11.788  1.00 18.13 ? 184 LYS A N   1 
ATOM   250  C CA  . LYS A 1 31  ? -15.476 -2.838  11.767  1.00 18.43 ? 184 LYS A CA  1 
ATOM   251  C C   . LYS A 1 31  ? -14.904 -3.267  10.418  1.00 19.78 ? 184 LYS A C   1 
ATOM   252  O O   . LYS A 1 31  ? -15.286 -4.333  9.877   1.00 19.26 ? 184 LYS A O   1 
ATOM   253  C CB  . LYS A 1 31  ? -14.854 -3.577  12.948  1.00 20.43 ? 184 LYS A CB  1 
ATOM   254  C CG  . LYS A 1 31  ? -13.523 -3.108  13.442  1.00 24.95 ? 184 LYS A CG  1 
ATOM   255  C CD  . LYS A 1 31  ? -13.068 -3.838  14.722  1.00 24.25 ? 184 LYS A CD  1 
ATOM   256  C CE  . LYS A 1 31  ? -13.851 -3.535  15.977  1.00 24.48 ? 184 LYS A CE  1 
ATOM   257  N NZ  . LYS A 1 31  ? -13.100 -4.019  17.170  1.00 19.84 ? 184 LYS A NZ  1 
ATOM   258  N N   . SER A 1 32  ? -13.921 -2.542  9.929   1.00 16.23 ? 185 SER A N   1 
ATOM   259  C CA  . SER A 1 32  ? -13.167 -2.957  8.726   1.00 17.36 ? 185 SER A CA  1 
ATOM   260  C C   . SER A 1 32  ? -12.441 -4.280  8.918   1.00 14.93 ? 185 SER A C   1 
ATOM   261  O O   . SER A 1 32  ? -11.920 -4.565  9.979   1.00 16.66 ? 185 SER A O   1 
ATOM   262  C CB  . SER A 1 32  ? -12.198 -1.871  8.355   1.00 18.63 ? 185 SER A CB  1 
ATOM   263  O OG  . SER A 1 32  ? -12.871 -0.667  7.951   1.00 19.85 ? 185 SER A OG  1 
ATOM   264  N N   . ASP A 1 33  ? -12.401 -5.021  7.817   1.00 16.54 ? 186 ASP A N   1 
ATOM   265  C CA  A ASP A 1 33  ? -11.521 -6.191  7.622   0.60 16.13 ? 186 ASP A CA  1 
ATOM   266  C CA  B ASP A 1 33  ? -11.524 -6.201  7.620   0.40 15.64 ? 186 ASP A CA  1 
ATOM   267  C C   . ASP A 1 33  ? -10.498 -5.824  6.558   1.00 14.96 ? 186 ASP A C   1 
ATOM   268  O O   . ASP A 1 33  ? -10.678 -6.127  5.386   1.00 16.92 ? 186 ASP A O   1 
ATOM   269  C CB  A ASP A 1 33  ? -12.320 -7.407  7.172   0.60 16.01 ? 186 ASP A CB  1 
ATOM   270  C CB  B ASP A 1 33  ? -12.294 -7.437  7.151   0.40 14.72 ? 186 ASP A CB  1 
ATOM   271  C CG  A ASP A 1 33  ? -13.458 -7.717  8.125   0.60 17.77 ? 186 ASP A CG  1 
ATOM   272  C CG  B ASP A 1 33  ? -13.392 -7.897  8.099   0.40 15.54 ? 186 ASP A CG  1 
ATOM   273  O OD1 A ASP A 1 33  ? -13.178 -7.923  9.314   0.60 16.50 ? 186 ASP A OD1 1 
ATOM   274  O OD1 B ASP A 1 33  ? -13.407 -7.441  9.246   0.40 14.65 ? 186 ASP A OD1 1 
ATOM   275  O OD2 A ASP A 1 33  ? -14.640 -7.795  7.639   0.60 22.20 ? 186 ASP A OD2 1 
ATOM   276  O OD2 B ASP A 1 33  ? -14.267 -8.710  7.649   0.40 14.60 ? 186 ASP A OD2 1 
ATOM   277  N N   . PRO A 1 34  ? -9.428  -5.089  6.937   1.00 15.49 ? 187 PRO A N   1 
ATOM   278  C CA  . PRO A 1 34  ? -8.600  -4.463  5.937   1.00 13.72 ? 187 PRO A CA  1 
ATOM   279  C C   . PRO A 1 34  ? -7.531  -5.365  5.305   1.00 14.16 ? 187 PRO A C   1 
ATOM   280  O O   . PRO A 1 34  ? -7.026  -6.281  5.904   1.00 15.24 ? 187 PRO A O   1 
ATOM   281  C CB  . PRO A 1 34  ? -7.885  -3.364  6.732   1.00 13.71 ? 187 PRO A CB  1 
ATOM   282  C CG  . PRO A 1 34  ? -7.769  -3.937  8.108   1.00 15.17 ? 187 PRO A CG  1 
ATOM   283  C CD  . PRO A 1 34  ? -9.058  -4.716  8.291   1.00 16.61 ? 187 PRO A CD  1 
ATOM   284  N N   . PHE A 1 35  ? -7.258  -5.018  4.070   1.00 13.58 ? 188 PHE A N   1 
ATOM   285  C CA  . PHE A 1 35  ? -6.126  -5.509  3.280   1.00 12.99 ? 188 PHE A CA  1 
ATOM   286  C C   . PHE A 1 35  ? -5.626  -4.359  2.416   1.00 12.06 ? 188 PHE A C   1 
ATOM   287  O O   . PHE A 1 35  ? -6.311  -3.316  2.227   1.00 14.10 ? 188 PHE A O   1 
ATOM   288  C CB  . PHE A 1 35  ? -6.562  -6.724  2.435   1.00 14.40 ? 188 PHE A CB  1 
ATOM   289  C CG  . PHE A 1 35  ? -7.535  -6.495  1.315   1.00 17.07 ? 188 PHE A CG  1 
ATOM   290  C CD1 . PHE A 1 35  ? -8.879  -6.296  1.574   1.00 17.26 ? 188 PHE A CD1 1 
ATOM   291  C CD2 . PHE A 1 35  ? -7.119  -6.433  -0.007  1.00 18.72 ? 188 PHE A CD2 1 
ATOM   292  C CE1 . PHE A 1 35  ? -9.785  -6.074  0.555   1.00 17.69 ? 188 PHE A CE1 1 
ATOM   293  C CE2 . PHE A 1 35  ? -8.037  -6.261  -1.044  1.00 20.72 ? 188 PHE A CE2 1 
ATOM   294  C CZ  . PHE A 1 35  ? -9.364  -6.064  -0.756  1.00 18.21 ? 188 PHE A CZ  1 
ATOM   295  N N   . LEU A 1 36  ? -4.371  -4.543  1.966   1.00 12.87 ? 189 LEU A N   1 
ATOM   296  C CA  A LEU A 1 36  ? -3.736  -3.553  1.062   0.60 14.20 ? 189 LEU A CA  1 
ATOM   297  C CA  B LEU A 1 36  ? -3.698  -3.565  1.094   0.40 15.51 ? 189 LEU A CA  1 
ATOM   298  C C   . LEU A 1 36  ? -3.548  -4.159  -0.325  1.00 16.02 ? 189 LEU A C   1 
ATOM   299  O O   . LEU A 1 36  ? -3.248  -5.370  -0.447  1.00 16.98 ? 189 LEU A O   1 
ATOM   300  C CB  A LEU A 1 36  ? -2.348  -3.090  1.530   0.60 13.81 ? 189 LEU A CB  1 
ATOM   301  C CB  B LEU A 1 36  ? -2.360  -3.253  1.782   0.40 17.34 ? 189 LEU A CB  1 
ATOM   302  C CG  A LEU A 1 36  ? -2.248  -2.499  2.916   0.60 12.84 ? 189 LEU A CG  1 
ATOM   303  C CG  B LEU A 1 36  ? -1.886  -1.804  1.778   0.40 15.80 ? 189 LEU A CG  1 
ATOM   304  C CD1 A LEU A 1 36  ? -0.799  -2.102  3.201   0.60 15.37 ? 189 LEU A CD1 1 
ATOM   305  C CD1 B LEU A 1 36  ? -2.804  -0.907  2.582   0.40 16.35 ? 189 LEU A CD1 1 
ATOM   306  C CD2 A LEU A 1 36  ? -3.165  -1.322  3.047   0.60 15.72 ? 189 LEU A CD2 1 
ATOM   307  C CD2 B LEU A 1 36  ? -0.473  -1.723  2.334   0.40 19.16 ? 189 LEU A CD2 1 
ATOM   308  N N   . VAL A 1 37  ? -3.689  -3.341  -1.334  1.00 14.36 ? 190 VAL A N   1 
ATOM   309  C CA  . VAL A 1 37  ? -3.355  -3.698  -2.731  1.00 14.48 ? 190 VAL A CA  1 
ATOM   310  C C   . VAL A 1 37  ? -2.360  -2.647  -3.214  1.00 15.80 ? 190 VAL A C   1 
ATOM   311  O O   . VAL A 1 37  ? -2.582  -1.442  -3.079  1.00 14.30 ? 190 VAL A O   1 
ATOM   312  C CB  . VAL A 1 37  ? -4.613  -3.709  -3.613  1.00 17.53 ? 190 VAL A CB  1 
ATOM   313  C CG1 . VAL A 1 37  ? -4.226  -3.971  -5.049  1.00 16.89 ? 190 VAL A CG1 1 
ATOM   314  C CG2 . VAL A 1 37  ? -5.623  -4.720  -3.064  1.00 18.72 ? 190 VAL A CG2 1 
ATOM   315  N N   . VAL A 1 38  ? -1.243  -3.117  -3.767  1.00 14.69 ? 191 VAL A N   1 
ATOM   316  C CA  . VAL A 1 38  ? -0.254  -2.262  -4.464  1.00 13.80 ? 191 VAL A CA  1 
ATOM   317  C C   . VAL A 1 38  ? -0.470  -2.405  -5.952  1.00 13.78 ? 191 VAL A C   1 
ATOM   318  O O   . VAL A 1 38  ? -0.574  -3.555  -6.416  1.00 14.39 ? 191 VAL A O   1 
ATOM   319  C CB  . VAL A 1 38  ? 1.167   -2.655  -4.071  1.00 14.91 ? 191 VAL A CB  1 
ATOM   320  C CG1 . VAL A 1 38  ? 2.163   -1.756  -4.746  1.00 16.03 ? 191 VAL A CG1 1 
ATOM   321  C CG2 . VAL A 1 38  ? 1.359   -2.560  -2.570  1.00 16.83 ? 191 VAL A CG2 1 
ATOM   322  N N   . SER A 1 39  ? -0.606  -1.297  -6.647  1.00 13.69 ? 192 SER A N   1 
ATOM   323  C CA  . SER A 1 39  ? -0.908  -1.320  -8.102  1.00 13.70 ? 192 SER A CA  1 
ATOM   324  C C   . SER A 1 39  ? 0.048   -0.411  -8.862  1.00 13.50 ? 192 SER A C   1 
ATOM   325  O O   . SER A 1 39  ? 0.405   0.715   -8.469  1.00 14.53 ? 192 SER A O   1 
ATOM   326  C CB  . SER A 1 39  ? -2.356  -0.929  -8.384  1.00 14.95 ? 192 SER A CB  1 
ATOM   327  O OG  . SER A 1 39  ? -3.208  -1.729  -7.624  1.00 16.44 ? 192 SER A OG  1 
ATOM   328  N N   . LYS A 1 40  ? 0.452   -0.905  -10.045 1.00 16.85 ? 193 LYS A N   1 
ATOM   329  C CA  A LYS A 1 40  ? 1.336   -0.186  -10.982 0.70 18.01 ? 193 LYS A CA  1 
ATOM   330  C CA  B LYS A 1 40  ? 1.342   -0.230  -11.021 0.30 17.72 ? 193 LYS A CA  1 
ATOM   331  C C   . LYS A 1 40  ? 0.534   0.747   -11.885 1.00 15.88 ? 193 LYS A C   1 
ATOM   332  O O   . LYS A 1 40  ? -0.503  0.341   -12.387 1.00 17.76 ? 193 LYS A O   1 
ATOM   333  C CB  A LYS A 1 40  ? 2.130   -1.226  -11.772 0.70 19.29 ? 193 LYS A CB  1 
ATOM   334  C CB  B LYS A 1 40  ? 2.003   -1.337  -11.848 0.30 18.84 ? 193 LYS A CB  1 
ATOM   335  C CG  A LYS A 1 40  ? 3.150   -0.669  -12.757 0.70 20.51 ? 193 LYS A CG  1 
ATOM   336  C CG  B LYS A 1 40  ? 3.171   -0.932  -12.737 0.30 20.17 ? 193 LYS A CG  1 
ATOM   337  C CD  A LYS A 1 40  ? 3.672   -1.766  -13.671 0.70 24.87 ? 193 LYS A CD  1 
ATOM   338  C CD  B LYS A 1 40  ? 3.647   -2.109  -13.568 0.30 21.66 ? 193 LYS A CD  1 
ATOM   339  C CE  A LYS A 1 40  ? 4.981   -1.432  -14.351 0.70 29.74 ? 193 LYS A CE  1 
ATOM   340  C CE  B LYS A 1 40  ? 4.906   -1.824  -14.355 0.30 24.36 ? 193 LYS A CE  1 
ATOM   341  N NZ  A LYS A 1 40  ? 4.968   -0.077  -14.943 0.70 27.82 ? 193 LYS A NZ  1 
ATOM   342  N NZ  B LYS A 1 40  ? 5.348   -3.022  -15.106 0.30 23.20 ? 193 LYS A NZ  1 
ATOM   343  N N   . ILE A 1 41  ? 0.977   1.972   -12.015 1.00 17.94 ? 194 ILE A N   1 
ATOM   344  C CA  . ILE A 1 41  ? 0.337   2.977   -12.900 1.00 16.33 ? 194 ILE A CA  1 
ATOM   345  C C   . ILE A 1 41  ? 0.685   2.660   -14.366 1.00 20.28 ? 194 ILE A C   1 
ATOM   346  O O   . ILE A 1 41  ? 1.857   2.379   -14.702 1.00 20.87 ? 194 ILE A O   1 
ATOM   347  C CB  . ILE A 1 41  ? 0.755   4.384   -12.477 1.00 18.82 ? 194 ILE A CB  1 
ATOM   348  C CG1 . ILE A 1 41  ? 0.147   4.675   -11.094 1.00 19.07 ? 194 ILE A CG1 1 
ATOM   349  C CG2 . ILE A 1 41  ? 0.288   5.398   -13.527 1.00 20.18 ? 194 ILE A CG2 1 
ATOM   350  C CD1 . ILE A 1 41  ? 0.672   5.874   -10.356 1.00 21.18 ? 194 ILE A CD1 1 
ATOM   351  N N   . VAL A 1 42  ? -0.325  2.731   -15.233 1.00 19.88 ? 195 VAL A N   1 
ATOM   352  C CA  . VAL A 1 42  ? -0.152  2.469   -16.687 1.00 19.65 ? 195 VAL A CA  1 
ATOM   353  C C   . VAL A 1 42  ? -0.884  3.536   -17.477 1.00 18.95 ? 195 VAL A C   1 
ATOM   354  O O   . VAL A 1 42  ? -2.010  3.939   -17.131 1.00 21.79 ? 195 VAL A O   1 
ATOM   355  C CB  . VAL A 1 42  ? -0.629  1.059   -17.029 1.00 20.22 ? 195 VAL A CB  1 
ATOM   356  C CG1 . VAL A 1 42  ? -2.092  0.901   -16.704 1.00 19.90 ? 195 VAL A CG1 1 
ATOM   357  C CG2 . VAL A 1 42  ? -0.377  0.750   -18.510 1.00 22.40 ? 195 VAL A CG2 1 
ATOM   358  N N   . GLU A 1 43  ? -0.250  3.953   -18.568 1.00 18.58 ? 196 GLU A N   1 
ATOM   359  C CA  . GLU A 1 43  ? -0.801  5.003   -19.435 1.00 19.76 ? 196 GLU A CA  1 
ATOM   360  C C   . GLU A 1 43  ? -2.198  4.629   -19.924 1.00 14.32 ? 196 GLU A C   1 
ATOM   361  O O   . GLU A 1 43  ? -2.391  3.488   -20.377 1.00 17.64 ? 196 GLU A O   1 
ATOM   362  C CB  . GLU A 1 43  ? 0.195   5.226   -20.571 1.00 24.34 ? 196 GLU A CB  1 
ATOM   363  C CG  . GLU A 1 43  ? 0.418   4.006   -21.450 1.00 24.71 ? 196 GLU A CG  1 
ATOM   364  C CD  . GLU A 1 43  ? 1.474   2.975   -21.053 1.00 28.03 ? 196 GLU A CD  1 
ATOM   365  O OE1 . GLU A 1 43  ? 2.039   3.044   -19.949 1.00 26.94 ? 196 GLU A OE1 1 
ATOM   366  O OE2 . GLU A 1 43  ? 1.764   2.082   -21.896 1.00 35.76 ? 196 GLU A OE2 1 
ATOM   367  N N   . HIS A 1 44  ? -3.129  5.572   -19.869 1.00 14.26 ? 197 HIS A N   1 
ATOM   368  C CA  . HIS A 1 44  ? -4.476  5.409   -20.426 1.00 14.29 ? 197 HIS A CA  1 
ATOM   369  C C   . HIS A 1 44  ? -5.303  4.348   -19.685 1.00 18.31 ? 197 HIS A C   1 
ATOM   370  O O   . HIS A 1 44  ? -6.440  4.146   -20.123 1.00 16.02 ? 197 HIS A O   1 
ATOM   371  C CB  . HIS A 1 44  ? -4.487  5.109   -21.940 1.00 16.80 ? 197 HIS A CB  1 
ATOM   372  C CG  . HIS A 1 44  ? -3.584  5.971   -22.758 1.00 16.40 ? 197 HIS A CG  1 
ATOM   373  N ND1 . HIS A 1 44  ? -3.668  7.329   -22.812 1.00 18.34 ? 197 HIS A ND1 1 
ATOM   374  C CD2 . HIS A 1 44  ? -2.647  5.618   -23.635 1.00 16.71 ? 197 HIS A CD2 1 
ATOM   375  C CE1 . HIS A 1 44  ? -2.698  7.749   -23.640 1.00 14.10 ? 197 HIS A CE1 1 
ATOM   376  N NE2 . HIS A 1 44  ? -2.127  6.739   -24.149 1.00 18.04 ? 197 HIS A NE2 1 
ATOM   377  N N   . GLY A 1 45  ? -4.816  3.744   -18.614 1.00 17.79 ? 198 GLY A N   1 
ATOM   378  C CA  . GLY A 1 45  ? -5.511  2.621   -17.980 1.00 16.55 ? 198 GLY A CA  1 
ATOM   379  C C   . GLY A 1 45  ? -5.728  2.766   -16.482 1.00 16.63 ? 198 GLY A C   1 
ATOM   380  O O   . GLY A 1 45  ? -5.281  3.694   -15.864 1.00 22.98 ? 198 GLY A O   1 
ATOM   381  N N   . THR A 1 46  ? -6.293  1.711   -15.963 1.00 19.40 ? 199 THR A N   1 
ATOM   382  C CA  . THR A 1 46  ? -6.562  1.424   -14.535 1.00 19.60 ? 199 THR A CA  1 
ATOM   383  C C   . THR A 1 46  ? -5.273  0.934   -13.903 1.00 16.45 ? 199 THR A C   1 
ATOM   384  O O   . THR A 1 46  ? -4.621  0.039   -14.419 1.00 17.35 ? 199 THR A O   1 
ATOM   385  C CB  . THR A 1 46  ? -7.638  0.300   -14.494 1.00 14.83 ? 199 THR A CB  1 
ATOM   386  O OG1 . THR A 1 46  ? -8.704  0.704   -15.336 1.00 23.22 ? 199 THR A OG1 1 
ATOM   387  C CG2 . THR A 1 46  ? -8.079  0.145   -13.062 1.00 29.54 ? 199 THR A CG2 1 
ATOM   388  N N   . PRO A 1 47  ? -4.871  1.416   -12.680 1.00 15.80 ? 200 PRO A N   1 
ATOM   389  C CA  . PRO A 1 47  ? -3.695  0.790   -12.067 1.00 16.69 ? 200 PRO A CA  1 
ATOM   390  C C   . PRO A 1 47  ? -3.844  -0.721  -11.996 1.00 15.83 ? 200 PRO A C   1 
ATOM   391  O O   . PRO A 1 47  ? -4.910  -1.269  -11.682 1.00 18.30 ? 200 PRO A O   1 
ATOM   392  C CB  . PRO A 1 47  ? -3.601  1.464   -10.708 1.00 15.79 ? 200 PRO A CB  1 
ATOM   393  C CG  . PRO A 1 47  ? -4.170  2.818   -10.969 1.00 16.11 ? 200 PRO A CG  1 
ATOM   394  C CD  . PRO A 1 47  ? -5.331  2.594   -11.935 1.00 18.23 ? 200 PRO A CD  1 
ATOM   395  N N   A ILE A 1 48  ? -2.724  -1.393  -12.219 0.60 17.22 ? 201 ILE A N   1 
ATOM   396  N N   B ILE A 1 48  ? -2.749  -1.427  -12.288 0.40 18.49 ? 201 ILE A N   1 
ATOM   397  C CA  A ILE A 1 48  ? -2.659  -2.864  -12.334 0.60 18.51 ? 201 ILE A CA  1 
ATOM   398  C CA  B ILE A 1 48  ? -2.727  -2.914  -12.327 0.40 20.94 ? 201 ILE A CA  1 
ATOM   399  C C   A ILE A 1 48  ? -2.272  -3.460  -10.978 0.60 19.40 ? 201 ILE A C   1 
ATOM   400  C C   B ILE A 1 48  ? -2.285  -3.430  -10.964 0.40 20.31 ? 201 ILE A C   1 
ATOM   401  O O   A ILE A 1 48  ? -1.143  -3.289  -10.512 0.60 17.79 ? 201 ILE A O   1 
ATOM   402  O O   B ILE A 1 48  ? -1.169  -3.148  -10.523 0.40 19.18 ? 201 ILE A O   1 
ATOM   403  C CB  A ILE A 1 48  ? -1.621  -3.214  -13.423 0.60 19.66 ? 201 ILE A CB  1 
ATOM   404  C CB  B ILE A 1 48  ? -1.803  -3.429  -13.448 0.40 25.83 ? 201 ILE A CB  1 
ATOM   405  C CG1 A ILE A 1 48  ? -1.914  -2.561  -14.784 0.60 21.81 ? 201 ILE A CG1 1 
ATOM   406  C CG1 B ILE A 1 48  ? -2.438  -3.230  -14.824 0.40 27.77 ? 201 ILE A CG1 1 
ATOM   407  C CG2 A ILE A 1 48  ? -1.529  -4.713  -13.493 0.60 19.22 ? 201 ILE A CG2 1 
ATOM   408  C CG2 B ILE A 1 48  ? -1.423  -4.876  -13.195 0.40 29.51 ? 201 ILE A CG2 1 
ATOM   409  C CD1 A ILE A 1 48  ? -0.705  -2.375  -15.680 0.60 22.28 ? 201 ILE A CD1 1 
ATOM   410  C CD1 B ILE A 1 48  ? -3.916  -3.492  -14.857 0.40 31.95 ? 201 ILE A CD1 1 
ATOM   411  N N   . PRO A 1 49  ? -3.121  -4.220  -10.265 1.00 18.92 ? 202 PRO A N   1 
ATOM   412  C CA  A PRO A 1 49  ? -2.704  -4.833  -9.008  0.70 19.33 ? 202 PRO A CA  1 
ATOM   413  C CA  B PRO A 1 49  ? -2.728  -4.860  -9.012  0.30 18.47 ? 202 PRO A CA  1 
ATOM   414  C C   . PRO A 1 49  ? -1.495  -5.755  -9.205  1.00 17.46 ? 202 PRO A C   1 
ATOM   415  O O   . PRO A 1 49  ? -1.521  -6.589  -10.099 1.00 22.04 ? 202 PRO A O   1 
ATOM   416  C CB  A PRO A 1 49  ? -3.937  -5.615  -8.549  0.70 20.91 ? 202 PRO A CB  1 
ATOM   417  C CB  B PRO A 1 49  ? -3.962  -5.695  -8.624  0.30 18.84 ? 202 PRO A CB  1 
ATOM   418  C CG  A PRO A 1 49  ? -5.063  -4.852  -9.185  0.70 23.53 ? 202 PRO A CG  1 
ATOM   419  C CG  B PRO A 1 49  ? -4.715  -5.889  -9.931  0.30 19.18 ? 202 PRO A CG  1 
ATOM   420  C CD  A PRO A 1 49  ? -4.540  -4.505  -10.560 0.70 22.79 ? 202 PRO A CD  1 
ATOM   421  C CD  B PRO A 1 49  ? -4.485  -4.594  -10.677 0.30 19.94 ? 202 PRO A CD  1 
ATOM   422  N N   . VAL A 1 50  ? -0.470  -5.577  -8.394  1.00 17.55 ? 203 VAL A N   1 
ATOM   423  C CA  . VAL A 1 50  ? 0.786   -6.395  -8.472  1.00 18.96 ? 203 VAL A CA  1 
ATOM   424  C C   . VAL A 1 50  ? 1.046   -7.110  -7.163  1.00 19.69 ? 203 VAL A C   1 
ATOM   425  O O   . VAL A 1 50  ? 1.793   -8.100  -7.168  1.00 21.34 ? 203 VAL A O   1 
ATOM   426  C CB  . VAL A 1 50  ? 1.989   -5.534  -8.901  1.00 18.85 ? 203 VAL A CB  1 
ATOM   427  C CG1 . VAL A 1 50  ? 1.859   -5.050  -10.344 1.00 20.87 ? 203 VAL A CG1 1 
ATOM   428  C CG2 . VAL A 1 50  ? 2.280   -4.353  -7.985  1.00 18.45 ? 203 VAL A CG2 1 
ATOM   429  N N   . SER A 1 51  ? 0.458   -6.655  -6.052  1.00 17.65 ? 204 SER A N   1 
ATOM   430  C CA  . SER A 1 51  ? 0.645   -7.302  -4.758  1.00 17.66 ? 204 SER A CA  1 
ATOM   431  C C   . SER A 1 51  ? -0.585  -7.034  -3.886  1.00 15.97 ? 204 SER A C   1 
ATOM   432  O O   . SER A 1 51  ? -1.164  -5.956  -3.989  1.00 18.44 ? 204 SER A O   1 
ATOM   433  C CB  . SER A 1 51  ? 1.877   -6.794  -4.123  1.00 23.15 ? 204 SER A CB  1 
ATOM   434  O OG  . SER A 1 51  ? 2.142   -7.570  -2.990  1.00 30.59 ? 204 SER A OG  1 
ATOM   435  N N   . LYS A 1 52  ? -0.996  -8.001  -3.103  1.00 18.58 ? 205 LYS A N   1 
ATOM   436  C CA  A LYS A 1 52  ? -2.037  -7.762  -2.087  0.60 18.94 ? 205 LYS A CA  1 
ATOM   437  C CA  B LYS A 1 52  ? -2.113  -7.874  -2.137  0.40 17.06 ? 205 LYS A CA  1 
ATOM   438  C C   . LYS A 1 52  ? -1.652  -8.484  -0.806  1.00 20.01 ? 205 LYS A C   1 
ATOM   439  O O   . LYS A 1 52  ? -0.969  -9.538  -0.835  1.00 25.02 ? 205 LYS A O   1 
ATOM   440  C CB  A LYS A 1 52  ? -3.425  -8.151  -2.583  0.60 23.62 ? 205 LYS A CB  1 
ATOM   441  C CB  B LYS A 1 52  ? -3.369  -8.530  -2.723  0.40 20.78 ? 205 LYS A CB  1 
ATOM   442  C CG  A LYS A 1 52  ? -3.616  -9.629  -2.876  0.60 28.71 ? 205 LYS A CG  1 
ATOM   443  C CG  B LYS A 1 52  ? -3.827  -7.978  -4.075  0.40 23.18 ? 205 LYS A CG  1 
ATOM   444  C CD  A LYS A 1 52  ? -5.058  -9.969  -3.206  0.60 36.63 ? 205 LYS A CD  1 
ATOM   445  C CD  B LYS A 1 52  ? -5.138  -8.545  -4.590  0.40 27.06 ? 205 LYS A CD  1 
ATOM   446  C CE  A LYS A 1 52  ? -5.276  -11.430 -3.525  0.60 36.01 ? 205 LYS A CE  1 
ATOM   447  C CE  B LYS A 1 52  ? -5.599  -7.923  -5.896  0.40 26.86 ? 205 LYS A CE  1 
ATOM   448  N NZ  A LYS A 1 52  ? -4.587  -12.315 -2.558  0.60 40.56 ? 205 LYS A NZ  1 
ATOM   449  N NZ  B LYS A 1 52  ? -6.801  -8.614  -6.420  0.40 33.67 ? 205 LYS A NZ  1 
ATOM   450  N N   . THR A 1 53  ? -2.042  -7.894  0.308   1.00 15.63 ? 206 THR A N   1 
ATOM   451  C CA  . THR A 1 53  ? -1.890  -8.565  1.611   1.00 16.19 ? 206 THR A CA  1 
ATOM   452  C C   . THR A 1 53  ? -3.062  -9.524  1.834   1.00 17.21 ? 206 THR A C   1 
ATOM   453  O O   . THR A 1 53  ? -4.124  -9.396  1.168   1.00 17.59 ? 206 THR A O   1 
ATOM   454  C CB  . THR A 1 53  ? -1.780  -7.571  2.770   1.00 15.83 ? 206 THR A CB  1 
ATOM   455  O OG1 . THR A 1 53  ? -3.051  -6.920  2.984   1.00 13.68 ? 206 THR A OG1 1 
ATOM   456  C CG2 . THR A 1 53  ? -0.714  -6.526  2.524   1.00 15.32 ? 206 THR A CG2 1 
ATOM   457  N N   . GLU A 1 54  ? -2.872  -10.399 2.821   1.00 16.90 ? 207 GLU A N   1 
ATOM   458  C CA  . GLU A 1 54  ? -3.984  -11.117 3.475   1.00 17.65 ? 207 GLU A CA  1 
ATOM   459  C C   . GLU A 1 54  ? -4.936  -10.104 4.122   1.00 17.78 ? 207 GLU A C   1 
ATOM   460  O O   . GLU A 1 54  ? -4.560  -8.949  4.413   1.00 16.07 ? 207 GLU A O   1 
ATOM   461  C CB  . GLU A 1 54  ? -3.440  -12.092 4.498   1.00 16.47 ? 207 GLU A CB  1 
ATOM   462  C CG  . GLU A 1 54  ? -2.869  -11.440 5.743   1.00 16.82 ? 207 GLU A CG  1 
ATOM   463  C CD  . GLU A 1 54  ? -1.447  -10.885 5.626   1.00 16.23 ? 207 GLU A CD  1 
ATOM   464  O OE1 . GLU A 1 54  ? -0.814  -11.055 4.570   1.00 16.79 ? 207 GLU A OE1 1 
ATOM   465  O OE2 . GLU A 1 54  ? -0.982  -10.275 6.619   1.00 17.82 ? 207 GLU A OE2 1 
ATOM   466  N N   . VAL A 1 55  ? -6.158  -10.553 4.332   1.00 18.30 ? 208 VAL A N   1 
ATOM   467  C CA  . VAL A 1 55  ? -7.198  -9.824  5.090   1.00 16.13 ? 208 VAL A CA  1 
ATOM   468  C C   . VAL A 1 55  ? -6.965  -10.015 6.571   1.00 17.45 ? 208 VAL A C   1 
ATOM   469  O O   . VAL A 1 55  ? -6.700  -11.143 7.004   1.00 19.68 ? 208 VAL A O   1 
ATOM   470  C CB  . VAL A 1 55  ? -8.592  -10.312 4.676   1.00 18.66 ? 208 VAL A CB  1 
ATOM   471  C CG1 . VAL A 1 55  ? -9.666  -9.618  5.471   1.00 18.41 ? 208 VAL A CG1 1 
ATOM   472  C CG2 . VAL A 1 55  ? -8.799  -10.063 3.191   1.00 19.17 ? 208 VAL A CG2 1 
ATOM   473  N N   . ARG A 1 56  ? -7.019  -8.934  7.339   1.00 16.92 ? 209 ARG A N   1 
ATOM   474  C CA  . ARG A 1 56  ? -7.000  -9.035  8.809   1.00 15.68 ? 209 ARG A CA  1 
ATOM   475  C C   . ARG A 1 56  ? -8.384  -8.662  9.307   1.00 18.77 ? 209 ARG A C   1 
ATOM   476  O O   . ARG A 1 56  ? -8.733  -7.477  9.298   1.00 23.32 ? 209 ARG A O   1 
ATOM   477  C CB  . ARG A 1 56  ? -5.910  -8.189  9.465   1.00 16.58 ? 209 ARG A CB  1 
ATOM   478  C CG  . ARG A 1 56  ? -4.516  -8.663  9.111   1.00 14.57 ? 209 ARG A CG  1 
ATOM   479  C CD  . ARG A 1 56  ? -3.438  -7.759  9.664   1.00 15.90 ? 209 ARG A CD  1 
ATOM   480  N NE  . ARG A 1 56  ? -3.544  -7.603  11.106  1.00 17.02 ? 209 ARG A NE  1 
ATOM   481  C CZ  . ARG A 1 56  ? -3.065  -8.455  12.046  1.00 17.21 ? 209 ARG A CZ  1 
ATOM   482  N NH1 . ARG A 1 56  ? -2.315  -9.488  11.716  1.00 19.51 ? 209 ARG A NH1 1 
ATOM   483  N NH2 . ARG A 1 56  ? -3.347  -8.180  13.314  1.00 18.09 ? 209 ARG A NH2 1 
ATOM   484  N N   . LYS A 1 57  ? -9.083  -9.617  9.890   1.00 17.89 ? 210 LYS A N   1 
ATOM   485  C CA  . LYS A 1 57  ? -10.475 -9.359  10.324  1.00 19.59 ? 210 LYS A CA  1 
ATOM   486  C C   . LYS A 1 57  ? -10.533 -8.394  11.517  1.00 14.57 ? 210 LYS A C   1 
ATOM   487  O O   . LYS A 1 57  ? -9.779  -8.579  12.470  1.00 18.08 ? 210 LYS A O   1 
ATOM   488  C CB  . LYS A 1 57  ? -11.129 -10.713 10.672  1.00 24.41 ? 210 LYS A CB  1 
ATOM   489  C CG  . LYS A 1 57  ? -11.385 -11.676 9.522   1.00 31.00 ? 210 LYS A CG  1 
ATOM   490  C CD  . LYS A 1 57  ? -12.638 -11.332 8.775   1.00 38.25 ? 210 LYS A CD  1 
ATOM   491  C CE  . LYS A 1 57  ? -13.897 -11.469 9.625   1.00 38.54 ? 210 LYS A CE  1 
ATOM   492  N NZ  . LYS A 1 57  ? -15.041 -10.700 9.070   1.00 33.17 ? 210 LYS A NZ  1 
ATOM   493  N N   . ASN A 1 58  ? -11.434 -7.418  11.436  1.00 14.89 ? 211 ASN A N   1 
ATOM   494  C CA  . ASN A 1 58  ? -11.863 -6.587  12.582  1.00 16.91 ? 211 ASN A CA  1 
ATOM   495  C C   . ASN A 1 58  ? -10.681 -5.827  13.182  1.00 18.29 ? 211 ASN A C   1 
ATOM   496  O O   . ASN A 1 58  ? -10.533 -5.717  14.429  1.00 18.63 ? 211 ASN A O   1 
ATOM   497  C CB  . ASN A 1 58  ? -12.575 -7.469  13.616  1.00 17.95 ? 211 ASN A CB  1 
ATOM   498  C CG  . ASN A 1 58  ? -13.928 -7.860  13.093  1.00 17.59 ? 211 ASN A CG  1 
ATOM   499  O OD1 . ASN A 1 58  ? -14.704 -6.988  12.739  1.00 20.31 ? 211 ASN A OD1 1 
ATOM   500  N ND2 . ASN A 1 58  ? -14.153 -9.165  13.033  1.00 20.10 ? 211 ASN A ND2 1 
ATOM   501  N N   . ASP A 1 59  ? -9.762  -5.373  12.341  1.00 15.49 ? 212 ASP A N   1 
ATOM   502  C CA  . ASP A 1 59  ? -8.528  -4.745  12.869  1.00 14.52 ? 212 ASP A CA  1 
ATOM   503  C C   . ASP A 1 59  ? -8.414  -3.298  12.386  1.00 17.07 ? 212 ASP A C   1 
ATOM   504  O O   . ASP A 1 59  ? -8.293  -3.073  11.168  1.00 17.96 ? 212 ASP A O   1 
ATOM   505  C CB  . ASP A 1 59  ? -7.310  -5.563  12.456  1.00 15.01 ? 212 ASP A CB  1 
ATOM   506  C CG  . ASP A 1 59  ? -6.008  -5.215  13.121  1.00 14.87 ? 212 ASP A CG  1 
ATOM   507  O OD1 . ASP A 1 59  ? -6.022  -4.279  13.925  1.00 15.30 ? 212 ASP A OD1 1 
ATOM   508  O OD2 . ASP A 1 59  ? -5.026  -5.968  12.837  1.00 15.90 ? 212 ASP A OD2 1 
ATOM   509  N N   . LEU A 1 60  ? -8.373  -2.348  13.290  1.00 14.57 ? 213 LEU A N   1 
ATOM   510  C CA  . LEU A 1 60  ? -8.256  -0.918  12.926  1.00 14.98 ? 213 LEU A CA  1 
ATOM   511  C C   . LEU A 1 60  ? -6.781  -0.472  13.010  1.00 15.06 ? 213 LEU A C   1 
ATOM   512  O O   . LEU A 1 60  ? -6.503  0.677   12.639  1.00 15.34 ? 213 LEU A O   1 
ATOM   513  C CB  . LEU A 1 60  ? -9.142  -0.056  13.839  1.00 19.03 ? 213 LEU A CB  1 
ATOM   514  C CG  . LEU A 1 60  ? -10.624 -0.451  13.855  1.00 18.60 ? 213 LEU A CG  1 
ATOM   515  C CD1 . LEU A 1 60  ? -11.373 0.411   14.872  1.00 19.39 ? 213 LEU A CD1 1 
ATOM   516  C CD2 . LEU A 1 60  ? -11.271 -0.286  12.482  1.00 20.27 ? 213 LEU A CD2 1 
ATOM   517  N N   . ASN A 1 61  ? -5.851  -1.337  13.406  1.00 13.15 ? 214 ASN A N   1 
ATOM   518  C CA  . ASN A 1 61  ? -4.407  -1.013  13.488  1.00 13.75 ? 214 ASN A CA  1 
ATOM   519  C C   . ASN A 1 61  ? -3.601  -2.178  12.914  1.00 13.85 ? 214 ASN A C   1 
ATOM   520  O O   . ASN A 1 61  ? -2.739  -2.731  13.599  1.00 14.83 ? 214 ASN A O   1 
ATOM   521  C CB  . ASN A 1 61  ? -4.022  -0.633  14.902  1.00 14.44 ? 214 ASN A CB  1 
ATOM   522  C CG  . ASN A 1 61  ? -4.844  0.515   15.408  1.00 17.05 ? 214 ASN A CG  1 
ATOM   523  O OD1 . ASN A 1 61  ? -4.444  1.656   15.184  1.00 17.27 ? 214 ASN A OD1 1 
ATOM   524  N ND2 . ASN A 1 61  ? -5.961  0.231   16.081  1.00 16.35 ? 214 ASN A ND2 1 
ATOM   525  N N   . PRO A 1 62  ? -3.921  -2.635  11.686  1.00 13.65 ? 215 PRO A N   1 
ATOM   526  C CA  . PRO A 1 62  ? -3.295  -3.813  11.123  1.00 14.21 ? 215 PRO A CA  1 
ATOM   527  C C   . PRO A 1 62  ? -1.783  -3.702  10.885  1.00 16.17 ? 215 PRO A C   1 
ATOM   528  O O   . PRO A 1 62  ? -1.262  -2.622  10.559  1.00 14.47 ? 215 PRO A O   1 
ATOM   529  C CB  . PRO A 1 62  ? -3.981  -3.979  9.758   1.00 14.75 ? 215 PRO A CB  1 
ATOM   530  C CG  . PRO A 1 62  ? -4.397  -2.558  9.360   1.00 16.16 ? 215 PRO A CG  1 
ATOM   531  C CD  . PRO A 1 62  ? -4.819  -2.005  10.720  1.00 14.93 ? 215 PRO A CD  1 
ATOM   532  N N   . ILE A 1 63  ? -1.107  -4.829  11.104  1.00 15.18 ? 216 ILE A N   1 
ATOM   533  C CA  . ILE A 1 63  ? 0.304   -5.046  10.651  1.00 14.87 ? 216 ILE A CA  1 
ATOM   534  C C   . ILE A 1 63  ? 0.287   -6.300  9.806   1.00 15.85 ? 216 ILE A C   1 
ATOM   535  O O   . ILE A 1 63  ? -0.144  -7.349  10.291  1.00 17.52 ? 216 ILE A O   1 
ATOM   536  C CB  . ILE A 1 63  ? 1.289   -5.177  11.817  1.00 17.21 ? 216 ILE A CB  1 
ATOM   537  C CG1 . ILE A 1 63  ? 1.281   -3.973  12.759  1.00 20.52 ? 216 ILE A CG1 1 
ATOM   538  C CG2 . ILE A 1 63  ? 2.680   -5.446  11.246  1.00 19.98 ? 216 ILE A CG2 1 
ATOM   539  C CD1 . ILE A 1 63  ? 1.972   -4.200  14.113  1.00 26.71 ? 216 ILE A CD1 1 
ATOM   540  N N   . TRP A 1 64  ? 0.655   -6.225  8.523   1.00 14.56 ? 217 TRP A N   1 
ATOM   541  C CA  . TRP A 1 64  ? 0.498   -7.385  7.630   1.00 13.69 ? 217 TRP A CA  1 
ATOM   542  C C   . TRP A 1 64  ? 1.816   -8.150  7.508   1.00 14.89 ? 217 TRP A C   1 
ATOM   543  O O   . TRP A 1 64  ? 2.890   -7.580  7.845   1.00 16.75 ? 217 TRP A O   1 
ATOM   544  C CB  . TRP A 1 64  ? -0.022  -6.941  6.245   1.00 14.46 ? 217 TRP A CB  1 
ATOM   545  C CG  . TRP A 1 64  ? -1.451  -6.505  6.219   1.00 14.28 ? 217 TRP A CG  1 
ATOM   546  C CD1 . TRP A 1 64  ? -2.558  -7.306  6.165   1.00 16.14 ? 217 TRP A CD1 1 
ATOM   547  C CD2 . TRP A 1 64  ? -1.912  -5.147  6.218   1.00 12.85 ? 217 TRP A CD2 1 
ATOM   548  N NE1 . TRP A 1 64  ? -3.671  -6.515  6.133   1.00 14.34 ? 217 TRP A NE1 1 
ATOM   549  C CE2 . TRP A 1 64  ? -3.325  -5.190  6.172   1.00 14.74 ? 217 TRP A CE2 1 
ATOM   550  C CE3 . TRP A 1 64  ? -1.291  -3.892  6.315   1.00 15.03 ? 217 TRP A CE3 1 
ATOM   551  C CZ2 . TRP A 1 64  ? -4.092  -4.034  6.077   1.00 12.68 ? 217 TRP A CZ2 1 
ATOM   552  C CZ3 . TRP A 1 64  ? -2.057  -2.739  6.243   1.00 15.59 ? 217 TRP A CZ3 1 
ATOM   553  C CH2 . TRP A 1 64  ? -3.442  -2.809  6.146   1.00 14.97 ? 217 TRP A CH2 1 
ATOM   554  N N   . LYS A 1 65  ? 1.710   -9.351  6.988   1.00 15.45 ? 218 LYS A N   1 
ATOM   555  C CA  . LYS A 1 65  ? 2.908   -10.154 6.630   1.00 15.82 ? 218 LYS A CA  1 
ATOM   556  C C   . LYS A 1 65  ? 3.631   -9.402  5.526   1.00 16.57 ? 218 LYS A C   1 
ATOM   557  O O   . LYS A 1 65  ? 3.055   -8.595  4.776   1.00 17.01 ? 218 LYS A O   1 
ATOM   558  C CB  . LYS A 1 65  ? 2.486   -11.561 6.209   1.00 17.69 ? 218 LYS A CB  1 
ATOM   559  C CG  . LYS A 1 65  ? 1.832   -12.391 7.303   1.00 21.75 ? 218 LYS A CG  1 
ATOM   560  C CD  . LYS A 1 65  ? 1.358   -13.731 6.821   1.00 32.25 ? 218 LYS A CD  1 
ATOM   561  C CE  . LYS A 1 65  ? 0.719   -14.526 7.940   1.00 43.04 ? 218 LYS A CE  1 
ATOM   562  N NZ  . LYS A 1 65  ? 0.467   -15.922 7.515   1.00 54.48 ? 218 LYS A NZ  1 
ATOM   563  N N   . PRO A 1 66  ? 4.938   -9.668  5.373   1.00 16.50 ? 219 PRO A N   1 
ATOM   564  C CA  . PRO A 1 66  ? 5.691   -8.991  4.346   1.00 17.67 ? 219 PRO A CA  1 
ATOM   565  C C   . PRO A 1 66  ? 5.156   -9.252  2.943   1.00 16.14 ? 219 PRO A C   1 
ATOM   566  O O   . PRO A 1 66  ? 4.653   -10.331 2.607   1.00 18.79 ? 219 PRO A O   1 
ATOM   567  C CB  . PRO A 1 66  ? 7.122   -9.541  4.432   1.00 18.91 ? 219 PRO A CB  1 
ATOM   568  C CG  . PRO A 1 66  ? 7.160   -10.356 5.717   1.00 22.09 ? 219 PRO A CG  1 
ATOM   569  C CD  . PRO A 1 66  ? 5.762   -10.529 6.252   1.00 17.12 ? 219 PRO A CD  1 
ATOM   570  N N   . VAL A 1 67  ? 5.230   -8.197  2.124   1.00 15.44 ? 220 VAL A N   1 
ATOM   571  C CA  . VAL A 1 67  ? 5.048   -8.295  0.671   1.00 17.70 ? 220 VAL A CA  1 
ATOM   572  C C   . VAL A 1 67  ? 6.395   -8.125  -0.027  1.00 19.02 ? 220 VAL A C   1 
ATOM   573  O O   . VAL A 1 67  ? 7.288   -7.473  0.507   1.00 18.72 ? 220 VAL A O   1 
ATOM   574  C CB  . VAL A 1 67  ? 3.992   -7.326  0.145   1.00 22.07 ? 220 VAL A CB  1 
ATOM   575  C CG1 . VAL A 1 67  ? 2.642   -7.518  0.850   1.00 23.71 ? 220 VAL A CG1 1 
ATOM   576  C CG2 . VAL A 1 67  ? 4.416   -5.890  0.217   1.00 20.99 ? 220 VAL A CG2 1 
ATOM   577  N N   . PHE A 1 68  ? 6.539   -8.717  -1.199  1.00 17.26 ? 221 PHE A N   1 
ATOM   578  C CA  . PHE A 1 68  ? 7.783   -8.670  -1.992  1.00 17.57 ? 221 PHE A CA  1 
ATOM   579  C C   . PHE A 1 68  ? 7.465   -8.031  -3.324  1.00 18.33 ? 221 PHE A C   1 
ATOM   580  O O   . PHE A 1 68  ? 6.535   -8.465  -4.010  1.00 22.37 ? 221 PHE A O   1 
ATOM   581  C CB  . PHE A 1 68  ? 8.309   -10.086 -2.231  1.00 19.11 ? 221 PHE A CB  1 
ATOM   582  C CG  . PHE A 1 68  ? 8.680   -10.749 -0.943  1.00 21.62 ? 221 PHE A CG  1 
ATOM   583  C CD1 . PHE A 1 68  ? 7.722   -11.422 -0.196  1.00 24.45 ? 221 PHE A CD1 1 
ATOM   584  C CD2 . PHE A 1 68  ? 9.943   -10.591 -0.414  1.00 24.36 ? 221 PHE A CD2 1 
ATOM   585  C CE1 . PHE A 1 68  ? 8.018   -11.922 1.060   1.00 24.42 ? 221 PHE A CE1 1 
ATOM   586  C CE2 . PHE A 1 68  ? 10.256  -11.153 0.813   1.00 26.26 ? 221 PHE A CE2 1 
ATOM   587  C CZ  . PHE A 1 68  ? 9.306   -11.826 1.532   1.00 25.51 ? 221 PHE A CZ  1 
ATOM   588  N N   . LEU A 1 69  ? 8.154   -6.964  -3.651  1.00 16.03 ? 222 LEU A N   1 
ATOM   589  C CA  . LEU A 1 69  ? 7.923   -6.229  -4.907  1.00 18.46 ? 222 LEU A CA  1 
ATOM   590  C C   . LEU A 1 69  ? 9.209   -6.171  -5.732  1.00 17.79 ? 222 LEU A C   1 
ATOM   591  O O   . LEU A 1 69  ? 10.257  -5.714  -5.239  1.00 18.50 ? 222 LEU A O   1 
ATOM   592  C CB  . LEU A 1 69  ? 7.445   -4.820  -4.565  1.00 15.18 ? 222 LEU A CB  1 
ATOM   593  C CG  . LEU A 1 69  ? 6.055   -4.733  -3.962  1.00 18.91 ? 222 LEU A CG  1 
ATOM   594  C CD1 . LEU A 1 69  ? 5.793   -3.358  -3.369  1.00 17.73 ? 222 LEU A CD1 1 
ATOM   595  C CD2 . LEU A 1 69  ? 4.985   -5.115  -4.990  1.00 23.74 ? 222 LEU A CD2 1 
ATOM   596  N N   . SER A 1 70  ? 9.105   -6.592  -6.964  1.00 17.07 ? 223 SER A N   1 
ATOM   597  C CA  . SER A 1 70  ? 10.212  -6.475  -7.949  1.00 16.92 ? 223 SER A CA  1 
ATOM   598  C C   . SER A 1 70  ? 10.137  -5.128  -8.649  1.00 17.48 ? 223 SER A C   1 
ATOM   599  O O   . SER A 1 70  ? 9.077   -4.465  -8.693  1.00 17.87 ? 223 SER A O   1 
ATOM   600  C CB  . SER A 1 70  ? 10.108  -7.603  -8.944  1.00 18.09 ? 223 SER A CB  1 
ATOM   601  O OG  . SER A 1 70  ? 9.031   -7.362  -9.846  1.00 18.68 ? 223 SER A OG  1 
ATOM   602  N N   . VAL A 1 71  ? 11.212  -4.782  -9.340  1.00 16.53 ? 224 VAL A N   1 
ATOM   603  C CA  . VAL A 1 71  ? 11.267  -3.645  -10.268 1.00 17.06 ? 224 VAL A CA  1 
ATOM   604  C C   . VAL A 1 71  ? 10.278  -3.857  -11.420 1.00 18.08 ? 224 VAL A C   1 
ATOM   605  O O   . VAL A 1 71  ? 9.670   -2.880  -11.817 1.00 19.90 ? 224 VAL A O   1 
ATOM   606  C CB  . VAL A 1 71  ? 12.714  -3.429  -10.751 1.00 19.15 ? 224 VAL A CB  1 
ATOM   607  C CG1 . VAL A 1 71  ? 12.765  -2.472  -11.927 1.00 20.36 ? 224 VAL A CG1 1 
ATOM   608  C CG2 . VAL A 1 71  ? 13.576  -2.908  -9.602  1.00 18.33 ? 224 VAL A CG2 1 
ATOM   609  N N   . GLN A 1 72  ? 10.076  -5.087  -11.865 1.00 19.29 ? 225 GLN A N   1 
ATOM   610  C CA  . GLN A 1 72  ? 9.114   -5.295  -12.974 1.00 21.48 ? 225 GLN A CA  1 
ATOM   611  C C   . GLN A 1 72  ? 7.685   -4.982  -12.481 1.00 21.45 ? 225 GLN A C   1 
ATOM   612  O O   . GLN A 1 72  ? 6.862   -4.492  -13.261 1.00 22.97 ? 225 GLN A O   1 
ATOM   613  C CB  . GLN A 1 72  ? 9.307   -6.707  -13.502 1.00 21.05 ? 225 GLN A CB  1 
ATOM   614  C CG  . GLN A 1 72  ? 10.713  -6.946  -14.100 1.00 25.65 ? 225 GLN A CG  1 
ATOM   615  C CD  . GLN A 1 72  ? 11.867  -6.922  -13.099 1.00 22.68 ? 225 GLN A CD  1 
ATOM   616  O OE1 . GLN A 1 72  ? 11.878  -7.666  -12.085 1.00 20.51 ? 225 GLN A OE1 1 
ATOM   617  N NE2 . GLN A 1 72  ? 12.891  -6.120  -13.455 1.00 21.92 ? 225 GLN A NE2 1 
ATOM   618  N N   . GLN A 1 73  ? 7.379   -5.236  -11.219 1.00 17.62 ? 226 GLN A N   1 
ATOM   619  C CA  . GLN A 1 73  ? 6.037   -4.972  -10.652 1.00 18.08 ? 226 GLN A CA  1 
ATOM   620  C C   . GLN A 1 73  ? 5.814   -3.468  -10.522 1.00 20.48 ? 226 GLN A C   1 
ATOM   621  O O   . GLN A 1 73  ? 4.647   -3.076  -10.551 1.00 20.70 ? 226 GLN A O   1 
ATOM   622  C CB  . GLN A 1 73  ? 5.865   -5.734  -9.339  1.00 17.61 ? 226 GLN A CB  1 
ATOM   623  C CG  . GLN A 1 73  ? 5.646   -7.233  -9.512  1.00 17.32 ? 226 GLN A CG  1 
ATOM   624  C CD  . GLN A 1 73  ? 5.698   -7.961  -8.208  1.00 22.66 ? 226 GLN A CD  1 
ATOM   625  O OE1 . GLN A 1 73  ? 6.660   -7.847  -7.438  1.00 19.00 ? 226 GLN A OE1 1 
ATOM   626  N NE2 . GLN A 1 73  ? 4.616   -8.660  -7.883  1.00 26.11 ? 226 GLN A NE2 1 
ATOM   627  N N   . VAL A 1 74  ? 6.832   -2.660  -10.229 1.00 17.12 ? 227 VAL A N   1 
ATOM   628  C CA  . VAL A 1 74  ? 6.630   -1.236  -9.890  1.00 17.19 ? 227 VAL A CA  1 
ATOM   629  C C   . VAL A 1 74  ? 7.097   -0.306  -11.002 1.00 19.28 ? 227 VAL A C   1 
ATOM   630  O O   . VAL A 1 74  ? 6.748   0.892   -10.923 1.00 21.39 ? 227 VAL A O   1 
ATOM   631  C CB  . VAL A 1 74  ? 7.290   -0.877  -8.530  1.00 18.07 ? 227 VAL A CB  1 
ATOM   632  C CG1 . VAL A 1 74  ? 6.723   -1.702  -7.385  1.00 17.05 ? 227 VAL A CG1 1 
ATOM   633  C CG2 . VAL A 1 74  ? 8.805   -0.995  -8.568  1.00 19.59 ? 227 VAL A CG2 1 
ATOM   634  N N   . GLY A 1 75  ? 7.863   -0.821  -11.974 1.00 18.41 ? 228 GLY A N   1 
ATOM   635  C CA  . GLY A 1 75  ? 8.451   -0.049  -13.087 1.00 21.57 ? 228 GLY A CA  1 
ATOM   636  C C   . GLY A 1 75  ? 9.871   0.340   -12.760 1.00 23.81 ? 228 GLY A C   1 
ATOM   637  O O   . GLY A 1 75  ? 10.814  -0.110  -13.444 1.00 22.47 ? 228 GLY A O   1 
ATOM   638  N N   . SER A 1 76  ? 10.063  1.089   -11.670 1.00 19.48 ? 229 SER A N   1 
ATOM   639  C CA  . SER A 1 76  ? 11.413  1.437   -11.175 1.00 18.01 ? 229 SER A CA  1 
ATOM   640  C C   . SER A 1 76  ? 11.255  1.877   -9.732  1.00 15.51 ? 229 SER A C   1 
ATOM   641  O O   . SER A 1 76  ? 10.095  2.116   -9.325  1.00 17.34 ? 229 SER A O   1 
ATOM   642  C CB  . SER A 1 76  ? 12.033  2.564   -11.975 1.00 19.22 ? 229 SER A CB  1 
ATOM   643  O OG  . SER A 1 76  ? 11.369  3.790   -11.719 1.00 22.25 ? 229 SER A OG  1 
ATOM   644  N N   . LYS A 1 77  ? 12.353  1.955   -9.006  1.00 16.64 ? 230 LYS A N   1 
ATOM   645  C CA  . LYS A 1 77  ? 12.325  2.342   -7.574  1.00 17.38 ? 230 LYS A CA  1 
ATOM   646  C C   . LYS A 1 77  ? 11.743  3.750   -7.411  1.00 17.30 ? 230 LYS A C   1 
ATOM   647  O O   . LYS A 1 77  ? 11.052  4.017   -6.423  1.00 15.86 ? 230 LYS A O   1 
ATOM   648  C CB  . LYS A 1 77  ? 13.735  2.238   -7.012  1.00 16.36 ? 230 LYS A CB  1 
ATOM   649  C CG  . LYS A 1 77  ? 13.770  2.477   -5.513  1.00 16.88 ? 230 LYS A CG  1 
ATOM   650  C CD  . LYS A 1 77  ? 15.110  2.185   -4.881  1.00 15.93 ? 230 LYS A CD  1 
ATOM   651  C CE  . LYS A 1 77  ? 15.087  2.669   -3.452  1.00 19.40 ? 230 LYS A CE  1 
ATOM   652  N NZ  . LYS A 1 77  ? 16.303  2.307   -2.696  1.00 21.42 ? 230 LYS A NZ  1 
ATOM   653  N N   . ASP A 1 78  ? 11.853  4.617   -8.392  1.00 15.72 ? 231 ASP A N   1 
ATOM   654  C CA  . ASP A 1 78  ? 11.356  6.008   -8.291  1.00 17.76 ? 231 ASP A CA  1 
ATOM   655  C C   . ASP A 1 78  ? 9.949   6.188   -8.879  1.00 16.65 ? 231 ASP A C   1 
ATOM   656  O O   . ASP A 1 78  ? 9.443   7.286   -8.790  1.00 18.48 ? 231 ASP A O   1 
ATOM   657  C CB  . ASP A 1 78  ? 12.303  6.937   -9.039  1.00 17.79 ? 231 ASP A CB  1 
ATOM   658  C CG  . ASP A 1 78  ? 13.624  7.175   -8.315  1.00 24.62 ? 231 ASP A CG  1 
ATOM   659  O OD1 . ASP A 1 78  ? 13.681  7.101   -7.069  1.00 24.00 ? 231 ASP A OD1 1 
ATOM   660  O OD2 . ASP A 1 78  ? 14.614  7.437   -9.006  1.00 28.65 ? 231 ASP A OD2 1 
ATOM   661  N N   . SER A 1 79  ? 9.350   5.142   -9.432  1.00 16.64 ? 232 SER A N   1 
ATOM   662  C CA  . SER A 1 79  ? 8.019   5.239   -10.083 1.00 19.16 ? 232 SER A CA  1 
ATOM   663  C C   . SER A 1 79  ? 6.947   5.239   -8.991  1.00 16.46 ? 232 SER A C   1 
ATOM   664  O O   . SER A 1 79  ? 6.839   4.255   -8.262  1.00 16.88 ? 232 SER A O   1 
ATOM   665  C CB  . SER A 1 79  ? 7.754   4.096   -11.028 1.00 20.31 ? 232 SER A CB  1 
ATOM   666  O OG  . SER A 1 79  ? 8.720   4.090   -12.101 1.00 20.49 ? 232 SER A OG  1 
ATOM   667  N N   . PRO A 1 80  ? 6.037   6.223   -8.980  1.00 16.50 ? 233 PRO A N   1 
ATOM   668  C CA  . PRO A 1 80  ? 4.919   6.132   -8.050  1.00 16.73 ? 233 PRO A CA  1 
ATOM   669  C C   . PRO A 1 80  ? 4.102   4.876   -8.335  1.00 17.72 ? 233 PRO A C   1 
ATOM   670  O O   . PRO A 1 80  ? 3.885   4.506   -9.488  1.00 18.07 ? 233 PRO A O   1 
ATOM   671  C CB  . PRO A 1 80  ? 4.090   7.383   -8.346  1.00 20.64 ? 233 PRO A CB  1 
ATOM   672  C CG  . PRO A 1 80  ? 5.099   8.360   -8.947  1.00 24.32 ? 233 PRO A CG  1 
ATOM   673  C CD  . PRO A 1 80  ? 6.092   7.505   -9.687  1.00 21.94 ? 233 PRO A CD  1 
ATOM   674  N N   . VAL A 1 81  ? 3.646   4.231   -7.265  1.00 16.83 ? 234 VAL A N   1 
ATOM   675  C CA  . VAL A 1 81  ? 2.614   3.179   -7.324  1.00 13.28 ? 234 VAL A CA  1 
ATOM   676  C C   . VAL A 1 81  ? 1.447   3.642   -6.442  1.00 14.65 ? 234 VAL A C   1 
ATOM   677  O O   . VAL A 1 81  ? 1.569   4.603   -5.695  1.00 14.95 ? 234 VAL A O   1 
ATOM   678  C CB  . VAL A 1 81  ? 3.103   1.793   -6.890  1.00 15.85 ? 234 VAL A CB  1 
ATOM   679  C CG1 . VAL A 1 81  ? 4.255   1.336   -7.781  1.00 16.27 ? 234 VAL A CG1 1 
ATOM   680  C CG2 . VAL A 1 81  ? 3.527   1.760   -5.429  1.00 17.22 ? 234 VAL A CG2 1 
ATOM   681  N N   . ILE A 1 82  ? 0.306   3.020   -6.619  1.00 16.13 ? 235 ILE A N   1 
ATOM   682  C CA  . ILE A 1 82  ? -0.874  3.246   -5.762  1.00 14.02 ? 235 ILE A CA  1 
ATOM   683  C C   . ILE A 1 82  ? -0.896  2.187   -4.698  1.00 14.40 ? 235 ILE A C   1 
ATOM   684  O O   . ILE A 1 82  ? -0.707  0.984   -4.985  1.00 15.46 ? 235 ILE A O   1 
ATOM   685  C CB  . ILE A 1 82  ? -2.191  3.215   -6.548  1.00 17.25 ? 235 ILE A CB  1 
ATOM   686  C CG1 . ILE A 1 82  ? -2.168  4.194   -7.711  1.00 25.51 ? 235 ILE A CG1 1 
ATOM   687  C CG2 . ILE A 1 82  ? -3.303  3.494   -5.585  1.00 21.78 ? 235 ILE A CG2 1 
ATOM   688  C CD1 . ILE A 1 82  ? -1.946  5.533   -7.267  1.00 21.60 ? 235 ILE A CD1 1 
ATOM   689  N N   . ILE A 1 83  ? -1.185  2.606   -3.458  1.00 14.91 ? 236 ILE A N   1 
ATOM   690  C CA  . ILE A 1 83  ? -1.361  1.665   -2.316  1.00 12.92 ? 236 ILE A CA  1 
ATOM   691  C C   . ILE A 1 83  ? -2.711  1.983   -1.741  1.00 13.79 ? 236 ILE A C   1 
ATOM   692  O O   . ILE A 1 83  ? -2.921  3.107   -1.312  1.00 14.32 ? 236 ILE A O   1 
ATOM   693  C CB  . ILE A 1 83  ? -0.240  1.762   -1.274  1.00 14.85 ? 236 ILE A CB  1 
ATOM   694  C CG1 . ILE A 1 83  ? 1.120   1.585   -1.949  1.00 15.57 ? 236 ILE A CG1 1 
ATOM   695  C CG2 . ILE A 1 83  ? -0.451  0.720   -0.190  1.00 16.86 ? 236 ILE A CG2 1 
ATOM   696  C CD1 . ILE A 1 83  ? 2.273   2.215   -1.195  1.00 23.54 ? 236 ILE A CD1 1 
ATOM   697  N N   . GLU A 1 84  ? -3.649  1.060   -1.830  1.00 13.34 ? 237 GLU A N   1 
ATOM   698  C CA  . GLU A 1 84  ? -5.002  1.308   -1.305  1.00 13.27 ? 237 GLU A CA  1 
ATOM   699  C C   . GLU A 1 84  ? -5.320  0.291   -0.234  1.00 14.39 ? 237 GLU A C   1 
ATOM   700  O O   . GLU A 1 84  ? -5.083  -0.924  -0.389  1.00 14.57 ? 237 GLU A O   1 
ATOM   701  C CB  . GLU A 1 84  ? -6.052  1.205   -2.405  1.00 17.51 ? 237 GLU A CB  1 
ATOM   702  C CG  . GLU A 1 84  ? -5.830  2.219   -3.471  1.00 16.40 ? 237 GLU A CG  1 
ATOM   703  C CD  . GLU A 1 84  ? -7.102  2.687   -4.139  1.00 16.12 ? 237 GLU A CD  1 
ATOM   704  O OE1 . GLU A 1 84  ? -7.737  1.862   -4.853  1.00 19.38 ? 237 GLU A OE1 1 
ATOM   705  O OE2 . GLU A 1 84  ? -7.365  3.909   -3.989  1.00 16.83 ? 237 GLU A OE2 1 
ATOM   706  N N   . CYS A 1 85  ? -5.896  0.788   0.853   1.00 13.32 ? 238 CYS A N   1 
ATOM   707  C CA  . CYS A 1 85  ? -6.446  -0.052  1.926   1.00 12.97 ? 238 CYS A CA  1 
ATOM   708  C C   . CYS A 1 85  ? -7.965  -0.194  1.660   1.00 13.75 ? 238 CYS A C   1 
ATOM   709  O O   . CYS A 1 85  ? -8.622  0.814   1.418   1.00 14.41 ? 238 CYS A O   1 
ATOM   710  C CB  . CYS A 1 85  ? -6.142  0.592   3.265   1.00 13.43 ? 238 CYS A CB  1 
ATOM   711  S SG  . CYS A 1 85  ? -6.714  -0.437  4.644   1.00 15.80 ? 238 CYS A SG  1 
ATOM   712  N N   . SER A 1 86  ? -8.438  -1.435  1.638   1.00 13.32 ? 239 SER A N   1 
ATOM   713  C CA  . SER A 1 86  ? -9.865  -1.773  1.412   1.00 16.35 ? 239 SER A CA  1 
ATOM   714  C C   . SER A 1 86  ? -10.364 -2.701  2.498   1.00 14.78 ? 239 SER A C   1 
ATOM   715  O O   . SER A 1 86  ? -9.596  -3.455  3.143   1.00 16.42 ? 239 SER A O   1 
ATOM   716  C CB  . SER A 1 86  ? -10.095 -2.400  0.074   1.00 21.26 ? 239 SER A CB  1 
ATOM   717  O OG  . SER A 1 86  ? -9.741  -1.501  -0.964  1.00 21.24 ? 239 SER A OG  1 
ATOM   718  N N   . ASP A 1 87  ? -11.671 -2.584  2.699   1.00 17.67 ? 240 ASP A N   1 
ATOM   719  C CA  . ASP A 1 87  ? -12.468 -3.433  3.598   1.00 15.88 ? 240 ASP A CA  1 
ATOM   720  C C   . ASP A 1 87  ? -13.004 -4.642  2.813   1.00 17.51 ? 240 ASP A C   1 
ATOM   721  O O   . ASP A 1 87  ? -13.826 -4.434  1.913   1.00 19.42 ? 240 ASP A O   1 
ATOM   722  C CB  . ASP A 1 87  ? -13.639 -2.622  4.134   1.00 17.25 ? 240 ASP A CB  1 
ATOM   723  C CG  . ASP A 1 87  ? -14.488 -3.357  5.148   1.00 20.19 ? 240 ASP A CG  1 
ATOM   724  O OD1 . ASP A 1 87  ? -14.067 -4.394  5.647   1.00 18.37 ? 240 ASP A OD1 1 
ATOM   725  O OD2 . ASP A 1 87  ? -15.555 -2.805  5.490   1.00 24.96 ? 240 ASP A OD2 1 
ATOM   726  N N   . PHE A 1 88  ? -12.525 -5.838  3.109   1.00 19.21 ? 241 PHE A N   1 
ATOM   727  C CA  . PHE A 1 88  ? -12.951 -7.092  2.450   1.00 18.64 ? 241 PHE A CA  1 
ATOM   728  C C   . PHE A 1 88  ? -14.399 -7.405  2.844   1.00 19.71 ? 241 PHE A C   1 
ATOM   729  O O   . PHE A 1 88  ? -14.729 -7.510  4.043   1.00 23.40 ? 241 PHE A O   1 
ATOM   730  C CB  . PHE A 1 88  ? -12.052 -8.264  2.844   1.00 20.70 ? 241 PHE A CB  1 
ATOM   731  C CG  . PHE A 1 88  ? -12.314 -9.479  1.993   1.00 22.17 ? 241 PHE A CG  1 
ATOM   732  C CD1 . PHE A 1 88  ? -11.658 -9.646  0.787   1.00 26.37 ? 241 PHE A CD1 1 
ATOM   733  C CD2 . PHE A 1 88  ? -13.153 -10.486 2.446   1.00 38.55 ? 241 PHE A CD2 1 
ATOM   734  C CE1 . PHE A 1 88  ? -11.892 -10.770 0.001   1.00 33.27 ? 241 PHE A CE1 1 
ATOM   735  C CE2 . PHE A 1 88  ? -13.383 -11.609 1.664   1.00 32.05 ? 241 PHE A CE2 1 
ATOM   736  C CZ  . PHE A 1 88  ? -12.741 -11.751 0.455   1.00 31.31 ? 241 PHE A CZ  1 
ATOM   737  N N   . ASN A 1 89  ? -15.229 -7.558  1.836   1.00 23.83 ? 242 ASN A N   1 
ATOM   738  C CA  . ASN A 1 89  ? -16.645 -7.959  2.039   1.00 25.28 ? 242 ASN A CA  1 
ATOM   739  C C   . ASN A 1 89  ? -16.882 -9.320  1.363   1.00 30.82 ? 242 ASN A C   1 
ATOM   740  O O   . ASN A 1 89  ? -16.401 -9.539  0.208   1.00 29.18 ? 242 ASN A O   1 
ATOM   741  C CB  . ASN A 1 89  ? -17.563 -6.844  1.521   1.00 31.11 ? 242 ASN A CB  1 
ATOM   742  C CG  . ASN A 1 89  ? -17.467 -5.576  2.349   1.00 30.31 ? 242 ASN A CG  1 
ATOM   743  O OD1 . ASN A 1 89  ? -17.474 -5.645  3.573   1.00 33.41 ? 242 ASN A OD1 1 
ATOM   744  N ND2 . ASN A 1 89  ? -17.368 -4.410  1.709   1.00 31.15 ? 242 ASN A ND2 1 
ATOM   745  N N   . SER A 1 90  ? -17.576 -10.192 2.090   1.00 36.71 ? 243 SER A N   1 
ATOM   746  C CA  A SER A 1 90  ? -17.963 -11.559 1.650   0.60 41.83 ? 243 SER A CA  1 
ATOM   747  C CA  B SER A 1 90  ? -17.948 -11.560 1.642   0.40 40.03 ? 243 SER A CA  1 
ATOM   748  C C   . SER A 1 90  ? -18.720 -11.481 0.318   1.00 36.91 ? 243 SER A C   1 
ATOM   749  O O   . SER A 1 90  ? -18.528 -12.385 -0.510  1.00 45.34 ? 243 SER A O   1 
ATOM   750  C CB  A SER A 1 90  ? -18.780 -12.262 2.719   0.60 38.68 ? 243 SER A CB  1 
ATOM   751  C CB  B SER A 1 90  ? -18.736 -12.288 2.706   0.40 38.30 ? 243 SER A CB  1 
ATOM   752  O OG  A SER A 1 90  ? -19.694 -11.373 3.349   0.60 39.42 ? 243 SER A OG  1 
ATOM   753  O OG  B SER A 1 90  ? -17.898 -12.663 3.791   0.40 38.99 ? 243 SER A OG  1 
ATOM   754  N N   . ASN A 1 91  ? -19.519 -10.416 0.128   1.00 41.02 ? 244 ASN A N   1 
ATOM   755  C CA  A ASN A 1 91  ? -20.293 -10.230 -1.132  0.60 43.25 ? 244 ASN A CA  1 
ATOM   756  C CA  B ASN A 1 91  ? -20.301 -10.129 -1.109  0.40 44.51 ? 244 ASN A CA  1 
ATOM   757  C C   . ASN A 1 91  ? -19.351 -9.898  -2.294  1.00 40.41 ? 244 ASN A C   1 
ATOM   758  O O   . ASN A 1 91  ? -19.808 -9.950  -3.436  1.00 51.12 ? 244 ASN A O   1 
ATOM   759  C CB  A ASN A 1 91  ? -21.398 -9.181  -1.020  0.60 37.33 ? 244 ASN A CB  1 
ATOM   760  C CB  B ASN A 1 91  ? -21.223 -8.914  -0.937  0.40 43.80 ? 244 ASN A CB  1 
ATOM   761  C CG  A ASN A 1 91  ? -20.910 -7.749  -1.008  0.60 42.79 ? 244 ASN A CG  1 
ATOM   762  C CG  B ASN A 1 91  ? -21.791 -8.756  0.462   0.40 46.04 ? 244 ASN A CG  1 
ATOM   763  O OD1 A ASN A 1 91  ? -19.757 -7.456  -1.329  0.60 44.56 ? 244 ASN A OD1 1 
ATOM   764  O OD1 B ASN A 1 91  ? -21.060 -8.470  1.410   0.40 49.15 ? 244 ASN A OD1 1 
ATOM   765  N ND2 A ASN A 1 91  ? -21.799 -6.851  -0.626  0.60 31.60 ? 244 ASN A ND2 1 
ATOM   766  N ND2 B ASN A 1 91  ? -23.099 -8.911  0.599   0.40 50.69 ? 244 ASN A ND2 1 
ATOM   767  N N   . GLY A 1 92  ? -18.088 -9.573  -2.013  1.00 40.70 ? 245 GLY A N   1 
ATOM   768  C CA  . GLY A 1 92  ? -17.044 -9.396  -3.034  1.00 34.11 ? 245 GLY A CA  1 
ATOM   769  C C   . GLY A 1 92  ? -16.889 -7.968  -3.523  1.00 38.46 ? 245 GLY A C   1 
ATOM   770  O O   . GLY A 1 92  ? -15.987 -7.773  -4.331  1.00 37.53 ? 245 GLY A O   1 
ATOM   771  N N   . LYS A 1 93  ? -17.725 -7.011  -3.093  1.00 37.31 ? 246 LYS A N   1 
ATOM   772  C CA  . LYS A 1 93  ? -17.519 -5.579  -3.428  1.00 38.26 ? 246 LYS A CA  1 
ATOM   773  C C   . LYS A 1 93  ? -16.883 -4.884  -2.217  1.00 25.59 ? 246 LYS A C   1 
ATOM   774  O O   . LYS A 1 93  ? -17.578 -4.544  -1.239  1.00 29.54 ? 246 LYS A O   1 
ATOM   775  C CB  . LYS A 1 93  ? -18.769 -4.834  -3.901  1.00 43.54 ? 246 LYS A CB  1 
ATOM   776  C CG  . LYS A 1 93  ? -18.426 -3.562  -4.674  1.00 49.21 ? 246 LYS A CG  1 
ATOM   777  C CD  . LYS A 1 93  ? -19.582 -2.963  -5.463  1.00 64.63 ? 246 LYS A CD  1 
ATOM   778  C CE  . LYS A 1 93  ? -19.162 -1.826  -6.374  1.00 75.67 ? 246 LYS A CE  1 
ATOM   779  N NZ  . LYS A 1 93  ? -20.289 -1.319  -7.199  1.00 67.55 ? 246 LYS A NZ  1 
ATOM   780  N N   . HIS A 1 94  ? -15.570 -4.764  -2.304  1.00 29.36 ? 247 HIS A N   1 
ATOM   781  C CA  . HIS A 1 94  ? -14.715 -4.281  -1.202  1.00 23.95 ? 247 HIS A CA  1 
ATOM   782  C C   . HIS A 1 94  ? -14.751 -2.766  -1.167  1.00 29.85 ? 247 HIS A C   1 
ATOM   783  O O   . HIS A 1 94  ? -14.472 -2.126  -2.199  1.00 37.97 ? 247 HIS A O   1 
ATOM   784  C CB  . HIS A 1 94  ? -13.312 -4.832  -1.391  1.00 23.42 ? 247 HIS A CB  1 
ATOM   785  C CG  . HIS A 1 94  ? -13.327 -6.303  -1.653  1.00 22.91 ? 247 HIS A CG  1 
ATOM   786  N ND1 . HIS A 1 94  ? -14.039 -7.172  -0.839  1.00 24.32 ? 247 HIS A ND1 1 
ATOM   787  C CD2 . HIS A 1 94  ? -12.700 -7.078  -2.573  1.00 23.69 ? 247 HIS A CD2 1 
ATOM   788  C CE1 . HIS A 1 94  ? -13.891 -8.407  -1.267  1.00 26.41 ? 247 HIS A CE1 1 
ATOM   789  N NE2 . HIS A 1 94  ? -13.042 -8.388  -2.293  1.00 24.41 ? 247 HIS A NE2 1 
ATOM   790  N N   . SER A 1 95  ? -14.921 -2.204  0.020   1.00 21.36 ? 248 SER A N   1 
ATOM   791  C CA  A SER A 1 95  ? -15.043 -0.730  0.111   0.60 19.67 ? 248 SER A CA  1 
ATOM   792  C CA  B SER A 1 95  ? -15.072 -0.741  0.255   0.40 20.19 ? 248 SER A CA  1 
ATOM   793  C C   . SER A 1 95  ? -13.696 -0.080  0.384   1.00 18.36 ? 248 SER A C   1 
ATOM   794  O O   . SER A 1 95  ? -12.856 -0.658  1.082   1.00 20.53 ? 248 SER A O   1 
ATOM   795  C CB  A SER A 1 95  ? -16.041 -0.295  1.096   0.60 20.66 ? 248 SER A CB  1 
ATOM   796  C CB  B SER A 1 95  ? -15.884 -0.474  1.503   0.40 21.46 ? 248 SER A CB  1 
ATOM   797  O OG  A SER A 1 95  ? -15.798 -0.877  2.359   0.60 26.05 ? 248 SER A OG  1 
ATOM   798  O OG  B SER A 1 95  ? -17.191 -1.050  1.442   0.40 21.82 ? 248 SER A OG  1 
ATOM   799  N N   . LEU A 1 96  ? -13.508 1.069   -0.226  1.00 17.07 ? 249 LEU A N   1 
ATOM   800  C CA  . LEU A 1 96  ? -12.256 1.841   -0.082  1.00 16.15 ? 249 LEU A CA  1 
ATOM   801  C C   . LEU A 1 96  ? -12.158 2.455   1.306   1.00 15.22 ? 249 LEU A C   1 
ATOM   802  O O   . LEU A 1 96  ? -13.085 3.189   1.729   1.00 18.42 ? 249 LEU A O   1 
ATOM   803  C CB  . LEU A 1 96  ? -12.210 2.922   -1.153  1.00 17.01 ? 249 LEU A CB  1 
ATOM   804  C CG  . LEU A 1 96  ? -10.915 3.726   -1.215  1.00 17.26 ? 249 LEU A CG  1 
ATOM   805  C CD1 . LEU A 1 96  ? -9.712  2.840   -1.476  1.00 17.92 ? 249 LEU A CD1 1 
ATOM   806  C CD2 . LEU A 1 96  ? -11.057 4.793   -2.285  1.00 19.85 ? 249 LEU A CD2 1 
ATOM   807  N N   . ILE A 1 97  ? -11.052 2.170   1.976   1.00 14.51 ? 250 ILE A N   1 
ATOM   808  C CA  . ILE A 1 97  ? -10.694 2.813   3.259   1.00 14.78 ? 250 ILE A CA  1 
ATOM   809  C C   . ILE A 1 97  ? -9.776  4.005   2.998   1.00 13.90 ? 250 ILE A C   1 
ATOM   810  O O   . ILE A 1 97  ? -10.006 5.045   3.619   1.00 15.57 ? 250 ILE A O   1 
ATOM   811  C CB  . ILE A 1 97  ? -10.104 1.768   4.221   1.00 14.55 ? 250 ILE A CB  1 
ATOM   812  C CG1 . ILE A 1 97  ? -11.098 0.633   4.593   1.00 14.94 ? 250 ILE A CG1 1 
ATOM   813  C CG2 . ILE A 1 97  ? -9.509  2.476   5.428   1.00 14.09 ? 250 ILE A CG2 1 
ATOM   814  C CD1 . ILE A 1 97  ? -10.458 -0.547  5.312   1.00 15.68 ? 250 ILE A CD1 1 
ATOM   815  N N   . GLY A 1 98  ? -8.785  3.889   2.114   1.00 14.35 ? 251 GLY A N   1 
ATOM   816  C CA  . GLY A 1 98  ? -7.878  5.028   1.888   1.00 14.46 ? 251 GLY A CA  1 
ATOM   817  C C   . GLY A 1 98  ? -6.852  4.705   0.820   1.00 13.41 ? 251 GLY A C   1 
ATOM   818  O O   . GLY A 1 98  ? -6.615  3.530   0.554   1.00 13.51 ? 251 GLY A O   1 
ATOM   819  N N   . LYS A 1 99  ? -6.309  5.765   0.228   1.00 13.13 ? 252 LYS A N   1 
ATOM   820  C CA  . LYS A 1 99  ? -5.339  5.686   -0.871  1.00 14.22 ? 252 LYS A CA  1 
ATOM   821  C C   . LYS A 1 99  ? -4.099  6.487   -0.501  1.00 11.93 ? 252 LYS A C   1 
ATOM   822  O O   . LYS A 1 99  ? -4.159  7.590   0.087   1.00 14.13 ? 252 LYS A O   1 
ATOM   823  C CB  . LYS A 1 99  ? -5.995  6.362   -2.090  1.00 18.81 ? 252 LYS A CB  1 
ATOM   824  C CG  . LYS A 1 99  ? -5.171  6.389   -3.336  1.00 19.37 ? 252 LYS A CG  1 
ATOM   825  C CD  . LYS A 1 99  ? -5.968  6.994   -4.475  1.00 18.34 ? 252 LYS A CD  1 
ATOM   826  C CE  . LYS A 1 99  ? -5.184  6.771   -5.747  1.00 23.38 ? 252 LYS A CE  1 
ATOM   827  N NZ  . LYS A 1 99  ? -5.823  7.467   -6.866  1.00 20.12 ? 252 LYS A NZ  1 
ATOM   828  N N   . VAL A 1 100 ? -2.969  5.954   -0.940  1.00 13.83 ? 253 VAL A N   1 
ATOM   829  C CA  . VAL A 1 100 ? -1.642  6.623   -0.967  1.00 14.70 ? 253 VAL A CA  1 
ATOM   830  C C   . VAL A 1 100 ? -1.026  6.450   -2.366  1.00 14.24 ? 253 VAL A C   1 
ATOM   831  O O   . VAL A 1 100 ? -1.289  5.428   -3.005  1.00 15.18 ? 253 VAL A O   1 
ATOM   832  C CB  . VAL A 1 100 ? -0.804  5.975   0.157   1.00 20.42 ? 253 VAL A CB  1 
ATOM   833  C CG1 . VAL A 1 100 ? 0.690   6.109   -0.037  1.00 25.91 ? 253 VAL A CG1 1 
ATOM   834  C CG2 . VAL A 1 100 ? -1.294  6.482   1.528   1.00 16.99 ? 253 VAL A CG2 1 
ATOM   835  N N   . GLN A 1 101 ? -0.298  7.438   -2.806  1.00 14.99 ? 254 GLN A N   1 
ATOM   836  C CA  . GLN A 1 101 ? 0.494   7.373   -4.047  1.00 16.14 ? 254 GLN A CA  1 
ATOM   837  C C   . GLN A 1 101 ? 1.945   7.672   -3.695  1.00 17.02 ? 254 GLN A C   1 
ATOM   838  O O   . GLN A 1 101 ? 2.260   8.810   -3.337  1.00 21.21 ? 254 GLN A O   1 
ATOM   839  C CB  . GLN A 1 101 ? -0.098  8.274   -5.118  1.00 18.26 ? 254 GLN A CB  1 
ATOM   840  C CG  . GLN A 1 101 ? 0.775   8.263   -6.375  1.00 23.72 ? 254 GLN A CG  1 
ATOM   841  C CD  . GLN A 1 101 ? 0.231   9.096   -7.511  1.00 28.25 ? 254 GLN A CD  1 
ATOM   842  O OE1 . GLN A 1 101 ? -0.972  9.224   -7.681  1.00 33.60 ? 254 GLN A OE1 1 
ATOM   843  N NE2 . GLN A 1 101 ? 1.136   9.641   -8.299  1.00 39.40 ? 254 GLN A NE2 1 
ATOM   844  N N   . LYS A 1 102 ? 2.794   6.654   -3.754  1.00 15.61 ? 255 LYS A N   1 
ATOM   845  C CA  . LYS A 1 102 ? 4.196   6.731   -3.292  1.00 19.07 ? 255 LYS A CA  1 
ATOM   846  C C   . LYS A 1 102 ? 5.024   5.791   -4.154  1.00 15.43 ? 255 LYS A C   1 
ATOM   847  O O   . LYS A 1 102 ? 4.555   4.717   -4.490  1.00 15.97 ? 255 LYS A O   1 
ATOM   848  C CB  . LYS A 1 102 ? 4.318   6.248   -1.842  1.00 21.37 ? 255 LYS A CB  1 
ATOM   849  C CG  . LYS A 1 102 ? 3.756   7.177   -0.781  1.00 24.77 ? 255 LYS A CG  1 
ATOM   850  C CD  . LYS A 1 102 ? 4.774   8.211   -0.356  1.00 25.61 ? 255 LYS A CD  1 
ATOM   851  C CE  . LYS A 1 102 ? 4.166   9.447   0.251   1.00 24.90 ? 255 LYS A CE  1 
ATOM   852  N NZ  . LYS A 1 102 ? 3.504   10.293  -0.764  1.00 27.52 ? 255 LYS A NZ  1 
ATOM   853  N N   . SER A 1 103 ? 6.282   6.113   -4.395  1.00 15.51 ? 256 SER A N   1 
ATOM   854  C CA  . SER A 1 103 ? 7.237   5.184   -5.015  1.00 14.73 ? 256 SER A CA  1 
ATOM   855  C C   . SER A 1 103 ? 7.894   4.319   -3.957  1.00 14.13 ? 256 SER A C   1 
ATOM   856  O O   . SER A 1 103 ? 7.784   4.598   -2.754  1.00 13.95 ? 256 SER A O   1 
ATOM   857  C CB  . SER A 1 103 ? 8.334   5.911   -5.735  1.00 14.11 ? 256 SER A CB  1 
ATOM   858  O OG  . SER A 1 103 ? 9.104   6.687   -4.816  1.00 15.93 ? 256 SER A OG  1 
ATOM   859  N N   . LEU A 1 104 ? 8.600   3.285   -4.353  1.00 13.29 ? 257 LEU A N   1 
ATOM   860  C CA  . LEU A 1 104 ? 9.384   2.488   -3.386  1.00 13.49 ? 257 LEU A CA  1 
ATOM   861  C C   . LEU A 1 104 ? 10.397  3.409   -2.709  1.00 14.74 ? 257 LEU A C   1 
ATOM   862  O O   . LEU A 1 104 ? 10.658  3.219   -1.491  1.00 14.26 ? 257 LEU A O   1 
ATOM   863  C CB  . LEU A 1 104 ? 10.056  1.304   -4.085  1.00 14.12 ? 257 LEU A CB  1 
ATOM   864  C CG  . LEU A 1 104 ? 9.192   0.144   -4.575  1.00 17.68 ? 257 LEU A CG  1 
ATOM   865  C CD1 . LEU A 1 104 ? 10.050  -1.037  -5.033  1.00 18.35 ? 257 LEU A CD1 1 
ATOM   866  C CD2 . LEU A 1 104 ? 8.192   -0.288  -3.534  1.00 18.82 ? 257 LEU A CD2 1 
ATOM   867  N N   . SER A 1 105 ? 11.043  4.313   -3.460  1.00 13.72 ? 258 SER A N   1 
ATOM   868  C CA  . SER A 1 105 ? 12.030  5.254   -2.879  1.00 14.09 ? 258 SER A CA  1 
ATOM   869  C C   . SER A 1 105 ? 11.348  6.025   -1.742  1.00 14.42 ? 258 SER A C   1 
ATOM   870  O O   . SER A 1 105 ? 11.941  6.256   -0.654  1.00 15.22 ? 258 SER A O   1 
ATOM   871  C CB  . SER A 1 105 ? 12.574  6.149   -3.985  1.00 18.05 ? 258 SER A CB  1 
ATOM   872  O OG  . SER A 1 105 ? 13.499  7.036   -3.418  1.00 19.32 ? 258 SER A OG  1 
ATOM   873  N N   . ASP A 1 106 ? 10.135  6.480   -1.958  1.00 14.04 ? 259 ASP A N   1 
ATOM   874  C CA  . ASP A 1 106 ? 9.359   7.233   -0.946  1.00 14.60 ? 259 ASP A CA  1 
ATOM   875  C C   . ASP A 1 106 ? 9.029   6.346   0.254   1.00 13.33 ? 259 ASP A C   1 
ATOM   876  O O   . ASP A 1 106 ? 9.210   6.782   1.420   1.00 14.81 ? 259 ASP A O   1 
ATOM   877  C CB  . ASP A 1 106 ? 8.030   7.690   -1.547  1.00 14.48 ? 259 ASP A CB  1 
ATOM   878  C CG  . ASP A 1 106 ? 8.086   8.732   -2.641  1.00 17.66 ? 259 ASP A CG  1 
ATOM   879  O OD1 . ASP A 1 106 ? 9.090   9.457   -2.725  1.00 18.25 ? 259 ASP A OD1 1 
ATOM   880  O OD2 . ASP A 1 106 ? 7.072   8.811   -3.411  1.00 16.87 ? 259 ASP A OD2 1 
ATOM   881  N N   . LEU A 1 107 ? 8.639   5.109   0.024   1.00 13.97 ? 260 LEU A N   1 
ATOM   882  C CA  . LEU A 1 107 ? 8.335   4.197   1.149   1.00 13.10 ? 260 LEU A CA  1 
ATOM   883  C C   . LEU A 1 107 ? 9.595   3.984   1.983   1.00 15.32 ? 260 LEU A C   1 
ATOM   884  O O   . LEU A 1 107 ? 9.503   3.889   3.201   1.00 14.44 ? 260 LEU A O   1 
ATOM   885  C CB  . LEU A 1 107 ? 7.800   2.883   0.597   1.00 13.68 ? 260 LEU A CB  1 
ATOM   886  C CG  . LEU A 1 107 ? 6.442   2.985   -0.132  1.00 15.09 ? 260 LEU A CG  1 
ATOM   887  C CD1 . LEU A 1 107 ? 6.024   1.602   -0.590  1.00 15.12 ? 260 LEU A CD1 1 
ATOM   888  C CD2 . LEU A 1 107 ? 5.349   3.643   0.722   1.00 16.98 ? 260 LEU A CD2 1 
ATOM   889  N N   . GLU A 1 108 ? 10.766  3.874   1.363   1.00 14.88 ? 261 GLU A N   1 
ATOM   890  C CA  . GLU A 1 108 ? 12.021  3.714   2.123   1.00 15.26 ? 261 GLU A CA  1 
ATOM   891  C C   . GLU A 1 108 ? 12.248  4.962   2.975   1.00 13.77 ? 261 GLU A C   1 
ATOM   892  O O   . GLU A 1 108 ? 12.660  4.801   4.130   1.00 14.35 ? 261 GLU A O   1 
ATOM   893  C CB  . GLU A 1 108 ? 13.145  3.473   1.138   1.00 16.77 ? 261 GLU A CB  1 
ATOM   894  C CG  . GLU A 1 108 ? 14.479  3.211   1.798   1.00 18.60 ? 261 GLU A CG  1 
ATOM   895  C CD  . GLU A 1 108 ? 15.593  2.852   0.808   1.00 20.78 ? 261 GLU A CD  1 
ATOM   896  O OE1 . GLU A 1 108 ? 15.552  3.311   -0.301  1.00 26.47 ? 261 GLU A OE1 1 
ATOM   897  O OE2 . GLU A 1 108 ? 16.472  2.107   1.225   1.00 28.10 ? 261 GLU A OE2 1 
ATOM   898  N N   . LYS A 1 109 ? 11.980  6.144   2.455   1.00 13.93 ? 262 LYS A N   1 
ATOM   899  C CA  A LYS A 1 109 ? 12.120  7.450   3.180   0.40 14.98 ? 262 LYS A CA  1 
ATOM   900  C CA  B LYS A 1 109 ? 12.187  7.394   3.229   0.60 14.04 ? 262 LYS A CA  1 
ATOM   901  C C   . LYS A 1 109 ? 11.225  7.412   4.429   1.00 14.93 ? 262 LYS A C   1 
ATOM   902  O O   . LYS A 1 109 ? 11.658  7.794   5.539   1.00 14.34 ? 262 LYS A O   1 
ATOM   903  C CB  A LYS A 1 109 ? 11.683  8.670   2.360   0.40 19.07 ? 262 LYS A CB  1 
ATOM   904  C CB  B LYS A 1 109 ? 12.065  8.589   2.301   0.60 14.16 ? 262 LYS A CB  1 
ATOM   905  C CG  A LYS A 1 109 ? 12.399  8.953   1.046   0.40 19.08 ? 262 LYS A CG  1 
ATOM   906  C CG  B LYS A 1 109 ? 13.205  8.738   1.302   0.60 15.25 ? 262 LYS A CG  1 
ATOM   907  C CD  A LYS A 1 109 ? 13.891  9.054   1.176   0.40 17.96 ? 262 LYS A CD  1 
ATOM   908  C CD  B LYS A 1 109 ? 12.843  9.790   0.301   0.60 15.92 ? 262 LYS A CD  1 
ATOM   909  C CE  A LYS A 1 109 ? 14.536  9.668   -0.048  0.40 19.18 ? 262 LYS A CE  1 
ATOM   910  C CE  B LYS A 1 109 ? 13.933  10.047  -0.708  0.60 22.75 ? 262 LYS A CE  1 
ATOM   911  N NZ  A LYS A 1 109 ? 14.437  8.765   -1.221  0.40 20.19 ? 262 LYS A NZ  1 
ATOM   912  N NZ  B LYS A 1 109 ? 14.094  8.946   -1.681  0.60 24.70 ? 262 LYS A NZ  1 
ATOM   913  N N   . LEU A 1 110 ? 9.978   6.994   4.264   1.00 16.04 ? 263 LEU A N   1 
ATOM   914  C CA  . LEU A 1 110 ? 9.049   6.954   5.417   1.00 14.48 ? 263 LEU A CA  1 
ATOM   915  C C   . LEU A 1 110 ? 9.618   5.997   6.457   1.00 14.71 ? 263 LEU A C   1 
ATOM   916  O O   . LEU A 1 110 ? 9.608   6.316   7.680   1.00 14.70 ? 263 LEU A O   1 
ATOM   917  C CB  . LEU A 1 110 ? 7.666   6.434   4.998   1.00 15.03 ? 263 LEU A CB  1 
ATOM   918  C CG  . LEU A 1 110 ? 6.858   7.351   4.107   1.00 17.27 ? 263 LEU A CG  1 
ATOM   919  C CD1 . LEU A 1 110 ? 5.672   6.601   3.540   1.00 18.72 ? 263 LEU A CD1 1 
ATOM   920  C CD2 . LEU A 1 110 ? 6.408   8.593   4.848   1.00 17.13 ? 263 LEU A CD2 1 
ATOM   921  N N   . HIS A 1 111 ? 10.101  4.848   6.043   1.00 13.02 ? 264 HIS A N   1 
ATOM   922  C CA  . HIS A 1 111 ? 10.702  3.883   6.973   1.00 14.86 ? 264 HIS A CA  1 
ATOM   923  C C   . HIS A 1 111 ? 11.900  4.524   7.699   1.00 14.88 ? 264 HIS A C   1 
ATOM   924  O O   . HIS A 1 111 ? 12.020  4.409   8.926   1.00 16.17 ? 264 HIS A O   1 
ATOM   925  C CB  . HIS A 1 111 ? 11.092  2.665   6.189   1.00 14.95 ? 264 HIS A CB  1 
ATOM   926  C CG  . HIS A 1 111 ? 11.829  1.704   7.033   1.00 17.00 ? 264 HIS A CG  1 
ATOM   927  N ND1 . HIS A 1 111 ? 11.307  1.034   8.119   1.00 19.61 ? 264 HIS A ND1 1 
ATOM   928  C CD2 . HIS A 1 111 ? 13.142  1.380   6.980   1.00 17.92 ? 264 HIS A CD2 1 
ATOM   929  C CE1 . HIS A 1 111 ? 12.293  0.315   8.674   1.00 17.61 ? 264 HIS A CE1 1 
ATOM   930  N NE2 . HIS A 1 111 ? 13.401  0.517   7.988   1.00 19.80 ? 264 HIS A NE2 1 
ATOM   931  N N   . LEU A 1 112 ? 12.836  5.101   6.959   1.00 13.75 ? 265 LEU A N   1 
ATOM   932  C CA  . LEU A 1 112 ? 14.054  5.693   7.560   1.00 13.92 ? 265 LEU A CA  1 
ATOM   933  C C   . LEU A 1 112 ? 13.724  6.784   8.551   1.00 16.09 ? 265 LEU A C   1 
ATOM   934  O O   . LEU A 1 112 ? 14.412  6.863   9.610   1.00 17.40 ? 265 LEU A O   1 
ATOM   935  C CB  . LEU A 1 112 ? 14.990  6.242   6.464   1.00 16.58 ? 265 LEU A CB  1 
ATOM   936  C CG  . LEU A 1 112 ? 15.616  5.165   5.572   1.00 18.38 ? 265 LEU A CG  1 
ATOM   937  C CD1 . LEU A 1 112 ? 16.335  5.805   4.383   1.00 24.20 ? 265 LEU A CD1 1 
ATOM   938  C CD2 . LEU A 1 112 ? 16.557  4.266   6.349   1.00 25.40 ? 265 LEU A CD2 1 
ATOM   939  N N   . ALA A 1 113 ? 12.702  7.598   8.287   1.00 14.14 ? 266 ALA A N   1 
ATOM   940  C CA  . ALA A 1 113 ? 12.340  8.762   9.113   1.00 17.59 ? 266 ALA A CA  1 
ATOM   941  C C   . ALA A 1 113 ? 11.394  8.352   10.245  1.00 19.11 ? 266 ALA A C   1 
ATOM   942  O O   . ALA A 1 113 ? 11.163  9.151   11.127  1.00 20.84 ? 266 ALA A O   1 
ATOM   943  C CB  . ALA A 1 113 ? 11.703  9.822   8.268   1.00 16.58 ? 266 ALA A CB  1 
ATOM   944  N N   . GLY A 1 114 ? 10.847  7.158   10.207  1.00 15.93 ? 267 GLY A N   1 
ATOM   945  C CA  . GLY A 1 114 ? 9.829   6.725   11.180  1.00 17.59 ? 267 GLY A CA  1 
ATOM   946  C C   . GLY A 1 114 ? 8.567   7.559   11.109  1.00 21.65 ? 267 GLY A C   1 
ATOM   947  O O   . GLY A 1 114 ? 8.030   8.007   12.181  1.00 26.29 ? 267 GLY A O   1 
ATOM   948  N N   . GLN A 1 115 ? 8.149   7.897   9.924   1.00 15.41 ? 268 GLN A N   1 
ATOM   949  C CA  A GLN A 1 115 ? 7.019   8.811   9.682   0.70 14.34 ? 268 GLN A CA  1 
ATOM   950  C CA  B GLN A 1 115 ? 6.951   8.744   9.800   0.30 13.53 ? 268 GLN A CA  1 
ATOM   951  C C   . GLN A 1 115 ? 5.947   8.049   8.899   1.00 14.10 ? 268 GLN A C   1 
ATOM   952  O O   . GLN A 1 115 ? 6.308   7.252   8.013   1.00 15.87 ? 268 GLN A O   1 
ATOM   953  C CB  A GLN A 1 115 ? 7.493   10.062  8.916   0.70 15.81 ? 268 GLN A CB  1 
ATOM   954  C CB  B GLN A 1 115 ? 7.250   10.158  9.304   0.30 12.94 ? 268 GLN A CB  1 
ATOM   955  C CG  A GLN A 1 115 ? 8.334   11.034  9.778   0.70 19.55 ? 268 GLN A CG  1 
ATOM   956  C CG  B GLN A 1 115 ? 7.532   10.265  7.817   0.30 12.68 ? 268 GLN A CG  1 
ATOM   957  C CD  A GLN A 1 115 ? 7.495   11.905  10.684  0.70 24.01 ? 268 GLN A CD  1 
ATOM   958  C CD  B GLN A 1 115 ? 7.876   11.697  7.470   0.30 13.69 ? 268 GLN A CD  1 
ATOM   959  O OE1 A GLN A 1 115 ? 6.921   12.871  10.217  0.70 25.72 ? 268 GLN A OE1 1 
ATOM   960  O OE1 B GLN A 1 115 ? 7.373   12.286  6.511   0.30 13.20 ? 268 GLN A OE1 1 
ATOM   961  N NE2 A GLN A 1 115 ? 7.433   11.628  11.981  0.70 21.63 ? 268 GLN A NE2 1 
ATOM   962  N NE2 B GLN A 1 115 ? 8.689   12.296  8.327   0.30 13.33 ? 268 GLN A NE2 1 
ATOM   963  N N   . GLY A 1 116 ? 4.702   8.366   9.156   1.00 11.99 ? 269 GLY A N   1 
ATOM   964  C CA  . GLY A 1 116 ? 3.619   7.803   8.353   1.00 12.19 ? 269 GLY A CA  1 
ATOM   965  C C   . GLY A 1 116 ? 3.188   8.730   7.222   1.00 13.54 ? 269 GLY A C   1 
ATOM   966  O O   . GLY A 1 116 ? 3.655   9.861   7.110   1.00 14.43 ? 269 GLY A O   1 
ATOM   967  N N   . ILE A 1 117 ? 2.290   8.226   6.427   1.00 12.70 ? 270 ILE A N   1 
ATOM   968  C CA  . ILE A 1 117 ? 1.617   8.992   5.342   1.00 13.80 ? 270 ILE A CA  1 
ATOM   969  C C   . ILE A 1 117 ? 0.112   8.895   5.594   1.00 13.46 ? 270 ILE A C   1 
ATOM   970  O O   . ILE A 1 117 ? -0.403  7.754   5.647   1.00 12.99 ? 270 ILE A O   1 
ATOM   971  C CB  . ILE A 1 117 ? 2.064   8.541   3.933   1.00 14.14 ? 270 ILE A CB  1 
ATOM   972  C CG1 . ILE A 1 117 ? 1.285   9.305   2.865   1.00 18.91 ? 270 ILE A CG1 1 
ATOM   973  C CG2 . ILE A 1 117 ? 1.891   7.060   3.670   1.00 15.51 ? 270 ILE A CG2 1 
ATOM   974  C CD1 . ILE A 1 117 ? 1.660   10.706  2.788   1.00 19.43 ? 270 ILE A CD1 1 
ATOM   975  N N   . ASN A 1 118 ? -0.559  10.039  5.656   1.00 13.33 ? 271 ASN A N   1 
ATOM   976  C CA  . ASN A 1 118 ? -2.021  10.006  5.842   1.00 13.13 ? 271 ASN A CA  1 
ATOM   977  C C   . ASN A 1 118 ? -2.712  9.455   4.585   1.00 13.08 ? 271 ASN A C   1 
ATOM   978  O O   . ASN A 1 118 ? -2.341  9.835   3.466   1.00 15.13 ? 271 ASN A O   1 
ATOM   979  C CB  . ASN A 1 118 ? -2.578  11.360  6.205   1.00 14.81 ? 271 ASN A CB  1 
ATOM   980  C CG  . ASN A 1 118 ? -2.228  11.736  7.627   1.00 14.98 ? 271 ASN A CG  1 
ATOM   981  O OD1 . ASN A 1 118 ? -1.072  11.985  7.957   1.00 15.73 ? 271 ASN A OD1 1 
ATOM   982  N ND2 . ASN A 1 118 ? -3.233  11.831  8.489   1.00 15.03 ? 271 ASN A ND2 1 
ATOM   983  N N   . PHE A 1 119 ? -3.682  8.596   4.762   1.00 13.69 ? 272 PHE A N   1 
ATOM   984  C CA  . PHE A 1 119 ? -4.557  8.180   3.664   1.00 13.01 ? 272 PHE A CA  1 
ATOM   985  C C   . PHE A 1 119 ? -5.375  9.362   3.165   1.00 14.91 ? 272 PHE A C   1 
ATOM   986  O O   . PHE A 1 119 ? -5.702  10.263  3.955   1.00 15.93 ? 272 PHE A O   1 
ATOM   987  C CB  . PHE A 1 119 ? -5.462  7.067   4.155   1.00 13.71 ? 272 PHE A CB  1 
ATOM   988  C CG  . PHE A 1 119 ? -4.838  5.698   4.254   1.00 12.61 ? 272 PHE A CG  1 
ATOM   989  C CD1 . PHE A 1 119 ? -4.369  5.047   3.129   1.00 15.00 ? 272 PHE A CD1 1 
ATOM   990  C CD2 . PHE A 1 119 ? -4.703  5.030   5.454   1.00 13.89 ? 272 PHE A CD2 1 
ATOM   991  C CE1 . PHE A 1 119 ? -3.806  3.767   3.180   1.00 13.61 ? 272 PHE A CE1 1 
ATOM   992  C CE2 . PHE A 1 119 ? -4.150  3.757   5.515   1.00 15.92 ? 272 PHE A CE2 1 
ATOM   993  C CZ  . PHE A 1 119 ? -3.694  3.113   4.370   1.00 13.72 ? 272 PHE A CZ  1 
ATOM   994  N N   . SER A 1 120 ? -5.779  9.236   1.910   1.00 16.02 ? 273 SER A N   1 
ATOM   995  C CA  A SER A 1 120 ? -6.824  10.148  1.394   0.70 15.56 ? 273 SER A CA  1 
ATOM   996  C CA  B SER A 1 120 ? -6.643  10.177  1.146   0.30 16.10 ? 273 SER A CA  1 
ATOM   997  C C   . SER A 1 120 ? -7.840  9.420   0.554   1.00 16.45 ? 273 SER A C   1 
ATOM   998  O O   . SER A 1 120 ? -7.712  8.217   0.289   1.00 16.39 ? 273 SER A O   1 
ATOM   999  C CB  A SER A 1 120 ? -6.244  11.291  0.633   0.70 18.23 ? 273 SER A CB  1 
ATOM   1000 C CB  B SER A 1 120 ? -5.867  10.855  0.025   0.30 15.36 ? 273 SER A CB  1 
ATOM   1001 O OG  A SER A 1 120 ? -5.706  10.825  -0.588  0.70 22.69 ? 273 SER A OG  1 
ATOM   1002 O OG  B SER A 1 120 ? -4.871  11.758  0.506   0.30 18.43 ? 273 SER A OG  1 
ATOM   1003 N N   . LEU A 1 121 ? -8.951  10.127  0.325   1.00 15.66 ? 274 LEU A N   1 
ATOM   1004 C CA  . LEU A 1 121 ? -10.051 9.574   -0.514  1.00 16.90 ? 274 LEU A CA  1 
ATOM   1005 C C   . LEU A 1 121 ? -10.241 10.519  -1.681  1.00 18.28 ? 274 LEU A C   1 
ATOM   1006 O O   . LEU A 1 121 ? -10.354 11.729  -1.462  1.00 18.88 ? 274 LEU A O   1 
ATOM   1007 C CB  . LEU A 1 121 ? -11.347 9.489   0.279   1.00 18.47 ? 274 LEU A CB  1 
ATOM   1008 C CG  . LEU A 1 121 ? -11.338 8.385   1.320   1.00 19.13 ? 274 LEU A CG  1 
ATOM   1009 C CD1 . LEU A 1 121 ? -12.584 8.501   2.205   1.00 21.24 ? 274 LEU A CD1 1 
ATOM   1010 C CD2 . LEU A 1 121 ? -11.238 6.988   0.706   1.00 20.63 ? 274 LEU A CD2 1 
ATOM   1011 N N   . PRO A 1 122 ? -10.272 9.999   -2.915  1.00 17.89 ? 275 PRO A N   1 
ATOM   1012 C CA  . PRO A 1 122 ? -10.646 10.817  -4.064  1.00 19.60 ? 275 PRO A CA  1 
ATOM   1013 C C   . PRO A 1 122 ? -12.089 11.330  -3.918  1.00 18.90 ? 275 PRO A C   1 
ATOM   1014 O O   . PRO A 1 122 ? -12.896 10.635  -3.375  1.00 22.78 ? 275 PRO A O   1 
ATOM   1015 C CB  . PRO A 1 122 ? -10.535 9.820   -5.225  1.00 25.30 ? 275 PRO A CB  1 
ATOM   1016 C CG  . PRO A 1 122 ? -9.635  8.714   -4.732  1.00 22.40 ? 275 PRO A CG  1 
ATOM   1017 C CD  . PRO A 1 122 ? -9.983  8.603   -3.281  1.00 17.85 ? 275 PRO A CD  1 
ATOM   1018 N N   . THR A 1 123 ? -12.335 12.596  -4.262  1.00 23.14 ? 276 THR A N   1 
ATOM   1019 C CA  . THR A 1 123 ? -13.642 13.263  -4.002  1.00 19.41 ? 276 THR A CA  1 
ATOM   1020 C C   . THR A 1 123 ? -14.316 13.726  -5.290  1.00 24.78 ? 276 THR A C   1 
ATOM   1021 O O   . THR A 1 123 ? -13.621 13.938  -6.316  1.00 23.51 ? 276 THR A O   1 
ATOM   1022 C CB  . THR A 1 123 ? -13.433 14.474  -3.103  1.00 23.03 ? 276 THR A CB  1 
ATOM   1023 O OG1 . THR A 1 123 ? -12.570 15.381  -3.781  1.00 26.63 ? 276 THR A OG1 1 
ATOM   1024 C CG2 . THR A 1 123 ? -12.834 14.056  -1.791  1.00 22.41 ? 276 THR A CG2 1 
ATOM   1025 N N   . GLY A 1 124 ? -15.632 13.961  -5.173  1.00 23.35 ? 277 GLY A N   1 
ATOM   1026 C CA  . GLY A 1 124 ? -16.424 14.476  -6.313  1.00 25.49 ? 277 GLY A CA  1 
ATOM   1027 C C   . GLY A 1 124 ? -16.574 15.978  -6.285  1.00 39.25 ? 277 GLY A C   1 
ATOM   1028 O O   . GLY A 1 124 ? -17.367 16.498  -7.076  1.00 42.39 ? 277 GLY A O   1 
ATOM   1029 N N   . ALA A 1 125 ? -15.878 16.653  -5.371  1.00 39.54 ? 278 ALA A N   1 
ATOM   1030 C CA  . ALA A 1 125 ? -15.843 18.131  -5.254  1.00 51.96 ? 278 ALA A CA  1 
ATOM   1031 C C   . ALA A 1 125 ? -14.570 18.513  -4.497  1.00 48.20 ? 278 ALA A C   1 
ATOM   1032 O O   . ALA A 1 125 ? -14.345 17.907  -3.425  1.00 41.63 ? 278 ALA A O   1 
ATOM   1033 C CB  . ALA A 1 125 ? -17.083 18.625  -4.539  1.00 50.29 ? 278 ALA A CB  1 
ATOM   1034 N N   . GLY A 1 126 ? -13.764 19.427  -5.050  1.00 69.64 ? 279 GLY A N   1 
ATOM   1035 C CA  . GLY A 1 126 ? -12.538 19.952  -4.419  1.00 56.74 ? 279 GLY A CA  1 
ATOM   1036 C C   . GLY A 1 126 ? -11.394 18.958  -4.501  1.00 57.60 ? 279 GLY A C   1 
ATOM   1037 O O   . GLY A 1 126 ? -11.481 18.038  -5.335  1.00 66.04 ? 279 GLY A O   1 
ATOM   1038 N N   . GLN A 1 127 ? -10.378 19.135  -3.642  1.00 61.26 ? 280 GLN A N   1 
ATOM   1039 C CA  . GLN A 1 127 ? -9.173  18.261  -3.485  1.00 43.97 ? 280 GLN A CA  1 
ATOM   1040 C C   . GLN A 1 127 ? -9.579  16.935  -2.800  1.00 34.27 ? 280 GLN A C   1 
ATOM   1041 O O   . GLN A 1 127 ? -10.645 16.917  -2.118  1.00 34.66 ? 280 GLN A O   1 
ATOM   1042 C CB  . GLN A 1 127 ? -8.095  18.963  -2.633  1.00 50.84 ? 280 GLN A CB  1 
ATOM   1043 C CG  . GLN A 1 127 ? -7.666  20.361  -3.113  1.00 52.94 ? 280 GLN A CG  1 
ATOM   1044 C CD  . GLN A 1 127 ? -6.666  21.067  -2.210  1.00 55.57 ? 280 GLN A CD  1 
ATOM   1045 O OE1 . GLN A 1 127 ? -6.802  21.140  -0.979  1.00 51.21 ? 280 GLN A OE1 1 
ATOM   1046 N NE2 . GLN A 1 127 ? -5.628  21.615  -2.822  1.00 52.85 ? 280 GLN A NE2 1 
ATOM   1047 N N   . ASN A 1 128 ? -8.742  15.899  -2.936  1.00 33.56 ? 281 ASN A N   1 
ATOM   1048 C CA  . ASN A 1 128 ? -8.800  14.651  -2.120  1.00 28.72 ? 281 ASN A CA  1 
ATOM   1049 C C   . ASN A 1 128 ? -9.082  15.021  -0.659  1.00 22.38 ? 281 ASN A C   1 
ATOM   1050 O O   . ASN A 1 128 ? -8.573  16.069  -0.165  1.00 26.63 ? 281 ASN A O   1 
ATOM   1051 C CB  . ASN A 1 128 ? -7.522  13.827  -2.250  1.00 37.60 ? 281 ASN A CB  1 
ATOM   1052 C CG  . ASN A 1 128 ? -7.459  13.044  -3.541  1.00 41.86 ? 281 ASN A CG  1 
ATOM   1053 O OD1 . ASN A 1 128 ? -8.098  13.427  -4.510  1.00 43.82 ? 281 ASN A OD1 1 
ATOM   1054 N ND2 . ASN A 1 128 ? -6.751  11.926  -3.540  1.00 43.33 ? 281 ASN A ND2 1 
ATOM   1055 N N   . LYS A 1 129 ? -9.879  14.211  0.026   1.00 20.34 ? 282 LYS A N   1 
ATOM   1056 C CA  . LYS A 1 129 ? -10.140 14.339  1.459   1.00 20.10 ? 282 LYS A CA  1 
ATOM   1057 C C   . LYS A 1 129 ? -9.017  13.627  2.204   1.00 22.50 ? 282 LYS A C   1 
ATOM   1058 O O   . LYS A 1 129 ? -8.878  12.436  2.014   1.00 21.60 ? 282 LYS A O   1 
ATOM   1059 C CB  . LYS A 1 129 ? -11.498 13.730  1.798   1.00 20.93 ? 282 LYS A CB  1 
ATOM   1060 C CG  . LYS A 1 129 ? -11.863 13.753  3.273   1.00 32.14 ? 282 LYS A CG  1 
ATOM   1061 C CD  . LYS A 1 129 ? -13.182 13.017  3.514   1.00 37.33 ? 282 LYS A CD  1 
ATOM   1062 C CE  . LYS A 1 129 ? -13.502 12.763  4.966   1.00 46.43 ? 282 LYS A CE  1 
ATOM   1063 N NZ  . LYS A 1 129 ? -13.175 13.932  5.807   1.00 50.16 ? 282 LYS A NZ  1 
ATOM   1064 N N   . VAL A 1 130 ? -8.327  14.319  3.083   1.00 18.52 ? 283 VAL A N   1 
ATOM   1065 C CA  . VAL A 1 130 ? -7.234  13.697  3.867   1.00 18.69 ? 283 VAL A CA  1 
ATOM   1066 C C   . VAL A 1 130 ? -7.804  13.123  5.161   1.00 17.53 ? 283 VAL A C   1 
ATOM   1067 O O   . VAL A 1 130 ? -8.627  13.781  5.851   1.00 20.20 ? 283 VAL A O   1 
ATOM   1068 C CB  . VAL A 1 130 ? -6.080  14.685  4.057   1.00 24.11 ? 283 VAL A CB  1 
ATOM   1069 C CG1 . VAL A 1 130 ? -4.969  14.024  4.880   1.00 25.69 ? 283 VAL A CG1 1 
ATOM   1070 C CG2 . VAL A 1 130 ? -5.577  15.176  2.702   1.00 27.59 ? 283 VAL A CG2 1 
ATOM   1071 N N   . LEU A 1 131 ? -7.553  11.853  5.425   1.00 15.94 ? 284 LEU A N   1 
ATOM   1072 C CA  . LEU A 1 131 ? -8.081  11.146  6.589   1.00 14.55 ? 284 LEU A CA  1 
ATOM   1073 C C   . LEU A 1 131 ? -7.104  11.236  7.751   1.00 16.44 ? 284 LEU A C   1 
ATOM   1074 O O   . LEU A 1 131 ? -5.915  11.503  7.530   1.00 16.40 ? 284 LEU A O   1 
ATOM   1075 C CB  . LEU A 1 131 ? -8.294  9.685   6.210   1.00 14.96 ? 284 LEU A CB  1 
ATOM   1076 C CG  . LEU A 1 131 ? -9.204  9.439   5.014   1.00 17.33 ? 284 LEU A CG  1 
ATOM   1077 C CD1 . LEU A 1 131 ? -9.286  7.988   4.625   1.00 17.52 ? 284 LEU A CD1 1 
ATOM   1078 C CD2 . LEU A 1 131 ? -10.607 9.994   5.304   1.00 21.73 ? 284 LEU A CD2 1 
ATOM   1079 N N   . LYS A 1 132 ? -7.562  10.883  8.927   1.00 14.86 ? 285 LYS A N   1 
ATOM   1080 C CA  . LYS A 1 132 ? -6.728  10.795  10.138  1.00 17.28 ? 285 LYS A CA  1 
ATOM   1081 C C   . LYS A 1 132 ? -5.889  9.518   10.102  1.00 15.34 ? 285 LYS A C   1 
ATOM   1082 O O   . LYS A 1 132 ? -4.850  9.502   10.832  1.00 17.09 ? 285 LYS A O   1 
ATOM   1083 C CB  . LYS A 1 132 ? -7.618  10.845  11.370  1.00 20.21 ? 285 LYS A CB  1 
ATOM   1084 C CG  . LYS A 1 132 ? -8.236  12.207  11.574  1.00 27.09 ? 285 LYS A CG  1 
ATOM   1085 C CD  . LYS A 1 132 ? -9.007  12.278  12.891  1.00 37.25 ? 285 LYS A CD  1 
ATOM   1086 C CE  . LYS A 1 132 ? -9.718  13.605  13.066  1.00 55.48 ? 285 LYS A CE  1 
ATOM   1087 N NZ  . LYS A 1 132 ? -10.361 13.722  14.397  1.00 62.84 ? 285 LYS A NZ  1 
ATOM   1088 N N   . SER A 1 133 ? -6.374  8.466   9.459   1.00 15.61 ? 286 SER A N   1 
ATOM   1089 C CA  . SER A 1 133 ? -5.652  7.190   9.379   1.00 15.17 ? 286 SER A CA  1 
ATOM   1090 C C   . SER A 1 133 ? -4.343  7.380   8.614   1.00 13.13 ? 286 SER A C   1 
ATOM   1091 O O   . SER A 1 133 ? -4.261  8.232   7.692   1.00 13.49 ? 286 SER A O   1 
ATOM   1092 C CB  . SER A 1 133 ? -6.474  6.110   8.813   1.00 14.21 ? 286 SER A CB  1 
ATOM   1093 O OG  . SER A 1 133 ? -7.009  6.468   7.541   1.00 14.64 ? 286 SER A OG  1 
ATOM   1094 N N   . GLN A 1 134 ? -3.343  6.591   8.977   1.00 13.15 ? 287 GLN A N   1 
ATOM   1095 C CA  . GLN A 1 134 ? -1.966  6.639   8.427   1.00 13.78 ? 287 GLN A CA  1 
ATOM   1096 C C   . GLN A 1 134 ? -1.441  5.262   8.096   1.00 13.06 ? 287 GLN A C   1 
ATOM   1097 O O   . GLN A 1 134 ? -1.793  4.273   8.737   1.00 13.77 ? 287 GLN A O   1 
ATOM   1098 C CB  . GLN A 1 134 ? -1.003  7.335   9.376   1.00 14.17 ? 287 GLN A CB  1 
ATOM   1099 C CG  . GLN A 1 134 ? -1.375  8.804   9.576   1.00 14.52 ? 287 GLN A CG  1 
ATOM   1100 C CD  . GLN A 1 134 ? -0.601  9.496   10.660  1.00 14.54 ? 287 GLN A CD  1 
ATOM   1101 O OE1 . GLN A 1 134 ? -0.378  8.906   11.725  1.00 18.95 ? 287 GLN A OE1 1 
ATOM   1102 N NE2 . GLN A 1 134 ? -0.203  10.729  10.413  1.00 15.17 ? 287 GLN A NE2 1 
ATOM   1103 N N   . LEU A 1 135 ? -0.614  5.218   7.061   1.00 12.82 ? 288 LEU A N   1 
ATOM   1104 C CA  . LEU A 1 135 ? 0.157   4.065   6.609   1.00 12.64 ? 288 LEU A CA  1 
ATOM   1105 C C   . LEU A 1 135 ? 1.606   4.290   7.037   1.00 11.57 ? 288 LEU A C   1 
ATOM   1106 O O   . LEU A 1 135 ? 2.163   5.387   6.857   1.00 13.74 ? 288 LEU A O   1 
ATOM   1107 C CB  . LEU A 1 135 ? 0.107   3.932   5.077   1.00 13.64 ? 288 LEU A CB  1 
ATOM   1108 C CG  . LEU A 1 135 ? 0.883   2.777   4.453   1.00 13.40 ? 288 LEU A CG  1 
ATOM   1109 C CD1 . LEU A 1 135 ? 0.256   1.453   4.753   1.00 14.45 ? 288 LEU A CD1 1 
ATOM   1110 C CD2 . LEU A 1 135 ? 0.979   2.952   2.941   1.00 16.54 ? 288 LEU A CD2 1 
ATOM   1111 N N   . PHE A 1 136 ? 2.212   3.279   7.591   1.00 12.41 ? 289 PHE A N   1 
ATOM   1112 C CA  . PHE A 1 136 ? 3.611   3.240   8.018   1.00 12.94 ? 289 PHE A CA  1 
ATOM   1113 C C   . PHE A 1 136 ? 4.332   2.096   7.337   1.00 13.49 ? 289 PHE A C   1 
ATOM   1114 O O   . PHE A 1 136 ? 3.716   1.054   6.966   1.00 12.83 ? 289 PHE A O   1 
ATOM   1115 C CB  . PHE A 1 136 ? 3.720   3.106   9.531   1.00 12.78 ? 289 PHE A CB  1 
ATOM   1116 C CG  . PHE A 1 136 ? 3.257   4.306   10.304  1.00 12.14 ? 289 PHE A CG  1 
ATOM   1117 C CD1 . PHE A 1 136 ? 1.940   4.489   10.635  1.00 14.33 ? 289 PHE A CD1 1 
ATOM   1118 C CD2 . PHE A 1 136 ? 4.200   5.235   10.762  1.00 13.90 ? 289 PHE A CD2 1 
ATOM   1119 C CE1 . PHE A 1 136 ? 1.532   5.639   11.322  1.00 13.86 ? 289 PHE A CE1 1 
ATOM   1120 C CE2 . PHE A 1 136 ? 3.790   6.351   11.466  1.00 15.72 ? 289 PHE A CE2 1 
ATOM   1121 C CZ  . PHE A 1 136 ? 2.472   6.547   11.743  1.00 15.36 ? 289 PHE A CZ  1 
ATOM   1122 N N   . VAL A 1 137 ? 5.651   2.230   7.200   1.00 13.02 ? 290 VAL A N   1 
ATOM   1123 C CA  . VAL A 1 137 ? 6.526   1.229   6.556   1.00 14.27 ? 290 VAL A CA  1 
ATOM   1124 C C   . VAL A 1 137 ? 7.415   0.683   7.683   1.00 15.09 ? 290 VAL A C   1 
ATOM   1125 O O   . VAL A 1 137 ? 8.380   1.367   8.084   1.00 16.76 ? 290 VAL A O   1 
ATOM   1126 C CB  . VAL A 1 137 ? 7.313   1.833   5.392   1.00 14.40 ? 290 VAL A CB  1 
ATOM   1127 C CG1 . VAL A 1 137 ? 8.192   0.750   4.763   1.00 15.17 ? 290 VAL A CG1 1 
ATOM   1128 C CG2 . VAL A 1 137 ? 6.359   2.441   4.391   1.00 13.77 ? 290 VAL A CG2 1 
ATOM   1129 N N   . ASP A 1 138 ? 7.010   -0.434  8.275   1.00 13.51 ? 291 ASP A N   1 
ATOM   1130 C CA  . ASP A 1 138 ? 7.693   -0.987  9.478   1.00 16.01 ? 291 ASP A CA  1 
ATOM   1131 C C   . ASP A 1 138 ? 9.008   -1.619  9.068   1.00 16.40 ? 291 ASP A C   1 
ATOM   1132 O O   . ASP A 1 138 ? 9.936   -1.682  9.864   1.00 18.00 ? 291 ASP A O   1 
ATOM   1133 C CB  . ASP A 1 138 ? 6.849   -2.050  10.182  1.00 17.94 ? 291 ASP A CB  1 
ATOM   1134 C CG  . ASP A 1 138 ? 5.865   -1.525  11.210  1.00 27.64 ? 291 ASP A CG  1 
ATOM   1135 O OD1 . ASP A 1 138 ? 5.727   -0.277  11.328  1.00 27.20 ? 291 ASP A OD1 1 
ATOM   1136 O OD2 . ASP A 1 138 ? 5.254   -2.398  11.876  1.00 29.41 ? 291 ASP A OD2 1 
ATOM   1137 N N   . LYS A 1 139 ? 9.072   -2.196  7.874   1.00 14.73 ? 292 LYS A N   1 
ATOM   1138 C CA  A LYS A 1 139 ? 10.303  -2.841  7.373   0.60 14.85 ? 292 LYS A CA  1 
ATOM   1139 C CA  B LYS A 1 139 ? 10.287  -2.862  7.363   0.40 15.35 ? 292 LYS A CA  1 
ATOM   1140 C C   . LYS A 1 139 ? 10.422  -2.567  5.880   1.00 15.50 ? 292 LYS A C   1 
ATOM   1141 O O   . LYS A 1 139 ? 9.397   -2.564  5.157   1.00 15.56 ? 292 LYS A O   1 
ATOM   1142 C CB  A LYS A 1 139 ? 10.265  -4.353  7.562   0.60 15.89 ? 292 LYS A CB  1 
ATOM   1143 C CB  B LYS A 1 139 ? 10.163  -4.368  7.539   0.40 16.63 ? 292 LYS A CB  1 
ATOM   1144 C CG  A LYS A 1 139 ? 11.468  -5.102  7.017   0.60 19.27 ? 292 LYS A CG  1 
ATOM   1145 C CG  B LYS A 1 139 ? 10.054  -4.791  8.989   0.40 17.92 ? 292 LYS A CG  1 
ATOM   1146 C CD  A LYS A 1 139 ? 11.389  -6.576  7.246   0.60 18.12 ? 292 LYS A CD  1 
ATOM   1147 C CD  B LYS A 1 139 ? 11.394  -5.084  9.537   0.40 23.66 ? 292 LYS A CD  1 
ATOM   1148 C CE  A LYS A 1 139 ? 12.734  -7.267  7.086   0.60 24.90 ? 292 LYS A CE  1 
ATOM   1149 C CE  B LYS A 1 139 ? 11.880  -4.067  10.537  0.40 17.11 ? 292 LYS A CE  1 
ATOM   1150 N NZ  A LYS A 1 139 ? 12.623  -8.697  7.415   0.60 35.56 ? 292 LYS A NZ  1 
ATOM   1151 N NZ  B LYS A 1 139 ? 12.615  -2.964  9.881   0.40 25.45 ? 292 LYS A NZ  1 
ATOM   1152 N N   . PHE A 1 140 ? 11.648  -2.356  5.413   1.00 15.51 ? 293 PHE A N   1 
ATOM   1153 C CA  . PHE A 1 140 ? 11.960  -2.074  3.997   1.00 14.35 ? 293 PHE A CA  1 
ATOM   1154 C C   . PHE A 1 140 ? 13.358  -2.664  3.752   1.00 17.61 ? 293 PHE A C   1 
ATOM   1155 O O   . PHE A 1 140 ? 14.324  -2.055  4.263   1.00 18.98 ? 293 PHE A O   1 
ATOM   1156 C CB  . PHE A 1 140 ? 11.938  -0.593  3.667   1.00 14.25 ? 293 PHE A CB  1 
ATOM   1157 C CG  . PHE A 1 140 ? 12.043  -0.278  2.194   1.00 14.07 ? 293 PHE A CG  1 
ATOM   1158 C CD1 . PHE A 1 140 ? 13.277  -0.308  1.553   1.00 15.75 ? 293 PHE A CD1 1 
ATOM   1159 C CD2 . PHE A 1 140 ? 10.939  0.098   1.446   1.00 14.98 ? 293 PHE A CD2 1 
ATOM   1160 C CE1 . PHE A 1 140 ? 13.360  0.004   0.195   1.00 15.86 ? 293 PHE A CE1 1 
ATOM   1161 C CE2 . PHE A 1 140 ? 11.047  0.419   0.097   1.00 15.27 ? 293 PHE A CE2 1 
ATOM   1162 C CZ  . PHE A 1 140 ? 12.270  0.332   -0.524  1.00 16.24 ? 293 PHE A CZ  1 
ATOM   1163 N N   . THR A 1 141 ? 13.430  -3.775  3.056   1.00 15.23 ? 294 THR A N   1 
ATOM   1164 C CA  . THR A 1 141 ? 14.698  -4.504  2.857   1.00 15.68 ? 294 THR A CA  1 
ATOM   1165 C C   . THR A 1 141 ? 14.838  -4.849  1.386   1.00 15.26 ? 294 THR A C   1 
ATOM   1166 O O   . THR A 1 141 ? 13.949  -5.461  0.814   1.00 19.56 ? 294 THR A O   1 
ATOM   1167 C CB  . THR A 1 141 ? 14.787  -5.754  3.736   1.00 21.31 ? 294 THR A CB  1 
ATOM   1168 O OG1 . THR A 1 141 ? 14.597  -5.380  5.106   1.00 25.60 ? 294 THR A OG1 1 
ATOM   1169 C CG2 . THR A 1 141 ? 16.125  -6.436  3.576   1.00 23.67 ? 294 THR A CG2 1 
ATOM   1170 N N   . GLU A 1 142 ? 16.004  -4.553  0.839   1.00 17.52 ? 295 GLU A N   1 
ATOM   1171 C CA  . GLU A 1 142 ? 16.398  -4.848  -0.557  1.00 17.70 ? 295 GLU A CA  1 
ATOM   1172 C C   . GLU A 1 142 ? 17.389  -6.003  -0.607  1.00 16.46 ? 295 GLU A C   1 
ATOM   1173 O O   . GLU A 1 142 ? 18.295  -6.065  0.237   1.00 18.05 ? 295 GLU A O   1 
ATOM   1174 C CB  . GLU A 1 142 ? 17.044  -3.639  -1.183  1.00 17.85 ? 295 GLU A CB  1 
ATOM   1175 C CG  . GLU A 1 142 ? 16.071  -2.506  -1.415  1.00 16.53 ? 295 GLU A CG  1 
ATOM   1176 C CD  . GLU A 1 142 ? 16.717  -1.268  -2.001  1.00 20.01 ? 295 GLU A CD  1 
ATOM   1177 O OE1 . GLU A 1 142 ? 17.890  -1.008  -1.678  1.00 28.68 ? 295 GLU A OE1 1 
ATOM   1178 O OE2 . GLU A 1 142 ? 16.055  -0.510  -2.703  1.00 18.44 ? 295 GLU A OE2 1 
ATOM   1179 N N   . THR A 1 143 ? 17.157  -6.904  -1.534  1.00 15.81 ? 296 THR A N   1 
ATOM   1180 C CA  A THR A 1 143 ? 18.051  -8.056  -1.807  0.60 17.42 ? 296 THR A CA  1 
ATOM   1181 C CA  B THR A 1 143 ? 18.087  -8.024  -1.808  0.40 16.31 ? 296 THR A CA  1 
ATOM   1182 C C   . THR A 1 143 ? 18.192  -8.237  -3.315  1.00 19.17 ? 296 THR A C   1 
ATOM   1183 O O   . THR A 1 143 ? 17.255  -7.919  -4.077  1.00 19.63 ? 296 THR A O   1 
ATOM   1184 C CB  A THR A 1 143 ? 17.539  -9.367  -1.192  0.60 20.67 ? 296 THR A CB  1 
ATOM   1185 C CB  B THR A 1 143 ? 17.690  -9.321  -1.087  0.40 17.62 ? 296 THR A CB  1 
ATOM   1186 O OG1 A THR A 1 143 ? 18.552  -10.365 -1.377  0.60 23.69 ? 296 THR A OG1 1 
ATOM   1187 O OG1 B THR A 1 143 ? 16.478  -9.880  -1.581  0.40 17.06 ? 296 THR A OG1 1 
ATOM   1188 C CG2 A THR A 1 143 ? 16.231  -9.857  -1.771  0.60 30.32 ? 296 THR A CG2 1 
ATOM   1189 C CG2 B THR A 1 143 ? 17.538  -9.151  0.407   0.40 16.00 ? 296 THR A CG2 1 
ATOM   1190 N N   . VAL A 1 144 ? 19.302  -8.789  -3.750  1.00 17.72 ? 297 VAL A N   1 
ATOM   1191 C CA  . VAL A 1 144 ? 19.497  -9.070  -5.197  1.00 19.74 ? 297 VAL A CA  1 
ATOM   1192 C C   . VAL A 1 144 ? 19.182  -10.541 -5.525  1.00 28.17 ? 297 VAL A C   1 
ATOM   1193 O O   . VAL A 1 144 ? 19.552  -11.302 -4.610  1.00 30.13 ? 297 VAL A O   1 
ATOM   1194 C CB  . VAL A 1 144 ? 20.941  -8.665  -5.574  1.00 27.76 ? 297 VAL A CB  1 
ATOM   1195 C CG1 . VAL A 1 144 ? 21.246  -9.033  -7.016  1.00 36.52 ? 297 VAL A CG1 1 
ATOM   1196 C CG2 . VAL A 1 144 ? 21.161  -7.187  -5.340  1.00 30.63 ? 297 VAL A CG2 1 
HETATM 1197 O O1  . MES B 2 .   ? -27.056 2.509   7.816   0.70 62.64 ? 301 MES A O1  1 
HETATM 1198 C C2  . MES B 2 .   ? -26.053 2.639   8.815   0.70 52.52 ? 301 MES A C2  1 
HETATM 1199 C C3  . MES B 2 .   ? -25.064 1.500   8.757   0.70 37.76 ? 301 MES A C3  1 
HETATM 1200 N N4  . MES B 2 .   ? -25.153 0.814   7.425   0.70 50.17 ? 301 MES A N4  1 
HETATM 1201 C C5  . MES B 2 .   ? -26.509 0.198   7.299   0.70 57.21 ? 301 MES A C5  1 
HETATM 1202 C C6  . MES B 2 .   ? -27.558 1.178   7.773   0.70 66.98 ? 301 MES A C6  1 
HETATM 1203 C C7  . MES B 2 .   ? -24.040 -0.166  7.166   0.70 39.16 ? 301 MES A C7  1 
HETATM 1204 C C8  . MES B 2 .   ? -23.840 -1.192  8.257   0.70 39.52 ? 301 MES A C8  1 
HETATM 1205 S S   . MES B 2 .   ? -22.531 -2.357  7.909   0.70 41.84 ? 301 MES A S   1 
HETATM 1206 O O1S . MES B 2 .   ? -22.672 -2.717  6.520   0.70 41.25 ? 301 MES A O1S 1 
HETATM 1207 O O2S . MES B 2 .   ? -21.294 -1.686  8.154   0.70 34.97 ? 301 MES A O2S 1 
HETATM 1208 O O3S . MES B 2 .   ? -22.765 -3.447  8.801   0.70 41.64 ? 301 MES A O3S 1 
HETATM 1209 S S   . SO4 C 3 .   ? 17.786  3.602   -8.951  0.50 21.26 ? 302 SO4 A S   1 
HETATM 1210 O O1  . SO4 C 3 .   ? 17.930  5.013   -9.158  0.50 28.14 ? 302 SO4 A O1  1 
HETATM 1211 O O2  . SO4 C 3 .   ? 16.787  3.061   -9.858  0.50 21.81 ? 302 SO4 A O2  1 
HETATM 1212 O O3  . SO4 C 3 .   ? 19.049  2.966   -9.235  0.50 22.53 ? 302 SO4 A O3  1 
HETATM 1213 O O4  . SO4 C 3 .   ? 17.407  3.371   -7.574  0.50 21.71 ? 302 SO4 A O4  1 
HETATM 1214 S S   . SO4 D 3 .   ? -1.434  -10.208 15.580  1.00 26.28 ? 303 SO4 A S   1 
HETATM 1215 O O1  . SO4 D 3 .   ? -0.848  -9.953  14.320  1.00 28.72 ? 303 SO4 A O1  1 
HETATM 1216 O O2  . SO4 D 3 .   ? -2.494  -9.299  15.882  1.00 27.87 ? 303 SO4 A O2  1 
HETATM 1217 O O3  . SO4 D 3 .   ? -0.352  -10.016 16.529  1.00 26.42 ? 303 SO4 A O3  1 
HETATM 1218 O O4  . SO4 D 3 .   ? -1.953  -11.567 15.653  1.00 39.13 ? 303 SO4 A O4  1 
HETATM 1219 O O   . HOH E 4 .   ? 8.088   14.456  8.768   0.70 21.75 ? 401 HOH A O   1 
HETATM 1220 O O   . HOH E 4 .   ? -14.782 -0.422  6.630   1.00 44.41 ? 402 HOH A O   1 
HETATM 1221 O O   . HOH E 4 .   ? 14.336  -9.486  2.513   1.00 34.72 ? 403 HOH A O   1 
HETATM 1222 O O   . HOH E 4 .   ? 6.714   1.834   11.908  0.60 22.16 ? 404 HOH A O   1 
HETATM 1223 O O   . HOH E 4 .   ? -11.365 13.843  -7.161  1.00 46.04 ? 405 HOH A O   1 
HETATM 1224 O O   . HOH E 4 .   ? -1.059  9.043   14.098  1.00 50.17 ? 406 HOH A O   1 
HETATM 1225 O O   . HOH E 4 .   ? -7.436  -2.085  -1.725  1.00 29.68 ? 407 HOH A O   1 
HETATM 1226 O O   . HOH E 4 .   ? -3.276  9.108   -6.722  1.00 46.74 ? 408 HOH A O   1 
HETATM 1227 O O   . HOH E 4 .   ? 3.012   5.199   -19.128 1.00 42.04 ? 409 HOH A O   1 
HETATM 1228 O O   . HOH E 4 .   ? -15.449 4.423   7.899   1.00 30.01 ? 410 HOH A O   1 
HETATM 1229 O O   . HOH E 4 .   ? -16.053 -6.373  5.882   1.00 25.52 ? 411 HOH A O   1 
HETATM 1230 O O   . HOH E 4 .   ? 2.330   -0.361  -21.512 1.00 48.81 ? 412 HOH A O   1 
HETATM 1231 O O   . HOH E 4 .   ? 13.746  -9.239  9.627   1.00 32.35 ? 413 HOH A O   1 
HETATM 1232 O O   . HOH E 4 .   ? -17.203 8.122   6.871   1.00 49.21 ? 414 HOH A O   1 
HETATM 1233 O O   . HOH E 4 .   ? 3.471   1.310   -18.740 1.00 38.69 ? 415 HOH A O   1 
HETATM 1234 O O   . HOH E 4 .   ? 12.776  -9.439  -1.355  1.00 40.23 ? 416 HOH A O   1 
HETATM 1235 O O   . HOH E 4 .   ? 6.541   9.415   -5.870  1.00 32.93 ? 417 HOH A O   1 
HETATM 1236 O O   . HOH E 4 .   ? 19.177  1.382   -11.278 1.00 33.17 ? 418 HOH A O   1 
HETATM 1237 O O   . HOH E 4 .   ? -5.391  -13.192 7.894   1.00 42.53 ? 419 HOH A O   1 
HETATM 1238 O O   . HOH E 4 .   ? 18.641  2.811   -0.020  0.50 20.25 ? 420 HOH A O   1 
HETATM 1239 O O   . HOH E 4 .   ? 32.505  -8.494  -14.320 1.00 21.08 ? 421 HOH A O   1 
HETATM 1240 O O   . HOH E 4 .   ? 8.071   -9.531  -10.910 1.00 32.54 ? 422 HOH A O   1 
HETATM 1241 O O   . HOH E 4 .   ? 2.880   0.201   -16.467 1.00 29.47 ? 423 HOH A O   1 
HETATM 1242 O O   . HOH E 4 .   ? -8.321  9.698   16.102  1.00 51.32 ? 424 HOH A O   1 
HETATM 1243 O O   . HOH E 4 .   ? -11.623 -0.541  -2.490  1.00 22.87 ? 425 HOH A O   1 
HETATM 1244 O O   . HOH E 4 .   ? -18.209 -7.465  8.647   1.00 40.24 ? 426 HOH A O   1 
HETATM 1245 O O   . HOH E 4 .   ? 10.263  8.618   -6.144  1.00 25.66 ? 427 HOH A O   1 
HETATM 1246 O O   . HOH E 4 .   ? -6.250  -10.688 0.354   1.00 33.03 ? 428 HOH A O   1 
HETATM 1247 O O   . HOH E 4 .   ? 3.496   4.027   -15.923 1.00 41.40 ? 429 HOH A O   1 
HETATM 1248 O O   . HOH E 4 .   ? -11.853 1.744   8.189   1.00 17.35 ? 430 HOH A O   1 
HETATM 1249 O O   . HOH E 4 .   ? 10.671  -9.647  -5.936  1.00 29.98 ? 431 HOH A O   1 
HETATM 1250 O O   . HOH E 4 .   ? 2.169   11.326  -4.138  1.00 47.58 ? 432 HOH A O   1 
HETATM 1251 O O   . HOH E 4 .   ? 13.540  -6.595  -9.420  1.00 19.77 ? 433 HOH A O   1 
HETATM 1252 O O   . HOH E 4 .   ? -0.807  -1.872  15.195  1.00 27.16 ? 434 HOH A O   1 
HETATM 1253 O O   . HOH E 4 .   ? -17.540 -2.359  3.727   1.00 41.81 ? 435 HOH A O   1 
HETATM 1254 O O   . HOH E 4 .   ? 19.305  -1.366  0.548   1.00 41.36 ? 436 HOH A O   1 
HETATM 1255 O O   . HOH E 4 .   ? -5.541  8.614   -21.425 0.60 23.66 ? 437 HOH A O   1 
HETATM 1256 O O   . HOH E 4 .   ? 17.029  6.671   10.058  1.00 21.59 ? 438 HOH A O   1 
HETATM 1257 O O   . HOH E 4 .   ? -15.988 -0.023  8.711   1.00 39.47 ? 439 HOH A O   1 
HETATM 1258 O O   . HOH E 4 .   ? 3.910   2.389   -11.106 1.00 22.97 ? 440 HOH A O   1 
HETATM 1259 O O   . HOH E 4 .   ? -14.845 5.026   0.935   1.00 32.91 ? 441 HOH A O   1 
HETATM 1260 O O   . HOH E 4 .   ? -1.591  -10.827 9.155   1.00 22.95 ? 442 HOH A O   1 
HETATM 1261 O O   . HOH E 4 .   ? 7.121   -0.378  -16.490 1.00 40.87 ? 443 HOH A O   1 
HETATM 1262 O O   . HOH E 4 .   ? -4.653  14.335  -0.155  1.00 54.17 ? 444 HOH A O   1 
HETATM 1263 O O   . HOH E 4 .   ? 12.490  5.935   -12.847 1.00 40.41 ? 445 HOH A O   1 
HETATM 1264 O O   . HOH E 4 .   ? 4.243   -9.466  -4.944  1.00 33.47 ? 446 HOH A O   1 
HETATM 1265 O O   . HOH E 4 .   ? 4.662   -12.853 3.491   1.00 32.61 ? 447 HOH A O   1 
HETATM 1266 O O   . HOH E 4 .   ? -16.792 -4.424  7.522   1.00 30.59 ? 448 HOH A O   1 
HETATM 1267 O O   . HOH E 4 .   ? -18.728 -1.354  7.458   1.00 42.99 ? 449 HOH A O   1 
HETATM 1268 O O   . HOH E 4 .   ? -7.421  6.390   -21.233 1.00 36.55 ? 450 HOH A O   1 
HETATM 1269 O O   . HOH E 4 .   ? 24.212  -9.345  -9.169  1.00 41.94 ? 451 HOH A O   1 
HETATM 1270 O O   . HOH E 4 .   ? 13.578  -0.684  -3.738  1.00 16.10 ? 452 HOH A O   1 
HETATM 1271 O O   . HOH E 4 .   ? -20.980 7.623   17.686  1.00 42.72 ? 453 HOH A O   1 
HETATM 1272 O O   . HOH E 4 .   ? 11.772  9.582   -2.932  1.00 21.92 ? 454 HOH A O   1 
HETATM 1273 O O   . HOH E 4 .   ? -18.143 2.251   16.535  1.00 20.14 ? 455 HOH A O   1 
HETATM 1274 O O   . HOH E 4 .   ? -6.818  -0.395  -9.991  1.00 22.05 ? 456 HOH A O   1 
HETATM 1275 O O   . HOH E 4 .   ? 8.305   2.333   -7.068  1.00 15.58 ? 457 HOH A O   1 
HETATM 1276 O O   . HOH E 4 .   ? 0.966   -9.625  3.130   1.00 18.09 ? 458 HOH A O   1 
HETATM 1277 O O   . HOH E 4 .   ? 10.468  -9.967  -11.964 1.00 36.93 ? 459 HOH A O   1 
HETATM 1278 O O   . HOH E 4 .   ? -0.278  -13.358 3.260   1.00 36.97 ? 460 HOH A O   1 
HETATM 1279 O O   . HOH E 4 .   ? -9.720  7.418   11.899  1.00 25.77 ? 461 HOH A O   1 
HETATM 1280 O O   . HOH E 4 .   ? 5.458   2.023   -13.011 1.00 41.53 ? 462 HOH A O   1 
HETATM 1281 O O   . HOH E 4 .   ? 4.706   -8.806  9.431   1.00 25.46 ? 463 HOH A O   1 
HETATM 1282 O O   . HOH E 4 .   ? -3.263  7.742   12.538  1.00 28.92 ? 464 HOH A O   1 
HETATM 1283 O O   . HOH E 4 .   ? 14.986  6.179   -0.608  1.00 31.30 ? 465 HOH A O   1 
HETATM 1284 O O   . HOH E 4 .   ? 3.851   -11.780 0.449   1.00 38.38 ? 466 HOH A O   1 
HETATM 1285 O O   . HOH E 4 .   ? -5.169  -1.214  -16.770 1.00 16.66 ? 467 HOH A O   1 
HETATM 1286 O O   . HOH E 4 .   ? 8.744   11.828  -4.024  1.00 27.99 ? 468 HOH A O   1 
HETATM 1287 O O   . HOH E 4 .   ? -3.740  -0.318  -5.354  1.00 17.33 ? 469 HOH A O   1 
HETATM 1288 O O   . HOH E 4 .   ? 17.098  7.718   -7.910  0.50 34.36 ? 470 HOH A O   1 
HETATM 1289 O O   . HOH E 4 .   ? -9.640  3.727   14.825  1.00 24.83 ? 471 HOH A O   1 
HETATM 1290 O O   . HOH E 4 .   ? -11.523 5.519   5.847   1.00 18.00 ? 472 HOH A O   1 
HETATM 1291 O O   . HOH E 4 .   ? 19.670  -5.359  2.499   1.00 38.96 ? 473 HOH A O   1 
HETATM 1292 O O   . HOH E 4 .   ? 0.945   -9.067  12.126  1.00 28.18 ? 474 HOH A O   1 
HETATM 1293 O O   . HOH E 4 .   ? 5.222   10.755  -2.855  1.00 28.22 ? 475 HOH A O   1 
HETATM 1294 O O   . HOH E 4 .   ? 10.504  3.271   10.916  1.00 29.37 ? 476 HOH A O   1 
HETATM 1295 O O   . HOH E 4 .   ? -15.967 -7.130  10.208  1.00 23.39 ? 477 HOH A O   1 
HETATM 1296 O O   . HOH E 4 .   ? -9.585  18.138  1.343   1.00 49.07 ? 478 HOH A O   1 
HETATM 1297 O O   . HOH E 4 .   ? 12.285  -3.857  -5.931  1.00 16.50 ? 479 HOH A O   1 
HETATM 1298 O O   . HOH E 4 .   ? -6.478  -0.551  -5.305  1.00 20.24 ? 480 HOH A O   1 
HETATM 1299 O O   . HOH E 4 .   ? -2.514  9.841   0.713   1.00 33.24 ? 481 HOH A O   1 
HETATM 1300 O O   . HOH E 4 .   ? 22.574  -9.082  -14.449 1.00 25.18 ? 482 HOH A O   1 
HETATM 1301 O O   . HOH E 4 .   ? 17.855  0.728   -6.882  1.00 25.79 ? 483 HOH A O   1 
HETATM 1302 O O   . HOH E 4 .   ? -0.574  0.759   14.040  1.00 21.30 ? 484 HOH A O   1 
HETATM 1303 O O   . HOH E 4 .   ? 6.906   4.554   8.206   1.00 16.17 ? 485 HOH A O   1 
HETATM 1304 O O   . HOH E 4 .   ? 9.851   -2.020  12.612  0.70 20.81 ? 486 HOH A O   1 
HETATM 1305 O O   . HOH E 4 .   ? 7.955   -10.084 -6.426  1.00 26.77 ? 487 HOH A O   1 
HETATM 1306 O O   . HOH E 4 .   ? -9.694  5.873   7.920   1.00 17.55 ? 488 HOH A O   1 
HETATM 1307 O O   . HOH E 4 .   ? 14.586  -2.848  -15.566 1.00 28.49 ? 489 HOH A O   1 
HETATM 1308 O O   . HOH E 4 .   ? 14.381  4.410   -10.176 1.00 24.60 ? 490 HOH A O   1 
HETATM 1309 O O   . HOH E 4 .   ? 15.543  0.394   4.739   1.00 34.90 ? 491 HOH A O   1 
HETATM 1310 O O   . HOH E 4 .   ? 15.324  -9.037  6.830   1.00 50.00 ? 492 HOH A O   1 
HETATM 1311 O O   . HOH E 4 .   ? 10.359  -2.304  -15.101 1.00 31.84 ? 493 HOH A O   1 
HETATM 1312 O O   . HOH E 4 .   ? 16.178  6.358   -3.790  1.00 29.25 ? 494 HOH A O   1 
HETATM 1313 O O   . HOH E 4 .   ? 18.273  -0.261  -13.327 1.00 21.09 ? 495 HOH A O   1 
HETATM 1314 O O   . HOH E 4 .   ? -8.721  -11.143 12.801  1.00 50.78 ? 496 HOH A O   1 
HETATM 1315 O O   . HOH E 4 .   ? -18.626 -9.290  4.876   1.00 50.91 ? 497 HOH A O   1 
HETATM 1316 O O   . HOH E 4 .   ? 2.044   2.883   -24.559 1.00 26.42 ? 498 HOH A O   1 
HETATM 1317 O O   . HOH E 4 .   ? -5.879  16.531  -0.787  1.00 36.00 ? 499 HOH A O   1 
HETATM 1318 O O   . HOH E 4 .   ? 15.811  -0.904  -8.034  1.00 18.38 ? 500 HOH A O   1 
HETATM 1319 O O   . HOH E 4 .   ? -14.340 0.203   10.756  1.00 19.52 ? 501 HOH A O   1 
HETATM 1320 O O   . HOH E 4 .   ? -13.522 7.429   5.804   1.00 28.61 ? 502 HOH A O   1 
HETATM 1321 O O   . HOH E 4 .   ? 17.736  -2.828  2.234   1.00 37.51 ? 503 HOH A O   1 
HETATM 1322 O O   . HOH E 4 .   ? -6.019  -1.776  -7.815  1.00 24.67 ? 504 HOH A O   1 
HETATM 1323 O O   . HOH E 4 .   ? -14.884 0.765   16.879  1.00 36.46 ? 505 HOH A O   1 
HETATM 1324 O O   . HOH E 4 .   ? -9.694  -0.140  -4.510  1.00 23.83 ? 506 HOH A O   1 
HETATM 1325 O O   . HOH E 4 .   ? 3.225   -5.792  4.355   1.00 16.42 ? 507 HOH A O   1 
HETATM 1326 O O   . HOH E 4 .   ? 2.700   4.893   14.400  0.60 23.99 ? 508 HOH A O   1 
HETATM 1327 O O   . HOH E 4 .   ? 13.832  -2.562  7.344   1.00 24.45 ? 509 HOH A O   1 
HETATM 1328 O O   . HOH E 4 .   ? -12.811 12.948  13.177  1.00 45.43 ? 510 HOH A O   1 
HETATM 1329 O O   . HOH E 4 .   ? -14.537 2.515   4.088   1.00 28.89 ? 511 HOH A O   1 
HETATM 1330 O O   . HOH E 4 .   ? -0.454  6.779   15.492  1.00 38.15 ? 512 HOH A O   1 
HETATM 1331 O O   . HOH E 4 .   ? -3.528  11.980  11.384  1.00 22.63 ? 513 HOH A O   1 
HETATM 1332 O O   . HOH E 4 .   ? -6.080  10.245  -6.193  1.00 39.80 ? 514 HOH A O   1 
HETATM 1333 O O   . HOH E 4 .   ? 4.256   5.860   -12.000 1.00 26.24 ? 515 HOH A O   1 
HETATM 1334 O O   . HOH E 4 .   ? 15.880  5.457   -6.190  1.00 27.98 ? 516 HOH A O   1 
HETATM 1335 O O   . HOH E 4 .   ? 14.066  3.707   10.842  1.00 31.72 ? 517 HOH A O   1 
HETATM 1336 O O   . HOH E 4 .   ? -24.540 -2.628  10.933  1.00 38.17 ? 518 HOH A O   1 
HETATM 1337 O O   . HOH E 4 .   ? -15.648 2.135   -1.855  1.00 28.15 ? 519 HOH A O   1 
HETATM 1338 O O   . HOH E 4 .   ? -7.901  -12.156 10.638  1.00 34.82 ? 520 HOH A O   1 
HETATM 1339 O O   . HOH E 4 .   ? -8.901  17.148  3.355   1.00 35.56 ? 521 HOH A O   1 
HETATM 1340 O O   . HOH E 4 .   ? 21.916  -12.587 -8.414  1.00 45.00 ? 522 HOH A O   1 
HETATM 1341 O O   . HOH E 4 .   ? 0.323   -7.965  -11.870 1.00 34.06 ? 523 HOH A O   1 
HETATM 1342 O O   . HOH E 4 .   ? 14.437  -8.242  0.133   1.00 25.03 ? 524 HOH A O   1 
HETATM 1343 O O   . HOH E 4 .   ? 14.880  0.874   -10.023 1.00 19.62 ? 525 HOH A O   1 
HETATM 1344 O O   . HOH E 4 .   ? 26.134  -11.300 -11.936 1.00 47.63 ? 526 HOH A O   1 
HETATM 1345 O O   . HOH E 4 .   ? -4.035  -12.207 13.722  1.00 43.85 ? 527 HOH A O   1 
HETATM 1346 O O   . HOH E 4 .   ? -6.679  -13.285 3.444   1.00 26.53 ? 528 HOH A O   1 
HETATM 1347 O O   . HOH E 4 .   ? 24.955  0.576   -15.327 1.00 22.50 ? 529 HOH A O   1 
HETATM 1348 O O   . HOH E 4 .   ? -6.495  -3.258  -13.147 1.00 31.70 ? 530 HOH A O   1 
HETATM 1349 O O   . HOH E 4 .   ? -12.753 6.270   13.860  1.00 32.98 ? 531 HOH A O   1 
HETATM 1350 O O   . HOH E 4 .   ? -3.088  -12.311 18.260  1.00 32.40 ? 532 HOH A O   1 
HETATM 1351 O O   . HOH E 4 .   ? 15.360  -4.007  9.652   1.00 38.95 ? 533 HOH A O   1 
HETATM 1352 O O   . HOH E 4 .   ? 10.469  13.512  10.337  1.00 37.74 ? 534 HOH A O   1 
HETATM 1353 O O   . HOH E 4 .   ? 13.676  -0.115  -14.157 1.00 34.62 ? 535 HOH A O   1 
HETATM 1354 O O   . HOH E 4 .   ? -17.629 -5.503  13.478  0.50 22.14 ? 536 HOH A O   1 
HETATM 1355 O O   . HOH E 4 .   ? 12.278  -4.175  -15.591 1.00 27.66 ? 537 HOH A O   1 
HETATM 1356 O O   . HOH E 4 .   ? 4.548   -10.827 -1.782  1.00 28.02 ? 538 HOH A O   1 
HETATM 1357 O O   . HOH E 4 .   ? -1.574  2.321   15.912  1.00 28.13 ? 539 HOH A O   1 
HETATM 1358 O O   . HOH E 4 .   ? 28.388  -0.671  -14.014 1.00 21.93 ? 540 HOH A O   1 
HETATM 1359 O O   . HOH E 4 .   ? -8.340  11.953  -7.118  1.00 47.67 ? 541 HOH A O   1 
HETATM 1360 O O   . HOH E 4 .   ? 18.722  0.521   -4.129  1.00 35.22 ? 542 HOH A O   1 
HETATM 1361 O O   . HOH E 4 .   ? -19.008 -7.906  11.991  0.50 36.90 ? 543 HOH A O   1 
HETATM 1362 O O   . HOH E 4 .   ? -16.960 1.033   11.429  1.00 26.69 ? 544 HOH A O   1 
HETATM 1363 O O   . HOH E 4 .   ? -7.966  2.422   16.713  1.00 29.89 ? 545 HOH A O   1 
HETATM 1364 O O   . HOH E 4 .   ? -10.601 10.827  9.227   1.00 26.54 ? 546 HOH A O   1 
HETATM 1365 O O   . HOH E 4 .   ? 0.204   9.827   -0.948  1.00 22.30 ? 547 HOH A O   1 
HETATM 1366 O O   . HOH E 4 .   ? -0.049  -10.756 -4.081  1.00 32.23 ? 548 HOH A O   1 
HETATM 1367 O O   . HOH E 4 .   ? 9.992   -9.964  8.413   1.00 43.00 ? 549 HOH A O   1 
HETATM 1368 O O   . HOH E 4 .   ? -29.293 4.329   6.705   1.00 44.62 ? 550 HOH A O   1 
HETATM 1369 O O   . HOH E 4 .   ? 9.998   9.584   13.971  1.00 33.26 ? 551 HOH A O   1 
HETATM 1370 O O   . HOH E 4 .   ? -14.008 -4.818  -4.985  1.00 47.00 ? 552 HOH A O   1 
HETATM 1371 O O   . HOH E 4 .   ? 0.408   -12.782 13.988  1.00 44.69 ? 553 HOH A O   1 
HETATM 1372 O O   . HOH E 4 .   ? -8.890  -13.378 7.149   1.00 42.40 ? 554 HOH A O   1 
HETATM 1373 O O   . HOH E 4 .   ? 3.312   13.298  0.109   1.00 36.31 ? 555 HOH A O   1 
HETATM 1374 O O   . HOH E 4 .   ? -17.648 4.659   18.787  1.00 35.74 ? 556 HOH A O   1 
HETATM 1375 O O   . HOH E 4 .   ? 6.947   -5.063  11.674  1.00 33.67 ? 557 HOH A O   1 
HETATM 1376 O O   . HOH E 4 .   ? 7.038   3.373   -14.726 1.00 42.58 ? 558 HOH A O   1 
HETATM 1377 O O   . HOH E 4 .   ? -9.674  8.111   9.201   1.00 20.76 ? 559 HOH A O   1 
HETATM 1378 O O   . HOH E 4 .   ? -9.130  -7.174  -4.518  1.00 38.18 ? 560 HOH A O   1 
HETATM 1379 O O   . HOH E 4 .   ? -2.884  20.458  -4.330  1.00 43.93 ? 561 HOH A O   1 
HETATM 1380 O O   . HOH E 4 .   ? 8.018   3.630   10.571  1.00 27.90 ? 562 HOH A O   1 
HETATM 1381 O O   . HOH E 4 .   ? -1.448  -15.433 4.746   1.00 47.03 ? 563 HOH A O   1 
HETATM 1382 O O   . HOH E 4 .   ? -16.963 2.708   9.476   1.00 36.21 ? 564 HOH A O   1 
HETATM 1383 O O   . HOH E 4 .   ? 13.434  -7.214  10.401  1.00 41.08 ? 565 HOH A O   1 
HETATM 1384 O O   . HOH E 4 .   ? -17.194 -10.502 11.741  1.00 33.35 ? 566 HOH A O   1 
HETATM 1385 O O   . HOH E 4 .   ? 1.506   -11.098 1.000   1.00 40.94 ? 567 HOH A O   1 
HETATM 1386 O O   . HOH E 4 .   ? 11.751  7.155   13.888  1.00 31.38 ? 568 HOH A O   1 
HETATM 1387 O O   . HOH E 4 .   ? -5.696  14.709  8.951   1.00 43.98 ? 569 HOH A O   1 
HETATM 1388 O O   . HOH E 4 .   ? 3.994   10.359  -5.975  1.00 44.29 ? 570 HOH A O   1 
HETATM 1389 O O   . HOH E 4 .   ? 1.858   6.331   -17.003 1.00 40.97 ? 571 HOH A O   1 
HETATM 1390 O O   . HOH E 4 .   ? 4.300   -6.985  -13.033 1.00 47.45 ? 572 HOH A O   1 
HETATM 1391 O O   . HOH E 4 .   ? 23.664  2.647   -13.982 1.00 35.79 ? 573 HOH A O   1 
HETATM 1392 O O   . HOH E 4 .   ? -8.078  -2.403  -4.072  1.00 28.79 ? 574 HOH A O   1 
HETATM 1393 O O   . HOH E 4 .   ? -5.460  -11.315 11.599  1.00 39.03 ? 575 HOH A O   1 
HETATM 1394 O O   . HOH E 4 .   ? 22.028  2.256   -11.982 1.00 30.75 ? 576 HOH A O   1 
HETATM 1395 O O   . HOH E 4 .   ? 15.641  -0.569  -12.334 1.00 29.51 ? 577 HOH A O   1 
HETATM 1396 O O   . HOH E 4 .   ? 2.723   -2.160  -17.678 1.00 49.67 ? 578 HOH A O   1 
HETATM 1397 O O   . HOH E 4 .   ? 0.578   -11.705 10.651  1.00 38.24 ? 579 HOH A O   1 
HETATM 1398 O O   . HOH E 4 .   ? 13.590  -1.256  -6.420  1.00 16.82 ? 580 HOH A O   1 
HETATM 1399 O O   . HOH E 4 .   ? 16.266  -10.167 4.123   0.50 37.84 ? 581 HOH A O   1 
HETATM 1400 O O   . HOH E 4 .   ? -8.781  -9.476  -2.846  1.00 43.76 ? 582 HOH A O   1 
HETATM 1401 O O   . HOH E 4 .   ? -14.490 9.766   5.124   1.00 37.38 ? 583 HOH A O   1 
HETATM 1402 O O   . HOH E 4 .   ? 6.303   -8.961  -12.805 1.00 37.60 ? 584 HOH A O   1 
HETATM 1403 O O   . HOH E 4 .   ? -13.234 3.389   6.387   1.00 18.48 ? 585 HOH A O   1 
HETATM 1404 O O   . HOH E 4 .   ? -3.384  -12.812 9.356   1.00 35.06 ? 586 HOH A O   1 
HETATM 1405 O O   . HOH E 4 .   ? 27.494  1.324   -15.317 1.00 28.15 ? 587 HOH A O   1 
HETATM 1406 O O   . HOH E 4 .   ? 6.215   13.052  -3.479  1.00 35.49 ? 588 HOH A O   1 
HETATM 1407 O O   . HOH E 4 .   ? -15.753 6.148   3.526   1.00 38.04 ? 589 HOH A O   1 
HETATM 1408 O O   . HOH E 4 .   ? -16.230 15.734  3.051   1.00 39.72 ? 590 HOH A O   1 
HETATM 1409 O O   . HOH E 4 .   ? 2.555   14.488  -2.103  1.00 40.80 ? 591 HOH A O   1 
HETATM 1410 O O   . HOH E 4 .   ? -0.690  13.437  0.620   1.00 37.59 ? 592 HOH A O   1 
HETATM 1411 O O   . HOH E 4 .   ? 21.051  -15.114 -6.525  1.00 51.47 ? 593 HOH A O   1 
HETATM 1412 O O   . HOH E 4 .   ? 10.525  -5.321  -17.257 1.00 40.66 ? 594 HOH A O   1 
HETATM 1413 O O   . HOH E 4 .   ? 2.297   -14.238 3.061   1.00 44.57 ? 595 HOH A O   1 
HETATM 1414 O O   . HOH E 4 .   ? -11.991 3.940   16.639  1.00 41.90 ? 596 HOH A O   1 
HETATM 1415 O O   . HOH E 4 .   ? -8.494  -9.764  -0.537  1.00 49.07 ? 597 HOH A O   1 
HETATM 1416 O O   . HOH E 4 .   ? -6.328  18.588  3.371   1.00 40.08 ? 598 HOH A O   1 
HETATM 1417 O O   . HOH E 4 .   ? 9.419   -9.961  -15.518 1.00 49.08 ? 599 HOH A O   1 
HETATM 1418 O O   . HOH E 4 .   ? -7.751  -3.898  -7.297  1.00 39.22 ? 600 HOH A O   1 
# 
